data_4CY9
# 
_entry.id   4CY9 
# 
_audit_conform.dict_name       mmcif_pdbx.dic 
_audit_conform.dict_version    5.391 
_audit_conform.dict_location   http://mmcif.pdb.org/dictionaries/ascii/mmcif_pdbx.dic 
# 
loop_
_database_2.database_id 
_database_2.database_code 
_database_2.pdbx_database_accession 
_database_2.pdbx_DOI 
PDB   4CY9         pdb_00004cy9 10.2210/pdb4cy9/pdb 
PDBE  EBI-60298    ?            ?                   
WWPDB D_1290060298 ?            ?                   
# 
loop_
_pdbx_audit_revision_history.ordinal 
_pdbx_audit_revision_history.data_content_type 
_pdbx_audit_revision_history.major_revision 
_pdbx_audit_revision_history.minor_revision 
_pdbx_audit_revision_history.revision_date 
1 'Structure model' 1 0 2014-06-25 
2 'Structure model' 1 1 2014-11-26 
3 'Structure model' 1 2 2024-05-08 
# 
_pdbx_audit_revision_details.ordinal             1 
_pdbx_audit_revision_details.revision_ordinal    1 
_pdbx_audit_revision_details.data_content_type   'Structure model' 
_pdbx_audit_revision_details.provider            repository 
_pdbx_audit_revision_details.type                'Initial release' 
_pdbx_audit_revision_details.description         ? 
_pdbx_audit_revision_details.details             ? 
# 
loop_
_pdbx_audit_revision_group.ordinal 
_pdbx_audit_revision_group.revision_ordinal 
_pdbx_audit_revision_group.data_content_type 
_pdbx_audit_revision_group.group 
1 2 'Structure model' 'Database references'  
2 3 'Structure model' 'Data collection'      
3 3 'Structure model' 'Database references'  
4 3 'Structure model' 'Derived calculations' 
5 3 'Structure model' Other                  
# 
loop_
_pdbx_audit_revision_category.ordinal 
_pdbx_audit_revision_category.revision_ordinal 
_pdbx_audit_revision_category.data_content_type 
_pdbx_audit_revision_category.category 
1 3 'Structure model' chem_comp_atom       
2 3 'Structure model' chem_comp_bond       
3 3 'Structure model' database_2           
4 3 'Structure model' pdbx_database_status 
5 3 'Structure model' struct_site          
# 
loop_
_pdbx_audit_revision_item.ordinal 
_pdbx_audit_revision_item.revision_ordinal 
_pdbx_audit_revision_item.data_content_type 
_pdbx_audit_revision_item.item 
1 3 'Structure model' '_database_2.pdbx_DOI'                 
2 3 'Structure model' '_database_2.pdbx_database_accession'  
3 3 'Structure model' '_pdbx_database_status.status_code_sf' 
4 3 'Structure model' '_struct_site.pdbx_auth_asym_id'       
5 3 'Structure model' '_struct_site.pdbx_auth_comp_id'       
6 3 'Structure model' '_struct_site.pdbx_auth_seq_id'        
# 
_database_PDB_caveat.id     1 
_database_PDB_caveat.text   'THR A 119  C-BETA HAS INCORRECT CHIRALITY' 
# 
_pdbx_database_status.status_code                     REL 
_pdbx_database_status.entry_id                        4CY9 
_pdbx_database_status.deposit_site                    PDBE 
_pdbx_database_status.process_site                    PDBE 
_pdbx_database_status.SG_entry                        . 
_pdbx_database_status.recvd_initial_deposition_date   2014-04-10 
_pdbx_database_status.pdb_format_compatible           Y 
_pdbx_database_status.status_code_sf                  REL 
_pdbx_database_status.status_code_mr                  ? 
_pdbx_database_status.status_code_cs                  ? 
_pdbx_database_status.methods_development_category    ? 
_pdbx_database_status.status_code_nmr_data            ? 
# 
loop_
_pdbx_database_related.db_name 
_pdbx_database_related.db_id 
_pdbx_database_related.content_type 
_pdbx_database_related.details 
PDB 4CYA unspecified 'DPSA15 FROM STREPTOMYCES COELICOLOR' 
PDB 4CYB unspecified 'DPSC FROM STREPTOMYCES COELICOLOR'   
# 
loop_
_audit_author.name 
_audit_author.pdbx_ordinal 
'Townsend, P.D.'  1 
'Hitchings, M.D.' 2 
'Del Sol, R.'     3 
'Pohl, E.'        4 
# 
_citation.id                        primary 
_citation.title                     
;A Tale of Tails: Deciphering the Contribution of Terminal Tails to the Biochemical Properties of Two Dps Proteins from Streptomyces Coelicolor
;
_citation.journal_abbrev            'Cell.Mol.Life Sci.' 
_citation.journal_volume            71 
_citation.page_first                4911 
_citation.page_last                 ? 
_citation.year                      2014 
_citation.journal_id_ASTM           ? 
_citation.country                   SZ 
_citation.journal_id_ISSN           1420-682X 
_citation.journal_id_CSD            ? 
_citation.book_publisher            ? 
_citation.pdbx_database_id_PubMed   24915944 
_citation.pdbx_database_id_DOI      10.1007/S00018-014-1658-4 
# 
loop_
_citation_author.citation_id 
_citation_author.name 
_citation_author.ordinal 
_citation_author.identifier_ORCID 
primary 'Hitchings, M.D.' 1 ? 
primary 'Townsend, P.D.'  2 ? 
primary 'Pohl, E.'        3 ? 
primary 'Facey, P.D.'     4 ? 
primary 'Jones, D.H.'     5 ? 
primary 'Dyson, P.J.'     6 ? 
primary 'Del Sol, R.'     7 ? 
# 
loop_
_entity.id 
_entity.type 
_entity.src_method 
_entity.pdbx_description 
_entity.formula_weight 
_entity.pdbx_number_of_molecules 
_entity.pdbx_ec 
_entity.pdbx_mutation 
_entity.pdbx_fragment 
_entity.details 
1 polymer     man DPSA     18217.682 1   ? ? 'RESIDUES 4-170' ? 
2 non-polymer syn GLYCEROL 92.094    3   ? ? ?                ? 
3 water       nat water    18.015    197 ? ? ?                ? 
# 
_entity_name_com.entity_id   1 
_entity_name_com.name        DPSA14 
# 
_entity_poly.entity_id                      1 
_entity_poly.type                           'polypeptide(L)' 
_entity_poly.nstd_linkage                   no 
_entity_poly.nstd_monomer                   no 
_entity_poly.pdbx_seq_one_letter_code       
;ADLTPKYTVPGIEREAAGRLIGVLRLRLHALNDLHLTLKHVHWNVVGPHFIAVHEMIDPQVDQVRDMADDVAERIAALGG
VAQGTPGALVAERKWDDYSIGRADAIAHLGALDVVYTGVVEGMRAAVEEAGKIDPATEDLLIGQLRDLEQFQWFVRAHLE
SAGGALAT
;
_entity_poly.pdbx_seq_one_letter_code_can   
;ADLTPKYTVPGIEREAAGRLIGVLRLRLHALNDLHLTLKHVHWNVVGPHFIAVHEMIDPQVDQVRDMADDVAERIAALGG
VAQGTPGALVAERKWDDYSIGRADAIAHLGALDVVYTGVVEGMRAAVEEAGKIDPATEDLLIGQLRDLEQFQWFVRAHLE
SAGGALAT
;
_entity_poly.pdbx_strand_id                 A 
_entity_poly.pdbx_target_identifier         ? 
# 
loop_
_pdbx_entity_nonpoly.entity_id 
_pdbx_entity_nonpoly.name 
_pdbx_entity_nonpoly.comp_id 
2 GLYCEROL GOL 
3 water    HOH 
# 
loop_
_entity_poly_seq.entity_id 
_entity_poly_seq.num 
_entity_poly_seq.mon_id 
_entity_poly_seq.hetero 
1 1   ALA n 
1 2   ASP n 
1 3   LEU n 
1 4   THR n 
1 5   PRO n 
1 6   LYS n 
1 7   TYR n 
1 8   THR n 
1 9   VAL n 
1 10  PRO n 
1 11  GLY n 
1 12  ILE n 
1 13  GLU n 
1 14  ARG n 
1 15  GLU n 
1 16  ALA n 
1 17  ALA n 
1 18  GLY n 
1 19  ARG n 
1 20  LEU n 
1 21  ILE n 
1 22  GLY n 
1 23  VAL n 
1 24  LEU n 
1 25  ARG n 
1 26  LEU n 
1 27  ARG n 
1 28  LEU n 
1 29  HIS n 
1 30  ALA n 
1 31  LEU n 
1 32  ASN n 
1 33  ASP n 
1 34  LEU n 
1 35  HIS n 
1 36  LEU n 
1 37  THR n 
1 38  LEU n 
1 39  LYS n 
1 40  HIS n 
1 41  VAL n 
1 42  HIS n 
1 43  TRP n 
1 44  ASN n 
1 45  VAL n 
1 46  VAL n 
1 47  GLY n 
1 48  PRO n 
1 49  HIS n 
1 50  PHE n 
1 51  ILE n 
1 52  ALA n 
1 53  VAL n 
1 54  HIS n 
1 55  GLU n 
1 56  MET n 
1 57  ILE n 
1 58  ASP n 
1 59  PRO n 
1 60  GLN n 
1 61  VAL n 
1 62  ASP n 
1 63  GLN n 
1 64  VAL n 
1 65  ARG n 
1 66  ASP n 
1 67  MET n 
1 68  ALA n 
1 69  ASP n 
1 70  ASP n 
1 71  VAL n 
1 72  ALA n 
1 73  GLU n 
1 74  ARG n 
1 75  ILE n 
1 76  ALA n 
1 77  ALA n 
1 78  LEU n 
1 79  GLY n 
1 80  GLY n 
1 81  VAL n 
1 82  ALA n 
1 83  GLN n 
1 84  GLY n 
1 85  THR n 
1 86  PRO n 
1 87  GLY n 
1 88  ALA n 
1 89  LEU n 
1 90  VAL n 
1 91  ALA n 
1 92  GLU n 
1 93  ARG n 
1 94  LYS n 
1 95  TRP n 
1 96  ASP n 
1 97  ASP n 
1 98  TYR n 
1 99  SER n 
1 100 ILE n 
1 101 GLY n 
1 102 ARG n 
1 103 ALA n 
1 104 ASP n 
1 105 ALA n 
1 106 ILE n 
1 107 ALA n 
1 108 HIS n 
1 109 LEU n 
1 110 GLY n 
1 111 ALA n 
1 112 LEU n 
1 113 ASP n 
1 114 VAL n 
1 115 VAL n 
1 116 TYR n 
1 117 THR n 
1 118 GLY n 
1 119 VAL n 
1 120 VAL n 
1 121 GLU n 
1 122 GLY n 
1 123 MET n 
1 124 ARG n 
1 125 ALA n 
1 126 ALA n 
1 127 VAL n 
1 128 GLU n 
1 129 GLU n 
1 130 ALA n 
1 131 GLY n 
1 132 LYS n 
1 133 ILE n 
1 134 ASP n 
1 135 PRO n 
1 136 ALA n 
1 137 THR n 
1 138 GLU n 
1 139 ASP n 
1 140 LEU n 
1 141 LEU n 
1 142 ILE n 
1 143 GLY n 
1 144 GLN n 
1 145 LEU n 
1 146 ARG n 
1 147 ASP n 
1 148 LEU n 
1 149 GLU n 
1 150 GLN n 
1 151 PHE n 
1 152 GLN n 
1 153 TRP n 
1 154 PHE n 
1 155 VAL n 
1 156 ARG n 
1 157 ALA n 
1 158 HIS n 
1 159 LEU n 
1 160 GLU n 
1 161 SER n 
1 162 ALA n 
1 163 GLY n 
1 164 GLY n 
1 165 ALA n 
1 166 LEU n 
1 167 ALA n 
1 168 THR n 
# 
_entity_src_gen.entity_id                          1 
_entity_src_gen.pdbx_src_id                        1 
_entity_src_gen.pdbx_alt_source_flag               sample 
_entity_src_gen.pdbx_seq_type                      ? 
_entity_src_gen.pdbx_beg_seq_num                   ? 
_entity_src_gen.pdbx_end_seq_num                   ? 
_entity_src_gen.gene_src_common_name               ? 
_entity_src_gen.gene_src_genus                     ? 
_entity_src_gen.pdbx_gene_src_gene                 ? 
_entity_src_gen.gene_src_species                   ? 
_entity_src_gen.gene_src_strain                    ? 
_entity_src_gen.gene_src_tissue                    ? 
_entity_src_gen.gene_src_tissue_fraction           ? 
_entity_src_gen.gene_src_details                   ? 
_entity_src_gen.pdbx_gene_src_fragment             ? 
_entity_src_gen.pdbx_gene_src_scientific_name      'STREPTOMYCES COELICOLOR' 
_entity_src_gen.pdbx_gene_src_ncbi_taxonomy_id     1902 
_entity_src_gen.pdbx_gene_src_variant              ? 
_entity_src_gen.pdbx_gene_src_cell_line            ? 
_entity_src_gen.pdbx_gene_src_atcc                 ? 
_entity_src_gen.pdbx_gene_src_organ                ? 
_entity_src_gen.pdbx_gene_src_organelle            ? 
_entity_src_gen.pdbx_gene_src_cell                 ? 
_entity_src_gen.pdbx_gene_src_cellular_location    ? 
_entity_src_gen.host_org_common_name               ? 
_entity_src_gen.pdbx_host_org_scientific_name      'ESCHERICHIA COLI' 
_entity_src_gen.pdbx_host_org_ncbi_taxonomy_id     511693 
_entity_src_gen.host_org_genus                     ? 
_entity_src_gen.pdbx_host_org_gene                 ? 
_entity_src_gen.pdbx_host_org_organ                ? 
_entity_src_gen.host_org_species                   ? 
_entity_src_gen.pdbx_host_org_tissue               ? 
_entity_src_gen.pdbx_host_org_tissue_fraction      ? 
_entity_src_gen.pdbx_host_org_strain               BL21 
_entity_src_gen.pdbx_host_org_variant              ? 
_entity_src_gen.pdbx_host_org_cell_line            ? 
_entity_src_gen.pdbx_host_org_atcc                 ? 
_entity_src_gen.pdbx_host_org_culture_collection   ? 
_entity_src_gen.pdbx_host_org_cell                 ? 
_entity_src_gen.pdbx_host_org_organelle            ? 
_entity_src_gen.pdbx_host_org_cellular_location    ? 
_entity_src_gen.pdbx_host_org_vector_type          ? 
_entity_src_gen.pdbx_host_org_vector               ? 
_entity_src_gen.host_org_details                   ? 
_entity_src_gen.expression_system_id               ? 
_entity_src_gen.plasmid_name                       ? 
_entity_src_gen.plasmid_details                    ? 
_entity_src_gen.pdbx_description                   ? 
# 
loop_
_chem_comp.id 
_chem_comp.type 
_chem_comp.mon_nstd_flag 
_chem_comp.name 
_chem_comp.pdbx_synonyms 
_chem_comp.formula 
_chem_comp.formula_weight 
ALA 'L-peptide linking' y ALANINE         ?                               'C3 H7 N O2'     89.093  
ARG 'L-peptide linking' y ARGININE        ?                               'C6 H15 N4 O2 1' 175.209 
ASN 'L-peptide linking' y ASPARAGINE      ?                               'C4 H8 N2 O3'    132.118 
ASP 'L-peptide linking' y 'ASPARTIC ACID' ?                               'C4 H7 N O4'     133.103 
GLN 'L-peptide linking' y GLUTAMINE       ?                               'C5 H10 N2 O3'   146.144 
GLU 'L-peptide linking' y 'GLUTAMIC ACID' ?                               'C5 H9 N O4'     147.129 
GLY 'peptide linking'   y GLYCINE         ?                               'C2 H5 N O2'     75.067  
GOL non-polymer         . GLYCEROL        'GLYCERIN; PROPANE-1,2,3-TRIOL' 'C3 H8 O3'       92.094  
HIS 'L-peptide linking' y HISTIDINE       ?                               'C6 H10 N3 O2 1' 156.162 
HOH non-polymer         . WATER           ?                               'H2 O'           18.015  
ILE 'L-peptide linking' y ISOLEUCINE      ?                               'C6 H13 N O2'    131.173 
LEU 'L-peptide linking' y LEUCINE         ?                               'C6 H13 N O2'    131.173 
LYS 'L-peptide linking' y LYSINE          ?                               'C6 H15 N2 O2 1' 147.195 
MET 'L-peptide linking' y METHIONINE      ?                               'C5 H11 N O2 S'  149.211 
PHE 'L-peptide linking' y PHENYLALANINE   ?                               'C9 H11 N O2'    165.189 
PRO 'L-peptide linking' y PROLINE         ?                               'C5 H9 N O2'     115.130 
SER 'L-peptide linking' y SERINE          ?                               'C3 H7 N O3'     105.093 
THR 'L-peptide linking' y THREONINE       ?                               'C4 H9 N O3'     119.119 
TRP 'L-peptide linking' y TRYPTOPHAN      ?                               'C11 H12 N2 O2'  204.225 
TYR 'L-peptide linking' y TYROSINE        ?                               'C9 H11 N O3'    181.189 
VAL 'L-peptide linking' y VALINE          ?                               'C5 H11 N O2'    117.146 
# 
loop_
_pdbx_poly_seq_scheme.asym_id 
_pdbx_poly_seq_scheme.entity_id 
_pdbx_poly_seq_scheme.seq_id 
_pdbx_poly_seq_scheme.mon_id 
_pdbx_poly_seq_scheme.ndb_seq_num 
_pdbx_poly_seq_scheme.pdb_seq_num 
_pdbx_poly_seq_scheme.auth_seq_num 
_pdbx_poly_seq_scheme.pdb_mon_id 
_pdbx_poly_seq_scheme.auth_mon_id 
_pdbx_poly_seq_scheme.pdb_strand_id 
_pdbx_poly_seq_scheme.pdb_ins_code 
_pdbx_poly_seq_scheme.hetero 
A 1 1   ALA 1   3   3   ALA ALA A . n 
A 1 2   ASP 2   4   4   ASP ASP A . n 
A 1 3   LEU 3   5   5   LEU LEU A . n 
A 1 4   THR 4   6   6   THR THR A . n 
A 1 5   PRO 5   7   7   PRO PRO A . n 
A 1 6   LYS 6   8   8   LYS LYS A . n 
A 1 7   TYR 7   9   9   TYR TYR A . n 
A 1 8   THR 8   10  10  THR THR A . n 
A 1 9   VAL 9   11  11  VAL VAL A . n 
A 1 10  PRO 10  12  12  PRO PRO A . n 
A 1 11  GLY 11  13  13  GLY GLY A . n 
A 1 12  ILE 12  14  14  ILE ILE A . n 
A 1 13  GLU 13  15  15  GLU GLU A . n 
A 1 14  ARG 14  16  16  ARG ARG A . n 
A 1 15  GLU 15  17  17  GLU GLU A . n 
A 1 16  ALA 16  18  18  ALA ALA A . n 
A 1 17  ALA 17  19  19  ALA ALA A . n 
A 1 18  GLY 18  20  20  GLY GLY A . n 
A 1 19  ARG 19  21  21  ARG ARG A . n 
A 1 20  LEU 20  22  22  LEU LEU A . n 
A 1 21  ILE 21  23  23  ILE ILE A . n 
A 1 22  GLY 22  24  24  GLY GLY A . n 
A 1 23  VAL 23  25  25  VAL VAL A . n 
A 1 24  LEU 24  26  26  LEU LEU A . n 
A 1 25  ARG 25  27  27  ARG ARG A . n 
A 1 26  LEU 26  28  28  LEU LEU A . n 
A 1 27  ARG 27  29  29  ARG ARG A . n 
A 1 28  LEU 28  30  30  LEU LEU A . n 
A 1 29  HIS 29  31  31  HIS HIS A . n 
A 1 30  ALA 30  32  32  ALA ALA A . n 
A 1 31  LEU 31  33  33  LEU LEU A . n 
A 1 32  ASN 32  34  34  ASN ASN A . n 
A 1 33  ASP 33  35  35  ASP ASP A . n 
A 1 34  LEU 34  36  36  LEU LEU A . n 
A 1 35  HIS 35  37  37  HIS HIS A . n 
A 1 36  LEU 36  38  38  LEU LEU A . n 
A 1 37  THR 37  39  39  THR THR A . n 
A 1 38  LEU 38  40  40  LEU LEU A . n 
A 1 39  LYS 39  41  41  LYS LYS A . n 
A 1 40  HIS 40  42  42  HIS HIS A . n 
A 1 41  VAL 41  43  43  VAL VAL A . n 
A 1 42  HIS 42  44  44  HIS HIS A . n 
A 1 43  TRP 43  45  45  TRP TRP A . n 
A 1 44  ASN 44  46  46  ASN ASN A . n 
A 1 45  VAL 45  47  47  VAL VAL A . n 
A 1 46  VAL 46  48  48  VAL VAL A . n 
A 1 47  GLY 47  49  49  GLY GLY A . n 
A 1 48  PRO 48  50  50  PRO PRO A . n 
A 1 49  HIS 49  51  51  HIS HIS A . n 
A 1 50  PHE 50  52  52  PHE PHE A . n 
A 1 51  ILE 51  53  53  ILE ILE A . n 
A 1 52  ALA 52  54  54  ALA ALA A . n 
A 1 53  VAL 53  55  55  VAL VAL A . n 
A 1 54  HIS 54  56  56  HIS HIS A . n 
A 1 55  GLU 55  57  57  GLU GLU A . n 
A 1 56  MET 56  58  58  MET MET A . n 
A 1 57  ILE 57  59  59  ILE ILE A . n 
A 1 58  ASP 58  60  60  ASP ASP A . n 
A 1 59  PRO 59  61  61  PRO PRO A . n 
A 1 60  GLN 60  62  62  GLN GLN A . n 
A 1 61  VAL 61  63  63  VAL VAL A . n 
A 1 62  ASP 62  64  64  ASP ASP A . n 
A 1 63  GLN 63  65  65  GLN GLN A . n 
A 1 64  VAL 64  66  66  VAL VAL A . n 
A 1 65  ARG 65  67  67  ARG ARG A . n 
A 1 66  ASP 66  68  68  ASP ASP A . n 
A 1 67  MET 67  69  69  MET MET A . n 
A 1 68  ALA 68  70  70  ALA ALA A . n 
A 1 69  ASP 69  71  71  ASP ASP A . n 
A 1 70  ASP 70  72  72  ASP ASP A . n 
A 1 71  VAL 71  73  73  VAL VAL A . n 
A 1 72  ALA 72  74  74  ALA ALA A . n 
A 1 73  GLU 73  75  75  GLU GLU A . n 
A 1 74  ARG 74  76  76  ARG ARG A . n 
A 1 75  ILE 75  77  77  ILE ILE A . n 
A 1 76  ALA 76  78  78  ALA ALA A . n 
A 1 77  ALA 77  79  79  ALA ALA A . n 
A 1 78  LEU 78  80  80  LEU LEU A . n 
A 1 79  GLY 79  81  81  GLY GLY A . n 
A 1 80  GLY 80  82  82  GLY GLY A . n 
A 1 81  VAL 81  83  83  VAL VAL A . n 
A 1 82  ALA 82  84  84  ALA ALA A . n 
A 1 83  GLN 83  85  85  GLN GLN A . n 
A 1 84  GLY 84  86  86  GLY GLY A . n 
A 1 85  THR 85  87  87  THR THR A . n 
A 1 86  PRO 86  88  88  PRO PRO A . n 
A 1 87  GLY 87  89  89  GLY GLY A . n 
A 1 88  ALA 88  90  90  ALA ALA A . n 
A 1 89  LEU 89  91  91  LEU LEU A . n 
A 1 90  VAL 90  92  92  VAL VAL A . n 
A 1 91  ALA 91  93  93  ALA ALA A . n 
A 1 92  GLU 92  94  94  GLU GLU A . n 
A 1 93  ARG 93  95  95  ARG ARG A . n 
A 1 94  LYS 94  96  96  LYS LYS A . n 
A 1 95  TRP 95  97  97  TRP TRP A . n 
A 1 96  ASP 96  98  98  ASP ASP A . n 
A 1 97  ASP 97  99  99  ASP ASP A . n 
A 1 98  TYR 98  100 100 TYR TYR A . n 
A 1 99  SER 99  101 101 SER SER A . n 
A 1 100 ILE 100 102 102 ILE ILE A . n 
A 1 101 GLY 101 103 103 GLY GLY A . n 
A 1 102 ARG 102 104 104 ARG ARG A . n 
A 1 103 ALA 103 105 105 ALA ALA A . n 
A 1 104 ASP 104 106 106 ASP ASP A . n 
A 1 105 ALA 105 107 107 ALA ALA A . n 
A 1 106 ILE 106 108 108 ILE ILE A . n 
A 1 107 ALA 107 109 109 ALA ALA A . n 
A 1 108 HIS 108 110 110 HIS HIS A . n 
A 1 109 LEU 109 111 111 LEU LEU A . n 
A 1 110 GLY 110 112 112 GLY GLY A . n 
A 1 111 ALA 111 113 113 ALA ALA A . n 
A 1 112 LEU 112 114 114 LEU LEU A . n 
A 1 113 ASP 113 115 115 ASP ASP A . n 
A 1 114 VAL 114 116 116 VAL VAL A . n 
A 1 115 VAL 115 117 117 VAL VAL A . n 
A 1 116 TYR 116 118 118 TYR TYR A . n 
A 1 117 THR 117 119 119 THR THR A . n 
A 1 118 GLY 118 120 120 GLY GLY A . n 
A 1 119 VAL 119 121 121 VAL VAL A . n 
A 1 120 VAL 120 122 122 VAL VAL A . n 
A 1 121 GLU 121 123 123 GLU GLU A . n 
A 1 122 GLY 122 124 124 GLY GLY A . n 
A 1 123 MET 123 125 125 MET MET A . n 
A 1 124 ARG 124 126 126 ARG ARG A . n 
A 1 125 ALA 125 127 127 ALA ALA A . n 
A 1 126 ALA 126 128 128 ALA ALA A . n 
A 1 127 VAL 127 129 129 VAL VAL A . n 
A 1 128 GLU 128 130 130 GLU GLU A . n 
A 1 129 GLU 129 131 131 GLU GLU A . n 
A 1 130 ALA 130 132 132 ALA ALA A . n 
A 1 131 GLY 131 133 133 GLY GLY A . n 
A 1 132 LYS 132 134 134 LYS LYS A . n 
A 1 133 ILE 133 135 135 ILE ILE A . n 
A 1 134 ASP 134 136 136 ASP ASP A . n 
A 1 135 PRO 135 137 137 PRO PRO A . n 
A 1 136 ALA 136 138 138 ALA ALA A . n 
A 1 137 THR 137 139 139 THR THR A . n 
A 1 138 GLU 138 140 140 GLU GLU A . n 
A 1 139 ASP 139 141 141 ASP ASP A . n 
A 1 140 LEU 140 142 142 LEU LEU A . n 
A 1 141 LEU 141 143 143 LEU LEU A . n 
A 1 142 ILE 142 144 144 ILE ILE A . n 
A 1 143 GLY 143 145 145 GLY GLY A . n 
A 1 144 GLN 144 146 146 GLN GLN A . n 
A 1 145 LEU 145 147 147 LEU LEU A . n 
A 1 146 ARG 146 148 148 ARG ARG A . n 
A 1 147 ASP 147 149 149 ASP ASP A . n 
A 1 148 LEU 148 150 150 LEU LEU A . n 
A 1 149 GLU 149 151 151 GLU GLU A . n 
A 1 150 GLN 150 152 152 GLN GLN A . n 
A 1 151 PHE 151 153 153 PHE PHE A . n 
A 1 152 GLN 152 154 154 GLN GLN A . n 
A 1 153 TRP 153 155 155 TRP TRP A . n 
A 1 154 PHE 154 156 156 PHE PHE A . n 
A 1 155 VAL 155 157 157 VAL VAL A . n 
A 1 156 ARG 156 158 158 ARG ARG A . n 
A 1 157 ALA 157 159 159 ALA ALA A . n 
A 1 158 HIS 158 160 160 HIS HIS A . n 
A 1 159 LEU 159 161 161 LEU LEU A . n 
A 1 160 GLU 160 162 162 GLU GLU A . n 
A 1 161 SER 161 163 163 SER SER A . n 
A 1 162 ALA 162 164 164 ALA ALA A . n 
A 1 163 GLY 163 165 165 GLY GLY A . n 
A 1 164 GLY 164 166 166 GLY GLY A . n 
A 1 165 ALA 165 167 167 ALA ALA A . n 
A 1 166 LEU 166 168 168 LEU LEU A . n 
A 1 167 ALA 167 169 169 ALA ALA A . n 
A 1 168 THR 168 170 170 THR THR A . n 
# 
loop_
_pdbx_nonpoly_scheme.asym_id 
_pdbx_nonpoly_scheme.entity_id 
_pdbx_nonpoly_scheme.mon_id 
_pdbx_nonpoly_scheme.ndb_seq_num 
_pdbx_nonpoly_scheme.pdb_seq_num 
_pdbx_nonpoly_scheme.auth_seq_num 
_pdbx_nonpoly_scheme.pdb_mon_id 
_pdbx_nonpoly_scheme.auth_mon_id 
_pdbx_nonpoly_scheme.pdb_strand_id 
_pdbx_nonpoly_scheme.pdb_ins_code 
B 2 GOL 1   1171 1171 GOL GOL A . 
C 2 GOL 1   1172 1172 GOL GOL A . 
D 2 GOL 1   1173 1173 GOL GOL A . 
E 3 HOH 1   2001 2001 HOH HOH A . 
E 3 HOH 2   2002 2002 HOH HOH A . 
E 3 HOH 3   2003 2003 HOH HOH A . 
E 3 HOH 4   2004 2004 HOH HOH A . 
E 3 HOH 5   2005 2005 HOH HOH A . 
E 3 HOH 6   2006 2006 HOH HOH A . 
E 3 HOH 7   2007 2007 HOH HOH A . 
E 3 HOH 8   2008 2008 HOH HOH A . 
E 3 HOH 9   2009 2009 HOH HOH A . 
E 3 HOH 10  2010 2010 HOH HOH A . 
E 3 HOH 11  2011 2011 HOH HOH A . 
E 3 HOH 12  2012 2012 HOH HOH A . 
E 3 HOH 13  2013 2013 HOH HOH A . 
E 3 HOH 14  2014 2014 HOH HOH A . 
E 3 HOH 15  2015 2015 HOH HOH A . 
E 3 HOH 16  2016 2016 HOH HOH A . 
E 3 HOH 17  2017 2017 HOH HOH A . 
E 3 HOH 18  2018 2018 HOH HOH A . 
E 3 HOH 19  2019 2019 HOH HOH A . 
E 3 HOH 20  2020 2020 HOH HOH A . 
E 3 HOH 21  2021 2021 HOH HOH A . 
E 3 HOH 22  2022 2022 HOH HOH A . 
E 3 HOH 23  2023 2023 HOH HOH A . 
E 3 HOH 24  2024 2024 HOH HOH A . 
E 3 HOH 25  2025 2025 HOH HOH A . 
E 3 HOH 26  2026 2026 HOH HOH A . 
E 3 HOH 27  2027 2027 HOH HOH A . 
E 3 HOH 28  2028 2028 HOH HOH A . 
E 3 HOH 29  2029 2029 HOH HOH A . 
E 3 HOH 30  2030 2030 HOH HOH A . 
E 3 HOH 31  2031 2031 HOH HOH A . 
E 3 HOH 32  2032 2032 HOH HOH A . 
E 3 HOH 33  2033 2033 HOH HOH A . 
E 3 HOH 34  2034 2034 HOH HOH A . 
E 3 HOH 35  2035 2035 HOH HOH A . 
E 3 HOH 36  2036 2036 HOH HOH A . 
E 3 HOH 37  2037 2037 HOH HOH A . 
E 3 HOH 38  2038 2038 HOH HOH A . 
E 3 HOH 39  2039 2039 HOH HOH A . 
E 3 HOH 40  2040 2040 HOH HOH A . 
E 3 HOH 41  2041 2041 HOH HOH A . 
E 3 HOH 42  2042 2042 HOH HOH A . 
E 3 HOH 43  2043 2043 HOH HOH A . 
E 3 HOH 44  2044 2044 HOH HOH A . 
E 3 HOH 45  2045 2045 HOH HOH A . 
E 3 HOH 46  2046 2046 HOH HOH A . 
E 3 HOH 47  2047 2047 HOH HOH A . 
E 3 HOH 48  2048 2048 HOH HOH A . 
E 3 HOH 49  2049 2049 HOH HOH A . 
E 3 HOH 50  2050 2050 HOH HOH A . 
E 3 HOH 51  2051 2051 HOH HOH A . 
E 3 HOH 52  2052 2052 HOH HOH A . 
E 3 HOH 53  2053 2053 HOH HOH A . 
E 3 HOH 54  2054 2054 HOH HOH A . 
E 3 HOH 55  2055 2055 HOH HOH A . 
E 3 HOH 56  2056 2056 HOH HOH A . 
E 3 HOH 57  2057 2057 HOH HOH A . 
E 3 HOH 58  2058 2058 HOH HOH A . 
E 3 HOH 59  2059 2059 HOH HOH A . 
E 3 HOH 60  2060 2060 HOH HOH A . 
E 3 HOH 61  2061 2061 HOH HOH A . 
E 3 HOH 62  2062 2062 HOH HOH A . 
E 3 HOH 63  2063 2063 HOH HOH A . 
E 3 HOH 64  2064 2064 HOH HOH A . 
E 3 HOH 65  2065 2065 HOH HOH A . 
E 3 HOH 66  2066 2066 HOH HOH A . 
E 3 HOH 67  2067 2067 HOH HOH A . 
E 3 HOH 68  2068 2068 HOH HOH A . 
E 3 HOH 69  2069 2069 HOH HOH A . 
E 3 HOH 70  2070 2070 HOH HOH A . 
E 3 HOH 71  2071 2071 HOH HOH A . 
E 3 HOH 72  2072 2072 HOH HOH A . 
E 3 HOH 73  2073 2073 HOH HOH A . 
E 3 HOH 74  2074 2074 HOH HOH A . 
E 3 HOH 75  2075 2075 HOH HOH A . 
E 3 HOH 76  2076 2076 HOH HOH A . 
E 3 HOH 77  2077 2077 HOH HOH A . 
E 3 HOH 78  2078 2078 HOH HOH A . 
E 3 HOH 79  2079 2079 HOH HOH A . 
E 3 HOH 80  2080 2080 HOH HOH A . 
E 3 HOH 81  2081 2081 HOH HOH A . 
E 3 HOH 82  2082 2082 HOH HOH A . 
E 3 HOH 83  2083 2083 HOH HOH A . 
E 3 HOH 84  2084 2084 HOH HOH A . 
E 3 HOH 85  2085 2085 HOH HOH A . 
E 3 HOH 86  2086 2086 HOH HOH A . 
E 3 HOH 87  2087 2087 HOH HOH A . 
E 3 HOH 88  2088 2088 HOH HOH A . 
E 3 HOH 89  2089 2089 HOH HOH A . 
E 3 HOH 90  2090 2090 HOH HOH A . 
E 3 HOH 91  2091 2091 HOH HOH A . 
E 3 HOH 92  2092 2092 HOH HOH A . 
E 3 HOH 93  2093 2093 HOH HOH A . 
E 3 HOH 94  2094 2094 HOH HOH A . 
E 3 HOH 95  2095 2095 HOH HOH A . 
E 3 HOH 96  2096 2096 HOH HOH A . 
E 3 HOH 97  2097 2097 HOH HOH A . 
E 3 HOH 98  2098 2098 HOH HOH A . 
E 3 HOH 99  2099 2099 HOH HOH A . 
E 3 HOH 100 2100 2100 HOH HOH A . 
E 3 HOH 101 2101 2101 HOH HOH A . 
E 3 HOH 102 2102 2102 HOH HOH A . 
E 3 HOH 103 2103 2103 HOH HOH A . 
E 3 HOH 104 2104 2104 HOH HOH A . 
E 3 HOH 105 2105 2105 HOH HOH A . 
E 3 HOH 106 2106 2106 HOH HOH A . 
E 3 HOH 107 2107 2107 HOH HOH A . 
E 3 HOH 108 2108 2108 HOH HOH A . 
E 3 HOH 109 2109 2109 HOH HOH A . 
E 3 HOH 110 2110 2110 HOH HOH A . 
E 3 HOH 111 2111 2111 HOH HOH A . 
E 3 HOH 112 2112 2112 HOH HOH A . 
E 3 HOH 113 2113 2113 HOH HOH A . 
E 3 HOH 114 2114 2114 HOH HOH A . 
E 3 HOH 115 2115 2115 HOH HOH A . 
E 3 HOH 116 2116 2116 HOH HOH A . 
E 3 HOH 117 2117 2117 HOH HOH A . 
E 3 HOH 118 2118 2118 HOH HOH A . 
E 3 HOH 119 2119 2119 HOH HOH A . 
E 3 HOH 120 2120 2120 HOH HOH A . 
E 3 HOH 121 2121 2121 HOH HOH A . 
E 3 HOH 122 2122 2122 HOH HOH A . 
E 3 HOH 123 2123 2123 HOH HOH A . 
E 3 HOH 124 2124 2124 HOH HOH A . 
E 3 HOH 125 2125 2125 HOH HOH A . 
E 3 HOH 126 2126 2126 HOH HOH A . 
E 3 HOH 127 2127 2127 HOH HOH A . 
E 3 HOH 128 2128 2128 HOH HOH A . 
E 3 HOH 129 2129 2129 HOH HOH A . 
E 3 HOH 130 2130 2130 HOH HOH A . 
E 3 HOH 131 2131 2131 HOH HOH A . 
E 3 HOH 132 2132 2132 HOH HOH A . 
E 3 HOH 133 2133 2133 HOH HOH A . 
E 3 HOH 134 2134 2134 HOH HOH A . 
E 3 HOH 135 2135 2135 HOH HOH A . 
E 3 HOH 136 2136 2136 HOH HOH A . 
E 3 HOH 137 2137 2137 HOH HOH A . 
E 3 HOH 138 2138 2138 HOH HOH A . 
E 3 HOH 139 2139 2139 HOH HOH A . 
E 3 HOH 140 2140 2140 HOH HOH A . 
E 3 HOH 141 2141 2141 HOH HOH A . 
E 3 HOH 142 2142 2142 HOH HOH A . 
E 3 HOH 143 2143 2143 HOH HOH A . 
E 3 HOH 144 2144 2144 HOH HOH A . 
E 3 HOH 145 2145 2145 HOH HOH A . 
E 3 HOH 146 2146 2146 HOH HOH A . 
E 3 HOH 147 2147 2147 HOH HOH A . 
E 3 HOH 148 2148 2148 HOH HOH A . 
E 3 HOH 149 2149 2149 HOH HOH A . 
E 3 HOH 150 2150 2150 HOH HOH A . 
E 3 HOH 151 2151 2151 HOH HOH A . 
E 3 HOH 152 2152 2152 HOH HOH A . 
E 3 HOH 153 2153 2153 HOH HOH A . 
E 3 HOH 154 2154 2154 HOH HOH A . 
E 3 HOH 155 2155 2155 HOH HOH A . 
E 3 HOH 156 2156 2156 HOH HOH A . 
E 3 HOH 157 2157 2157 HOH HOH A . 
E 3 HOH 158 2158 2158 HOH HOH A . 
E 3 HOH 159 2159 2159 HOH HOH A . 
E 3 HOH 160 2160 2160 HOH HOH A . 
E 3 HOH 161 2161 2161 HOH HOH A . 
E 3 HOH 162 2162 2162 HOH HOH A . 
E 3 HOH 163 2163 2163 HOH HOH A . 
E 3 HOH 164 2164 2164 HOH HOH A . 
E 3 HOH 165 2165 2165 HOH HOH A . 
E 3 HOH 166 2166 2166 HOH HOH A . 
E 3 HOH 167 2167 2167 HOH HOH A . 
E 3 HOH 168 2168 2168 HOH HOH A . 
E 3 HOH 169 2169 2169 HOH HOH A . 
E 3 HOH 170 2170 2170 HOH HOH A . 
E 3 HOH 171 2171 2171 HOH HOH A . 
E 3 HOH 172 2172 2172 HOH HOH A . 
E 3 HOH 173 2173 2173 HOH HOH A . 
E 3 HOH 174 2174 2174 HOH HOH A . 
E 3 HOH 175 2175 2175 HOH HOH A . 
E 3 HOH 176 2176 2176 HOH HOH A . 
E 3 HOH 177 2177 2177 HOH HOH A . 
E 3 HOH 178 2178 2178 HOH HOH A . 
E 3 HOH 179 2179 2179 HOH HOH A . 
E 3 HOH 180 2180 2180 HOH HOH A . 
E 3 HOH 181 2181 2181 HOH HOH A . 
E 3 HOH 182 2182 2182 HOH HOH A . 
E 3 HOH 183 2183 2183 HOH HOH A . 
E 3 HOH 184 2184 2184 HOH HOH A . 
E 3 HOH 185 2185 2185 HOH HOH A . 
E 3 HOH 186 2186 2186 HOH HOH A . 
E 3 HOH 187 2187 2187 HOH HOH A . 
E 3 HOH 188 2188 2188 HOH HOH A . 
E 3 HOH 189 2189 2189 HOH HOH A . 
E 3 HOH 190 2190 2190 HOH HOH A . 
E 3 HOH 191 2191 2191 HOH HOH A . 
E 3 HOH 192 2192 2192 HOH HOH A . 
E 3 HOH 193 2193 2193 HOH HOH A . 
E 3 HOH 194 2194 2194 HOH HOH A . 
E 3 HOH 195 2195 2195 HOH HOH A . 
E 3 HOH 196 2196 2196 HOH HOH A . 
E 3 HOH 197 2197 2197 HOH HOH A . 
# 
loop_
_pdbx_unobs_or_zero_occ_atoms.id 
_pdbx_unobs_or_zero_occ_atoms.PDB_model_num 
_pdbx_unobs_or_zero_occ_atoms.polymer_flag 
_pdbx_unobs_or_zero_occ_atoms.occupancy_flag 
_pdbx_unobs_or_zero_occ_atoms.auth_asym_id 
_pdbx_unobs_or_zero_occ_atoms.auth_comp_id 
_pdbx_unobs_or_zero_occ_atoms.auth_seq_id 
_pdbx_unobs_or_zero_occ_atoms.PDB_ins_code 
_pdbx_unobs_or_zero_occ_atoms.auth_atom_id 
_pdbx_unobs_or_zero_occ_atoms.label_alt_id 
_pdbx_unobs_or_zero_occ_atoms.label_asym_id 
_pdbx_unobs_or_zero_occ_atoms.label_comp_id 
_pdbx_unobs_or_zero_occ_atoms.label_seq_id 
_pdbx_unobs_or_zero_occ_atoms.label_atom_id 
1 1 Y 1 A ILE 108 ? CG1 ? A ILE 106 CG1 
2 1 Y 1 A ILE 108 ? CG2 ? A ILE 106 CG2 
3 1 Y 1 A ILE 108 ? CD1 ? A ILE 106 CD1 
4 1 Y 1 A THR 170 ? OG1 ? A THR 168 OG1 
5 1 Y 1 A THR 170 ? CG2 ? A THR 168 CG2 
# 
_software.name             REFMAC 
_software.classification   refinement 
_software.version          5.6.0117 
_software.citation_id      ? 
_software.pdbx_ordinal     1 
# 
_cell.entry_id           4CY9 
_cell.length_a           209.660 
_cell.length_b           209.660 
_cell.length_c           209.660 
_cell.angle_alpha        90.00 
_cell.angle_beta         90.00 
_cell.angle_gamma        90.00 
_cell.Z_PDB              96 
_cell.pdbx_unique_axis   ? 
# 
_symmetry.entry_id                         4CY9 
_symmetry.space_group_name_H-M             'F 41 3 2' 
_symmetry.pdbx_full_space_group_name_H-M   ? 
_symmetry.cell_setting                     ? 
_symmetry.Int_Tables_number                210 
# 
_exptl.entry_id          4CY9 
_exptl.method            'X-RAY DIFFRACTION' 
_exptl.crystals_number   ? 
# 
_exptl_crystal.id                    1 
_exptl_crystal.density_meas          ? 
_exptl_crystal.density_Matthews      ? 
_exptl_crystal.density_percent_sol   ? 
_exptl_crystal.description           NONE 
# 
_exptl_crystal_grow.crystal_id      1 
_exptl_crystal_grow.method          ? 
_exptl_crystal_grow.temp            ? 
_exptl_crystal_grow.temp_details    ? 
_exptl_crystal_grow.pH              ? 
_exptl_crystal_grow.pdbx_pH_range   ? 
_exptl_crystal_grow.pdbx_details    '0.2 M NACL, 0.1 M SODIUM CACODYLATE PH 6.5, 0.2 M AMMONIUM SULPHATE' 
# 
_diffrn.id                     1 
_diffrn.ambient_temp           100 
_diffrn.ambient_temp_details   ? 
_diffrn.crystal_id             1 
# 
_diffrn_detector.diffrn_id              1 
_diffrn_detector.detector               PIXEL 
_diffrn_detector.type                   'DECTRIS PILATUS 6M' 
_diffrn_detector.pdbx_collection_date   ? 
_diffrn_detector.details                ? 
# 
_diffrn_radiation.diffrn_id                        1 
_diffrn_radiation.wavelength_id                    1 
_diffrn_radiation.pdbx_monochromatic_or_laue_m_l   M 
_diffrn_radiation.monochromator                    ? 
_diffrn_radiation.pdbx_diffrn_protocol             'SINGLE WAVELENGTH' 
_diffrn_radiation.pdbx_scattering_type             x-ray 
# 
_diffrn_radiation_wavelength.id           1 
_diffrn_radiation_wavelength.wavelength   0.9795 
_diffrn_radiation_wavelength.wt           1.0 
# 
_diffrn_source.diffrn_id                   1 
_diffrn_source.source                      SYNCHROTRON 
_diffrn_source.type                        'DIAMOND BEAMLINE I04' 
_diffrn_source.pdbx_synchrotron_site       Diamond 
_diffrn_source.pdbx_synchrotron_beamline   I04 
_diffrn_source.pdbx_wavelength             0.9795 
_diffrn_source.pdbx_wavelength_list        ? 
# 
_reflns.pdbx_diffrn_id               1 
_reflns.pdbx_ordinal                 1 
_reflns.entry_id                     4CY9 
_reflns.observed_criterion_sigma_I   0.0 
_reflns.observed_criterion_sigma_F   ? 
_reflns.d_resolution_low             48.10 
_reflns.d_resolution_high            1.78 
_reflns.number_obs                   38297 
_reflns.number_all                   ? 
_reflns.percent_possible_obs         99.9 
_reflns.pdbx_Rmerge_I_obs            0.09 
_reflns.pdbx_Rsym_value              ? 
_reflns.pdbx_netI_over_sigmaI        19.40 
_reflns.B_iso_Wilson_estimate        ? 
_reflns.pdbx_redundancy              11.4 
# 
_refine.pdbx_refine_id                           'X-RAY DIFFRACTION' 
_refine.entry_id                                 4CY9 
_refine.pdbx_diffrn_id                           1 
_refine.pdbx_TLS_residual_ADP_flag               ? 
_refine.ls_number_reflns_obs                     36339 
_refine.ls_number_reflns_all                     ? 
_refine.pdbx_ls_sigma_I                          ? 
_refine.pdbx_ls_sigma_F                          . 
_refine.pdbx_data_cutoff_high_absF               ? 
_refine.pdbx_data_cutoff_low_absF                ? 
_refine.pdbx_data_cutoff_high_rms_absF           ? 
_refine.ls_d_res_low                             121.05 
_refine.ls_d_res_high                            1.78 
_refine.ls_percent_reflns_obs                    99.88 
_refine.ls_R_factor_obs                          0.15351 
_refine.ls_R_factor_all                          ? 
_refine.ls_R_factor_R_work                       0.15258 
_refine.ls_R_factor_R_free                       0.17088 
_refine.ls_R_factor_R_free_error                 ? 
_refine.ls_R_factor_R_free_error_details         ? 
_refine.ls_percent_reflns_R_free                 5.0 
_refine.ls_number_reflns_R_free                  1897 
_refine.ls_number_parameters                     ? 
_refine.ls_number_restraints                     ? 
_refine.occupancy_min                            ? 
_refine.occupancy_max                            ? 
_refine.correlation_coeff_Fo_to_Fc               0.965 
_refine.correlation_coeff_Fo_to_Fc_free          0.956 
_refine.B_iso_mean                               17.379 
_refine.aniso_B[1][1]                            ? 
_refine.aniso_B[2][2]                            ? 
_refine.aniso_B[3][3]                            ? 
_refine.aniso_B[1][2]                            ? 
_refine.aniso_B[1][3]                            ? 
_refine.aniso_B[2][3]                            ? 
_refine.solvent_model_details                    'BABINET MODEL WITH MASK' 
_refine.solvent_model_param_ksol                 ? 
_refine.solvent_model_param_bsol                 ? 
_refine.pdbx_solvent_vdw_probe_radii             1.20 
_refine.pdbx_solvent_ion_probe_radii             0.80 
_refine.pdbx_solvent_shrinkage_radii             0.80 
_refine.pdbx_ls_cross_valid_method               THROUGHOUT 
_refine.details                                  'HYDROGENS HAVE BEEN ADDED IN THE RIDING POSITIONS.' 
_refine.pdbx_starting_model                      NONE 
_refine.pdbx_method_to_determine_struct          OTHER 
_refine.pdbx_isotropic_thermal_model             ? 
_refine.pdbx_stereochemistry_target_values       'MAXIMUM LIKELIHOOD' 
_refine.pdbx_stereochem_target_val_spec_case     ? 
_refine.pdbx_R_Free_selection_details            RANDOM 
_refine.pdbx_overall_ESU_R                       0.062 
_refine.pdbx_overall_ESU_R_Free                  0.064 
_refine.overall_SU_ML                            0.036 
_refine.pdbx_overall_phase_error                 ? 
_refine.overall_SU_B                             1.122 
_refine.overall_SU_R_Cruickshank_DPI             ? 
_refine.pdbx_overall_SU_R_free_Cruickshank_DPI   ? 
_refine.pdbx_overall_SU_R_Blow_DPI               ? 
_refine.pdbx_overall_SU_R_free_Blow_DPI          ? 
# 
_refine_hist.pdbx_refine_id                   'X-RAY DIFFRACTION' 
_refine_hist.cycle_id                         LAST 
_refine_hist.pdbx_number_atoms_protein        1278 
_refine_hist.pdbx_number_atoms_nucleic_acid   0 
_refine_hist.pdbx_number_atoms_ligand         18 
_refine_hist.number_atoms_solvent             197 
_refine_hist.number_atoms_total               1493 
_refine_hist.d_res_high                       1.78 
_refine_hist.d_res_low                        121.05 
# 
loop_
_refine_ls_restr.type 
_refine_ls_restr.dev_ideal 
_refine_ls_restr.dev_ideal_target 
_refine_ls_restr.weight 
_refine_ls_restr.number 
_refine_ls_restr.pdbx_refine_id 
_refine_ls_restr.pdbx_restraint_function 
r_bond_refined_d             0.035  0.019  ? 1374 'X-RAY DIFFRACTION' ? 
r_bond_other_d               ?      ?      ? ?    'X-RAY DIFFRACTION' ? 
r_angle_refined_deg          2.825  1.959  ? 1880 'X-RAY DIFFRACTION' ? 
r_angle_other_deg            ?      ?      ? ?    'X-RAY DIFFRACTION' ? 
r_dihedral_angle_1_deg       5.466  5.000  ? 185  'X-RAY DIFFRACTION' ? 
r_dihedral_angle_2_deg       31.513 23.692 ? 65   'X-RAY DIFFRACTION' ? 
r_dihedral_angle_3_deg       13.888 15.000 ? 219  'X-RAY DIFFRACTION' ? 
r_dihedral_angle_4_deg       18.315 15.000 ? 12   'X-RAY DIFFRACTION' ? 
r_chiral_restr               0.423  0.200  ? 219  'X-RAY DIFFRACTION' ? 
r_gen_planes_refined         0.017  0.021  ? 1055 'X-RAY DIFFRACTION' ? 
r_gen_planes_other           ?      ?      ? ?    'X-RAY DIFFRACTION' ? 
r_nbd_refined                ?      ?      ? ?    'X-RAY DIFFRACTION' ? 
r_nbd_other                  ?      ?      ? ?    'X-RAY DIFFRACTION' ? 
r_nbtor_refined              ?      ?      ? ?    'X-RAY DIFFRACTION' ? 
r_nbtor_other                ?      ?      ? ?    'X-RAY DIFFRACTION' ? 
r_xyhbond_nbd_refined        ?      ?      ? ?    'X-RAY DIFFRACTION' ? 
r_xyhbond_nbd_other          ?      ?      ? ?    'X-RAY DIFFRACTION' ? 
r_metal_ion_refined          ?      ?      ? ?    'X-RAY DIFFRACTION' ? 
r_metal_ion_other            ?      ?      ? ?    'X-RAY DIFFRACTION' ? 
r_symmetry_vdw_refined       ?      ?      ? ?    'X-RAY DIFFRACTION' ? 
r_symmetry_vdw_other         ?      ?      ? ?    'X-RAY DIFFRACTION' ? 
r_symmetry_hbond_refined     ?      ?      ? ?    'X-RAY DIFFRACTION' ? 
r_symmetry_hbond_other       ?      ?      ? ?    'X-RAY DIFFRACTION' ? 
r_symmetry_metal_ion_refined ?      ?      ? ?    'X-RAY DIFFRACTION' ? 
r_symmetry_metal_ion_other   ?      ?      ? ?    'X-RAY DIFFRACTION' ? 
r_mcbond_it                  ?      ?      ? ?    'X-RAY DIFFRACTION' ? 
r_mcbond_other               ?      ?      ? ?    'X-RAY DIFFRACTION' ? 
r_mcangle_it                 ?      ?      ? ?    'X-RAY DIFFRACTION' ? 
r_mcangle_other              ?      ?      ? ?    'X-RAY DIFFRACTION' ? 
r_scbond_it                  ?      ?      ? ?    'X-RAY DIFFRACTION' ? 
r_scbond_other               ?      ?      ? ?    'X-RAY DIFFRACTION' ? 
r_scangle_it                 ?      ?      ? ?    'X-RAY DIFFRACTION' ? 
r_scangle_other              ?      ?      ? ?    'X-RAY DIFFRACTION' ? 
r_long_range_B_refined       ?      ?      ? ?    'X-RAY DIFFRACTION' ? 
r_long_range_B_other         ?      ?      ? ?    'X-RAY DIFFRACTION' ? 
r_rigid_bond_restr           ?      ?      ? ?    'X-RAY DIFFRACTION' ? 
r_sphericity_free            ?      ?      ? ?    'X-RAY DIFFRACTION' ? 
r_sphericity_bonded          ?      ?      ? ?    'X-RAY DIFFRACTION' ? 
# 
_refine_ls_shell.pdbx_refine_id                   'X-RAY DIFFRACTION' 
_refine_ls_shell.pdbx_total_number_of_bins_used   20 
_refine_ls_shell.d_res_high                       1.780 
_refine_ls_shell.d_res_low                        1.826 
_refine_ls_shell.number_reflns_R_work             2407 
_refine_ls_shell.R_factor_R_work                  0.213 
_refine_ls_shell.percent_reflns_obs               99.52 
_refine_ls_shell.R_factor_R_free                  0.233 
_refine_ls_shell.R_factor_R_free_error            ? 
_refine_ls_shell.percent_reflns_R_free            ? 
_refine_ls_shell.number_reflns_R_free             105 
_refine_ls_shell.number_reflns_all                ? 
_refine_ls_shell.R_factor_all                     ? 
# 
_struct.entry_id                  4CY9 
_struct.title                     'DpsA14 from Streptomyces coelicolor' 
_struct.pdbx_model_details        ? 
_struct.pdbx_CASP_flag            ? 
_struct.pdbx_model_type_details   ? 
# 
_struct_keywords.entry_id        4CY9 
_struct_keywords.pdbx_keywords   'IRON-BINDING PROTEIN' 
_struct_keywords.text            'IRON-BINDING PROTEIN, FERRITIN' 
# 
loop_
_struct_asym.id 
_struct_asym.pdbx_blank_PDB_chainid_flag 
_struct_asym.pdbx_modified 
_struct_asym.entity_id 
_struct_asym.details 
A N N 1 ? 
B N N 2 ? 
C N N 2 ? 
D N N 2 ? 
E N N 3 ? 
# 
_struct_ref.id                         1 
_struct_ref.db_name                    UNP 
_struct_ref.db_code                    Q9R408_STRCO 
_struct_ref.entity_id                  1 
_struct_ref.pdbx_seq_one_letter_code   ? 
_struct_ref.pdbx_align_begin           ? 
_struct_ref.pdbx_db_accession          Q9R408 
_struct_ref.pdbx_db_isoform            ? 
# 
_struct_ref_seq.align_id                      1 
_struct_ref_seq.ref_id                        1 
_struct_ref_seq.pdbx_PDB_id_code              4CY9 
_struct_ref_seq.pdbx_strand_id                A 
_struct_ref_seq.seq_align_beg                 2 
_struct_ref_seq.pdbx_seq_align_beg_ins_code   ? 
_struct_ref_seq.seq_align_end                 168 
_struct_ref_seq.pdbx_seq_align_end_ins_code   ? 
_struct_ref_seq.pdbx_db_accession             Q9R408 
_struct_ref_seq.db_align_beg                  4 
_struct_ref_seq.pdbx_db_align_beg_ins_code    ? 
_struct_ref_seq.db_align_end                  170 
_struct_ref_seq.pdbx_db_align_end_ins_code    ? 
_struct_ref_seq.pdbx_auth_seq_align_beg       4 
_struct_ref_seq.pdbx_auth_seq_align_end       170 
# 
_struct_ref_seq_dif.align_id                     1 
_struct_ref_seq_dif.pdbx_pdb_id_code             4CY9 
_struct_ref_seq_dif.mon_id                       ALA 
_struct_ref_seq_dif.pdbx_pdb_strand_id           A 
_struct_ref_seq_dif.seq_num                      1 
_struct_ref_seq_dif.pdbx_pdb_ins_code            ? 
_struct_ref_seq_dif.pdbx_seq_db_name             UNP 
_struct_ref_seq_dif.pdbx_seq_db_accession_code   Q9R408 
_struct_ref_seq_dif.db_mon_id                    ? 
_struct_ref_seq_dif.pdbx_seq_db_seq_num          ? 
_struct_ref_seq_dif.details                      'expression tag' 
_struct_ref_seq_dif.pdbx_auth_seq_num            3 
_struct_ref_seq_dif.pdbx_ordinal                 1 
# 
_pdbx_struct_assembly.id                   1 
_pdbx_struct_assembly.details              software_defined_assembly 
_pdbx_struct_assembly.method_details       PQS 
_pdbx_struct_assembly.oligomeric_details   dodecameric 
_pdbx_struct_assembly.oligomeric_count     12 
# 
loop_
_pdbx_struct_assembly_prop.biol_id 
_pdbx_struct_assembly_prop.type 
_pdbx_struct_assembly_prop.value 
_pdbx_struct_assembly_prop.details 
1 'ABSA (A^2)' 54280  ? 
1 MORE         -260.8 ? 
1 'SSA (A^2)'  74490  ? 
# 
_pdbx_struct_assembly_gen.assembly_id       1 
_pdbx_struct_assembly_gen.oper_expression   1,2,3,4,5,6,7,8,9,10,11,12 
_pdbx_struct_assembly_gen.asym_id_list      A,B,C,D,E 
# 
loop_
_pdbx_struct_oper_list.id 
_pdbx_struct_oper_list.type 
_pdbx_struct_oper_list.name 
_pdbx_struct_oper_list.symmetry_operation 
_pdbx_struct_oper_list.matrix[1][1] 
_pdbx_struct_oper_list.matrix[1][2] 
_pdbx_struct_oper_list.matrix[1][3] 
_pdbx_struct_oper_list.vector[1] 
_pdbx_struct_oper_list.matrix[2][1] 
_pdbx_struct_oper_list.matrix[2][2] 
_pdbx_struct_oper_list.matrix[2][3] 
_pdbx_struct_oper_list.vector[2] 
_pdbx_struct_oper_list.matrix[3][1] 
_pdbx_struct_oper_list.matrix[3][2] 
_pdbx_struct_oper_list.matrix[3][3] 
_pdbx_struct_oper_list.vector[3] 
1  'identity operation'         1_555  x,y,z   1.0000000000  0.0000000000  0.0000000000  0.0000000000   0.0000000000  1.0000000000  0.0000000000  0.0000000000   0.0000000000  0.0000000000  1.0000000000  0.0000000000   
2  'crystal symmetry operation' 82_555 -y,z,-x 0.0345849106  -0.9411817202 0.3361262465  -41.5197443807 0.3044758303  -0.3104162771 -0.9005199630 -1.9281366682  0.9518919859  0.1334867204  0.2758313665  33.5119493013  
3  'crystal symmetry operation' 54_555 z,-x,-y -0.2461952577 -0.8846340694 -0.3959930029 -32.8134324454 0.6632018921  -0.4517028241 0.5967644502  -24.3165301629 -0.7067893218 -0.1157027312 0.6978980818  -10.2213710357 
4  'crystal symmetry operation' 26_555 -x,-y,z 0.5250854801  -0.8091082094 -0.2638733486 -19.0607608367 -0.8091082094 -0.5707413761 0.1399935252  -46.4682067123 -0.2638733486 0.1399935252  -0.9543441040 32.3204976135  
5  'crystal symmetry operation' 5_555  z,x,y   0.6909831325  0.6486594138  0.3190349127  0.1879043749   0.5562439132  -0.1952534448 -0.8077554093 3.3198813766   -0.4616654845 0.7356065913  -0.4957296876 31.1834829069  
6  'crystal symmetry operation' 75_555 -x,y,-z -0.6548068997 0.4534594833  0.6046506604  -34.1562703286 0.4534594833  -0.4043174593 0.7942933268  -30.9828184172 0.6046506604  0.7942933268  0.0591243590  42.7353567498  
7  'crystal symmetry operation' 36_555 -y,-z,x -0.2461952577 0.6632018921  -0.7067893218 0.8239014537   -0.8846340694 -0.4517028241 -0.1157027312 -41.1943661665 -0.3959930029 0.5967644502  0.6978980818  8.6508263419   
8  'crystal symmetry operation' 52_555 x,-y,-z -0.8702785804 0.3556487261  -0.3407773117 -23.2039913996 0.3556487261  -0.0249411646 -0.9342868521 4.8337616749   -0.3407773117 -0.9342868521 -0.1047802551 -3.7882026742  
9  'crystal symmetry operation' 9_555  y,z,x   0.6909831325  0.5562439132  -0.4616654845 12.4198351840  0.6486594138  -0.1952534448 0.7356065913  -22.4124432328 0.3190349127  -0.8077554093 -0.4957296876 18.0802823250  
10 'crystal symmetry operation' 31_555 -z,-x,y 0.0345849106  0.3044758303  0.9518919859  -29.8767283109 -0.9411817202 -0.3104162771 0.1334867204  -44.1495496490 0.3361262465  -0.9005199630 0.2758313665  2.9759035009   
11 'crystal symmetry operation' 59_555 y,-z,-x -0.4793727853 -0.2782640852 0.8323285599  -48.1450148220 -0.0685011747 0.9573725460  0.2806161028  -7.0823173871  -0.8749338956 0.0775042387  -0.4779997607 11.0245937209  
12 'crystal symmetry operation' 80_555 -z,x,-y -0.4793727853 -0.0685011747 -0.8749338956 -13.9187661835 -0.2782640852 0.9573725460  0.0775042387  -7.4710650192  0.8323285599  0.2806161028  -0.4779997607 47.3296363170 
# 
_struct_biol.id   1 
# 
loop_
_struct_conf.conf_type_id 
_struct_conf.id 
_struct_conf.pdbx_PDB_helix_id 
_struct_conf.beg_label_comp_id 
_struct_conf.beg_label_asym_id 
_struct_conf.beg_label_seq_id 
_struct_conf.pdbx_beg_PDB_ins_code 
_struct_conf.end_label_comp_id 
_struct_conf.end_label_asym_id 
_struct_conf.end_label_seq_id 
_struct_conf.pdbx_end_PDB_ins_code 
_struct_conf.beg_auth_comp_id 
_struct_conf.beg_auth_asym_id 
_struct_conf.beg_auth_seq_id 
_struct_conf.end_auth_comp_id 
_struct_conf.end_auth_asym_id 
_struct_conf.end_auth_seq_id 
_struct_conf.pdbx_PDB_helix_class 
_struct_conf.details 
_struct_conf.pdbx_PDB_helix_length 
HELX_P HELX_P1 1 GLU A 13  ? ASN A 44  ? GLU A 15  ASN A 46  1 ? 32 
HELX_P HELX_P2 2 HIS A 49  ? LEU A 78  ? HIS A 51  LEU A 80  1 ? 30 
HELX_P HELX_P3 3 THR A 85  ? ARG A 93  ? THR A 87  ARG A 95  1 ? 9  
HELX_P HELX_P4 4 ALA A 105 ? ASP A 134 ? ALA A 107 ASP A 136 1 ? 30 
HELX_P HELX_P5 5 ASP A 134 ? LEU A 159 ? ASP A 136 LEU A 161 1 ? 26 
# 
_struct_conf_type.id          HELX_P 
_struct_conf_type.criteria    ? 
_struct_conf_type.reference   ? 
# 
_struct_sheet.id               AA 
_struct_sheet.type             ? 
_struct_sheet.number_strands   2 
_struct_sheet.details          ? 
# 
_struct_sheet_order.sheet_id     AA 
_struct_sheet_order.range_id_1   1 
_struct_sheet_order.range_id_2   2 
_struct_sheet_order.offset       ? 
_struct_sheet_order.sense        parallel 
# 
loop_
_struct_sheet_range.sheet_id 
_struct_sheet_range.id 
_struct_sheet_range.beg_label_comp_id 
_struct_sheet_range.beg_label_asym_id 
_struct_sheet_range.beg_label_seq_id 
_struct_sheet_range.pdbx_beg_PDB_ins_code 
_struct_sheet_range.end_label_comp_id 
_struct_sheet_range.end_label_asym_id 
_struct_sheet_range.end_label_seq_id 
_struct_sheet_range.pdbx_end_PDB_ins_code 
_struct_sheet_range.beg_auth_comp_id 
_struct_sheet_range.beg_auth_asym_id 
_struct_sheet_range.beg_auth_seq_id 
_struct_sheet_range.end_auth_comp_id 
_struct_sheet_range.end_auth_asym_id 
_struct_sheet_range.end_auth_seq_id 
AA 1 VAL A 45  ? VAL A 46  ? VAL A 47  VAL A 48  
AA 2 ALA A 103 ? ASP A 104 ? ALA A 105 ASP A 106 
# 
_pdbx_struct_sheet_hbond.sheet_id                AA 
_pdbx_struct_sheet_hbond.range_id_1              1 
_pdbx_struct_sheet_hbond.range_id_2              2 
_pdbx_struct_sheet_hbond.range_1_label_atom_id   N 
_pdbx_struct_sheet_hbond.range_1_label_comp_id   VAL 
_pdbx_struct_sheet_hbond.range_1_label_asym_id   A 
_pdbx_struct_sheet_hbond.range_1_label_seq_id    46 
_pdbx_struct_sheet_hbond.range_1_PDB_ins_code    ? 
_pdbx_struct_sheet_hbond.range_1_auth_atom_id    N 
_pdbx_struct_sheet_hbond.range_1_auth_comp_id    VAL 
_pdbx_struct_sheet_hbond.range_1_auth_asym_id    A 
_pdbx_struct_sheet_hbond.range_1_auth_seq_id     48 
_pdbx_struct_sheet_hbond.range_2_label_atom_id   O 
_pdbx_struct_sheet_hbond.range_2_label_comp_id   ALA 
_pdbx_struct_sheet_hbond.range_2_label_asym_id   A 
_pdbx_struct_sheet_hbond.range_2_label_seq_id    103 
_pdbx_struct_sheet_hbond.range_2_PDB_ins_code    ? 
_pdbx_struct_sheet_hbond.range_2_auth_atom_id    O 
_pdbx_struct_sheet_hbond.range_2_auth_comp_id    ALA 
_pdbx_struct_sheet_hbond.range_2_auth_asym_id    A 
_pdbx_struct_sheet_hbond.range_2_auth_seq_id     105 
# 
loop_
_struct_site.id 
_struct_site.pdbx_evidence_code 
_struct_site.pdbx_auth_asym_id 
_struct_site.pdbx_auth_comp_id 
_struct_site.pdbx_auth_seq_id 
_struct_site.pdbx_auth_ins_code 
_struct_site.pdbx_num_residues 
_struct_site.details 
AC1 Software A GOL 1171 ? 4 'BINDING SITE FOR RESIDUE GOL A 1171' 
AC2 Software A GOL 1172 ? 3 'BINDING SITE FOR RESIDUE GOL A 1172' 
AC3 Software A GOL 1173 ? 7 'BINDING SITE FOR RESIDUE GOL A 1173' 
# 
loop_
_struct_site_gen.id 
_struct_site_gen.site_id 
_struct_site_gen.pdbx_num_res 
_struct_site_gen.label_comp_id 
_struct_site_gen.label_asym_id 
_struct_site_gen.label_seq_id 
_struct_site_gen.pdbx_auth_ins_code 
_struct_site_gen.auth_comp_id 
_struct_site_gen.auth_asym_id 
_struct_site_gen.auth_seq_id 
_struct_site_gen.label_atom_id 
_struct_site_gen.label_alt_id 
_struct_site_gen.symmetry 
_struct_site_gen.details 
1  AC1 4 ASP A 113 ? ASP A 115  . ? 1_555  ? 
2  AC1 4 THR A 117 ? THR A 119  . ? 1_555  ? 
3  AC1 4 ARG A 156 ? ARG A 158  . ? 1_555  ? 
4  AC1 4 HOH E .   ? HOH A 2197 . ? 1_555  ? 
5  AC2 3 LYS A 6   ? LYS A 8    . ? 9_555  ? 
6  AC2 3 SER A 161 ? SER A 163  . ? 1_555  ? 
7  AC2 3 GLY A 163 ? GLY A 165  . ? 1_555  ? 
8  AC3 7 LEU A 3   ? LEU A 5    . ? 1_555  ? 
9  AC3 7 GLY A 79  ? GLY A 81   . ? 1_555  ? 
10 AC3 7 GLY A 80  ? GLY A 82   . ? 1_555  ? 
11 AC3 7 ARG A 102 ? ARG A 104  . ? 52_555 ? 
12 AC3 7 GLY A 163 ? GLY A 165  . ? 5_555  ? 
13 AC3 7 HOH E .   ? HOH A 2007 . ? 1_555  ? 
14 AC3 7 HOH E .   ? HOH A 2118 . ? 1_555  ? 
# 
loop_
_pdbx_validate_close_contact.id 
_pdbx_validate_close_contact.PDB_model_num 
_pdbx_validate_close_contact.auth_atom_id_1 
_pdbx_validate_close_contact.auth_asym_id_1 
_pdbx_validate_close_contact.auth_comp_id_1 
_pdbx_validate_close_contact.auth_seq_id_1 
_pdbx_validate_close_contact.PDB_ins_code_1 
_pdbx_validate_close_contact.label_alt_id_1 
_pdbx_validate_close_contact.auth_atom_id_2 
_pdbx_validate_close_contact.auth_asym_id_2 
_pdbx_validate_close_contact.auth_comp_id_2 
_pdbx_validate_close_contact.auth_seq_id_2 
_pdbx_validate_close_contact.PDB_ins_code_2 
_pdbx_validate_close_contact.label_alt_id_2 
_pdbx_validate_close_contact.dist 
1 1 OE1 A GLU 17   ? ? NH1 A ARG 21   ? B 2.01 
2 1 O   A HOH 2053 ? ? O   A HOH 2157 ? ? 2.06 
3 1 O   A HOH 2012 ? ? O   A HOH 2013 ? ? 2.08 
4 1 O   A HOH 2134 ? ? O   A HOH 2140 ? ? 2.11 
5 1 O   A HOH 2058 ? ? O   A HOH 2059 ? ? 2.17 
# 
loop_
_pdbx_validate_rmsd_bond.id 
_pdbx_validate_rmsd_bond.PDB_model_num 
_pdbx_validate_rmsd_bond.auth_atom_id_1 
_pdbx_validate_rmsd_bond.auth_asym_id_1 
_pdbx_validate_rmsd_bond.auth_comp_id_1 
_pdbx_validate_rmsd_bond.auth_seq_id_1 
_pdbx_validate_rmsd_bond.PDB_ins_code_1 
_pdbx_validate_rmsd_bond.label_alt_id_1 
_pdbx_validate_rmsd_bond.auth_atom_id_2 
_pdbx_validate_rmsd_bond.auth_asym_id_2 
_pdbx_validate_rmsd_bond.auth_comp_id_2 
_pdbx_validate_rmsd_bond.auth_seq_id_2 
_pdbx_validate_rmsd_bond.PDB_ins_code_2 
_pdbx_validate_rmsd_bond.label_alt_id_2 
_pdbx_validate_rmsd_bond.bond_value 
_pdbx_validate_rmsd_bond.bond_target_value 
_pdbx_validate_rmsd_bond.bond_deviation 
_pdbx_validate_rmsd_bond.bond_standard_deviation 
_pdbx_validate_rmsd_bond.linker_flag 
1  1 CD  A GLU 17  ? ? OE1 A GLU 17  ? ? 1.329 1.252 0.077  0.011 N 
2  1 CD  A GLU 17  ? ? OE2 A GLU 17  ? ? 1.387 1.252 0.135  0.011 N 
3  1 CG  A ASP 60  ? ? OD1 A ASP 60  ? ? 1.461 1.249 0.212  0.023 N 
4  1 CE2 A TRP 97  ? ? CD2 A TRP 97  ? ? 1.493 1.409 0.084  0.012 N 
5  1 N   A ALA 109 ? ? CA  A ALA 109 ? ? 1.338 1.459 -0.121 0.020 N 
6  1 CG  A HIS 110 ? ? CD2 A HIS 110 ? ? 1.446 1.354 0.092  0.009 N 
7  1 CG  A TRP 155 ? ? CD1 A TRP 155 ? ? 1.457 1.363 0.094  0.014 N 
8  1 CE2 A TRP 155 ? ? CD2 A TRP 155 ? ? 1.484 1.409 0.075  0.012 N 
9  1 CZ3 A TRP 155 ? ? CH2 A TRP 155 ? ? 1.502 1.396 0.106  0.016 N 
10 1 CG  A HIS 160 ? ? CD2 A HIS 160 ? ? 1.419 1.354 0.065  0.009 N 
11 1 CD  A GLU 162 ? ? OE1 A GLU 162 ? ? 1.340 1.252 0.088  0.011 N 
# 
loop_
_pdbx_validate_rmsd_angle.id 
_pdbx_validate_rmsd_angle.PDB_model_num 
_pdbx_validate_rmsd_angle.auth_atom_id_1 
_pdbx_validate_rmsd_angle.auth_asym_id_1 
_pdbx_validate_rmsd_angle.auth_comp_id_1 
_pdbx_validate_rmsd_angle.auth_seq_id_1 
_pdbx_validate_rmsd_angle.PDB_ins_code_1 
_pdbx_validate_rmsd_angle.label_alt_id_1 
_pdbx_validate_rmsd_angle.auth_atom_id_2 
_pdbx_validate_rmsd_angle.auth_asym_id_2 
_pdbx_validate_rmsd_angle.auth_comp_id_2 
_pdbx_validate_rmsd_angle.auth_seq_id_2 
_pdbx_validate_rmsd_angle.PDB_ins_code_2 
_pdbx_validate_rmsd_angle.label_alt_id_2 
_pdbx_validate_rmsd_angle.auth_atom_id_3 
_pdbx_validate_rmsd_angle.auth_asym_id_3 
_pdbx_validate_rmsd_angle.auth_comp_id_3 
_pdbx_validate_rmsd_angle.auth_seq_id_3 
_pdbx_validate_rmsd_angle.PDB_ins_code_3 
_pdbx_validate_rmsd_angle.label_alt_id_3 
_pdbx_validate_rmsd_angle.angle_value 
_pdbx_validate_rmsd_angle.angle_target_value 
_pdbx_validate_rmsd_angle.angle_deviation 
_pdbx_validate_rmsd_angle.angle_standard_deviation 
_pdbx_validate_rmsd_angle.linker_flag 
1  1 NE A ARG 16  ? ? CZ A ARG 16  ? ? NH1 A ARG 16  ? ? 124.43 120.30 4.13  0.50 N 
2  1 NE A ARG 21  ? A CZ A ARG 21  ? A NH1 A ARG 21  ? A 124.15 120.30 3.85  0.50 N 
3  1 NE A ARG 21  ? A CZ A ARG 21  ? A NH2 A ARG 21  ? A 117.25 120.30 -3.05 0.50 N 
4  1 NE A ARG 29  ? ? CZ A ARG 29  ? ? NH1 A ARG 29  ? ? 123.30 120.30 3.00  0.50 N 
5  1 CB A ASP 60  ? ? CG A ASP 60  ? ? OD1 A ASP 60  ? ? 128.38 118.30 10.08 0.90 N 
6  1 CB A ASP 60  ? ? CG A ASP 60  ? ? OD2 A ASP 60  ? ? 109.01 118.30 -9.29 0.90 N 
7  1 NE A ARG 67  ? ? CZ A ARG 67  ? ? NH2 A ARG 67  ? ? 116.85 120.30 -3.45 0.50 N 
8  1 CB A ASP 71  ? B CG A ASP 71  ? B OD1 A ASP 71  ? B 123.80 118.30 5.50  0.90 N 
9  1 NE A ARG 104 ? ? CZ A ARG 104 ? ? NH1 A ARG 104 ? ? 128.64 120.30 8.34  0.50 N 
10 1 NE A ARG 104 ? ? CZ A ARG 104 ? ? NH2 A ARG 104 ? ? 115.29 120.30 -5.01 0.50 N 
11 1 CB A ASP 106 ? B CG A ASP 106 ? B OD2 A ASP 106 ? B 124.62 118.30 6.32  0.90 N 
# 
_pdbx_validate_torsion.id              1 
_pdbx_validate_torsion.PDB_model_num   1 
_pdbx_validate_torsion.auth_comp_id    ALA 
_pdbx_validate_torsion.auth_asym_id    A 
_pdbx_validate_torsion.auth_seq_id     169 
_pdbx_validate_torsion.PDB_ins_code    ? 
_pdbx_validate_torsion.label_alt_id    ? 
_pdbx_validate_torsion.phi             -67.80 
_pdbx_validate_torsion.psi             -75.06 
# 
_pdbx_validate_chiral.id              1 
_pdbx_validate_chiral.PDB_model_num   1 
_pdbx_validate_chiral.auth_atom_id    CB 
_pdbx_validate_chiral.label_alt_id    ? 
_pdbx_validate_chiral.auth_asym_id    A 
_pdbx_validate_chiral.auth_comp_id    THR 
_pdbx_validate_chiral.auth_seq_id     119 
_pdbx_validate_chiral.PDB_ins_code    ? 
_pdbx_validate_chiral.details         'WRONG HAND' 
_pdbx_validate_chiral.omega           . 
# 
_pdbx_validate_main_chain_plane.id                       1 
_pdbx_validate_main_chain_plane.PDB_model_num            1 
_pdbx_validate_main_chain_plane.auth_comp_id             ALA 
_pdbx_validate_main_chain_plane.auth_asym_id             A 
_pdbx_validate_main_chain_plane.auth_seq_id              84 
_pdbx_validate_main_chain_plane.PDB_ins_code             ? 
_pdbx_validate_main_chain_plane.label_alt_id             ? 
_pdbx_validate_main_chain_plane.improper_torsion_angle   -10.29 
# 
_pdbx_struct_special_symmetry.id              1 
_pdbx_struct_special_symmetry.PDB_model_num   1 
_pdbx_struct_special_symmetry.auth_asym_id    A 
_pdbx_struct_special_symmetry.auth_comp_id    HOH 
_pdbx_struct_special_symmetry.auth_seq_id     2177 
_pdbx_struct_special_symmetry.PDB_ins_code    ? 
_pdbx_struct_special_symmetry.label_asym_id   E 
_pdbx_struct_special_symmetry.label_comp_id   HOH 
_pdbx_struct_special_symmetry.label_seq_id    . 
# 
_pdbx_distant_solvent_atoms.id                                1 
_pdbx_distant_solvent_atoms.PDB_model_num                     1 
_pdbx_distant_solvent_atoms.auth_atom_id                      O 
_pdbx_distant_solvent_atoms.label_alt_id                      ? 
_pdbx_distant_solvent_atoms.auth_asym_id                      A 
_pdbx_distant_solvent_atoms.auth_comp_id                      HOH 
_pdbx_distant_solvent_atoms.auth_seq_id                       2071 
_pdbx_distant_solvent_atoms.PDB_ins_code                      ? 
_pdbx_distant_solvent_atoms.neighbor_macromolecule_distance   6.45 
_pdbx_distant_solvent_atoms.neighbor_ligand_distance          . 
# 
loop_
_chem_comp_atom.comp_id 
_chem_comp_atom.atom_id 
_chem_comp_atom.type_symbol 
_chem_comp_atom.pdbx_aromatic_flag 
_chem_comp_atom.pdbx_stereo_config 
_chem_comp_atom.pdbx_ordinal 
ALA N    N N N 1   
ALA CA   C N S 2   
ALA C    C N N 3   
ALA O    O N N 4   
ALA CB   C N N 5   
ALA OXT  O N N 6   
ALA H    H N N 7   
ALA H2   H N N 8   
ALA HA   H N N 9   
ALA HB1  H N N 10  
ALA HB2  H N N 11  
ALA HB3  H N N 12  
ALA HXT  H N N 13  
ARG N    N N N 14  
ARG CA   C N S 15  
ARG C    C N N 16  
ARG O    O N N 17  
ARG CB   C N N 18  
ARG CG   C N N 19  
ARG CD   C N N 20  
ARG NE   N N N 21  
ARG CZ   C N N 22  
ARG NH1  N N N 23  
ARG NH2  N N N 24  
ARG OXT  O N N 25  
ARG H    H N N 26  
ARG H2   H N N 27  
ARG HA   H N N 28  
ARG HB2  H N N 29  
ARG HB3  H N N 30  
ARG HG2  H N N 31  
ARG HG3  H N N 32  
ARG HD2  H N N 33  
ARG HD3  H N N 34  
ARG HE   H N N 35  
ARG HH11 H N N 36  
ARG HH12 H N N 37  
ARG HH21 H N N 38  
ARG HH22 H N N 39  
ARG HXT  H N N 40  
ASN N    N N N 41  
ASN CA   C N S 42  
ASN C    C N N 43  
ASN O    O N N 44  
ASN CB   C N N 45  
ASN CG   C N N 46  
ASN OD1  O N N 47  
ASN ND2  N N N 48  
ASN OXT  O N N 49  
ASN H    H N N 50  
ASN H2   H N N 51  
ASN HA   H N N 52  
ASN HB2  H N N 53  
ASN HB3  H N N 54  
ASN HD21 H N N 55  
ASN HD22 H N N 56  
ASN HXT  H N N 57  
ASP N    N N N 58  
ASP CA   C N S 59  
ASP C    C N N 60  
ASP O    O N N 61  
ASP CB   C N N 62  
ASP CG   C N N 63  
ASP OD1  O N N 64  
ASP OD2  O N N 65  
ASP OXT  O N N 66  
ASP H    H N N 67  
ASP H2   H N N 68  
ASP HA   H N N 69  
ASP HB2  H N N 70  
ASP HB3  H N N 71  
ASP HD2  H N N 72  
ASP HXT  H N N 73  
GLN N    N N N 74  
GLN CA   C N S 75  
GLN C    C N N 76  
GLN O    O N N 77  
GLN CB   C N N 78  
GLN CG   C N N 79  
GLN CD   C N N 80  
GLN OE1  O N N 81  
GLN NE2  N N N 82  
GLN OXT  O N N 83  
GLN H    H N N 84  
GLN H2   H N N 85  
GLN HA   H N N 86  
GLN HB2  H N N 87  
GLN HB3  H N N 88  
GLN HG2  H N N 89  
GLN HG3  H N N 90  
GLN HE21 H N N 91  
GLN HE22 H N N 92  
GLN HXT  H N N 93  
GLU N    N N N 94  
GLU CA   C N S 95  
GLU C    C N N 96  
GLU O    O N N 97  
GLU CB   C N N 98  
GLU CG   C N N 99  
GLU CD   C N N 100 
GLU OE1  O N N 101 
GLU OE2  O N N 102 
GLU OXT  O N N 103 
GLU H    H N N 104 
GLU H2   H N N 105 
GLU HA   H N N 106 
GLU HB2  H N N 107 
GLU HB3  H N N 108 
GLU HG2  H N N 109 
GLU HG3  H N N 110 
GLU HE2  H N N 111 
GLU HXT  H N N 112 
GLY N    N N N 113 
GLY CA   C N N 114 
GLY C    C N N 115 
GLY O    O N N 116 
GLY OXT  O N N 117 
GLY H    H N N 118 
GLY H2   H N N 119 
GLY HA2  H N N 120 
GLY HA3  H N N 121 
GLY HXT  H N N 122 
GOL C1   C N N 123 
GOL O1   O N N 124 
GOL C2   C N N 125 
GOL O2   O N N 126 
GOL C3   C N N 127 
GOL O3   O N N 128 
GOL H11  H N N 129 
GOL H12  H N N 130 
GOL HO1  H N N 131 
GOL H2   H N N 132 
GOL HO2  H N N 133 
GOL H31  H N N 134 
GOL H32  H N N 135 
GOL HO3  H N N 136 
HIS N    N N N 137 
HIS CA   C N S 138 
HIS C    C N N 139 
HIS O    O N N 140 
HIS CB   C N N 141 
HIS CG   C Y N 142 
HIS ND1  N Y N 143 
HIS CD2  C Y N 144 
HIS CE1  C Y N 145 
HIS NE2  N Y N 146 
HIS OXT  O N N 147 
HIS H    H N N 148 
HIS H2   H N N 149 
HIS HA   H N N 150 
HIS HB2  H N N 151 
HIS HB3  H N N 152 
HIS HD1  H N N 153 
HIS HD2  H N N 154 
HIS HE1  H N N 155 
HIS HE2  H N N 156 
HIS HXT  H N N 157 
HOH O    O N N 158 
HOH H1   H N N 159 
HOH H2   H N N 160 
ILE N    N N N 161 
ILE CA   C N S 162 
ILE C    C N N 163 
ILE O    O N N 164 
ILE CB   C N S 165 
ILE CG1  C N N 166 
ILE CG2  C N N 167 
ILE CD1  C N N 168 
ILE OXT  O N N 169 
ILE H    H N N 170 
ILE H2   H N N 171 
ILE HA   H N N 172 
ILE HB   H N N 173 
ILE HG12 H N N 174 
ILE HG13 H N N 175 
ILE HG21 H N N 176 
ILE HG22 H N N 177 
ILE HG23 H N N 178 
ILE HD11 H N N 179 
ILE HD12 H N N 180 
ILE HD13 H N N 181 
ILE HXT  H N N 182 
LEU N    N N N 183 
LEU CA   C N S 184 
LEU C    C N N 185 
LEU O    O N N 186 
LEU CB   C N N 187 
LEU CG   C N N 188 
LEU CD1  C N N 189 
LEU CD2  C N N 190 
LEU OXT  O N N 191 
LEU H    H N N 192 
LEU H2   H N N 193 
LEU HA   H N N 194 
LEU HB2  H N N 195 
LEU HB3  H N N 196 
LEU HG   H N N 197 
LEU HD11 H N N 198 
LEU HD12 H N N 199 
LEU HD13 H N N 200 
LEU HD21 H N N 201 
LEU HD22 H N N 202 
LEU HD23 H N N 203 
LEU HXT  H N N 204 
LYS N    N N N 205 
LYS CA   C N S 206 
LYS C    C N N 207 
LYS O    O N N 208 
LYS CB   C N N 209 
LYS CG   C N N 210 
LYS CD   C N N 211 
LYS CE   C N N 212 
LYS NZ   N N N 213 
LYS OXT  O N N 214 
LYS H    H N N 215 
LYS H2   H N N 216 
LYS HA   H N N 217 
LYS HB2  H N N 218 
LYS HB3  H N N 219 
LYS HG2  H N N 220 
LYS HG3  H N N 221 
LYS HD2  H N N 222 
LYS HD3  H N N 223 
LYS HE2  H N N 224 
LYS HE3  H N N 225 
LYS HZ1  H N N 226 
LYS HZ2  H N N 227 
LYS HZ3  H N N 228 
LYS HXT  H N N 229 
MET N    N N N 230 
MET CA   C N S 231 
MET C    C N N 232 
MET O    O N N 233 
MET CB   C N N 234 
MET CG   C N N 235 
MET SD   S N N 236 
MET CE   C N N 237 
MET OXT  O N N 238 
MET H    H N N 239 
MET H2   H N N 240 
MET HA   H N N 241 
MET HB2  H N N 242 
MET HB3  H N N 243 
MET HG2  H N N 244 
MET HG3  H N N 245 
MET HE1  H N N 246 
MET HE2  H N N 247 
MET HE3  H N N 248 
MET HXT  H N N 249 
PHE N    N N N 250 
PHE CA   C N S 251 
PHE C    C N N 252 
PHE O    O N N 253 
PHE CB   C N N 254 
PHE CG   C Y N 255 
PHE CD1  C Y N 256 
PHE CD2  C Y N 257 
PHE CE1  C Y N 258 
PHE CE2  C Y N 259 
PHE CZ   C Y N 260 
PHE OXT  O N N 261 
PHE H    H N N 262 
PHE H2   H N N 263 
PHE HA   H N N 264 
PHE HB2  H N N 265 
PHE HB3  H N N 266 
PHE HD1  H N N 267 
PHE HD2  H N N 268 
PHE HE1  H N N 269 
PHE HE2  H N N 270 
PHE HZ   H N N 271 
PHE HXT  H N N 272 
PRO N    N N N 273 
PRO CA   C N S 274 
PRO C    C N N 275 
PRO O    O N N 276 
PRO CB   C N N 277 
PRO CG   C N N 278 
PRO CD   C N N 279 
PRO OXT  O N N 280 
PRO H    H N N 281 
PRO HA   H N N 282 
PRO HB2  H N N 283 
PRO HB3  H N N 284 
PRO HG2  H N N 285 
PRO HG3  H N N 286 
PRO HD2  H N N 287 
PRO HD3  H N N 288 
PRO HXT  H N N 289 
SER N    N N N 290 
SER CA   C N S 291 
SER C    C N N 292 
SER O    O N N 293 
SER CB   C N N 294 
SER OG   O N N 295 
SER OXT  O N N 296 
SER H    H N N 297 
SER H2   H N N 298 
SER HA   H N N 299 
SER HB2  H N N 300 
SER HB3  H N N 301 
SER HG   H N N 302 
SER HXT  H N N 303 
THR N    N N N 304 
THR CA   C N S 305 
THR C    C N N 306 
THR O    O N N 307 
THR CB   C N R 308 
THR OG1  O N N 309 
THR CG2  C N N 310 
THR OXT  O N N 311 
THR H    H N N 312 
THR H2   H N N 313 
THR HA   H N N 314 
THR HB   H N N 315 
THR HG1  H N N 316 
THR HG21 H N N 317 
THR HG22 H N N 318 
THR HG23 H N N 319 
THR HXT  H N N 320 
TRP N    N N N 321 
TRP CA   C N S 322 
TRP C    C N N 323 
TRP O    O N N 324 
TRP CB   C N N 325 
TRP CG   C Y N 326 
TRP CD1  C Y N 327 
TRP CD2  C Y N 328 
TRP NE1  N Y N 329 
TRP CE2  C Y N 330 
TRP CE3  C Y N 331 
TRP CZ2  C Y N 332 
TRP CZ3  C Y N 333 
TRP CH2  C Y N 334 
TRP OXT  O N N 335 
TRP H    H N N 336 
TRP H2   H N N 337 
TRP HA   H N N 338 
TRP HB2  H N N 339 
TRP HB3  H N N 340 
TRP HD1  H N N 341 
TRP HE1  H N N 342 
TRP HE3  H N N 343 
TRP HZ2  H N N 344 
TRP HZ3  H N N 345 
TRP HH2  H N N 346 
TRP HXT  H N N 347 
TYR N    N N N 348 
TYR CA   C N S 349 
TYR C    C N N 350 
TYR O    O N N 351 
TYR CB   C N N 352 
TYR CG   C Y N 353 
TYR CD1  C Y N 354 
TYR CD2  C Y N 355 
TYR CE1  C Y N 356 
TYR CE2  C Y N 357 
TYR CZ   C Y N 358 
TYR OH   O N N 359 
TYR OXT  O N N 360 
TYR H    H N N 361 
TYR H2   H N N 362 
TYR HA   H N N 363 
TYR HB2  H N N 364 
TYR HB3  H N N 365 
TYR HD1  H N N 366 
TYR HD2  H N N 367 
TYR HE1  H N N 368 
TYR HE2  H N N 369 
TYR HH   H N N 370 
TYR HXT  H N N 371 
VAL N    N N N 372 
VAL CA   C N S 373 
VAL C    C N N 374 
VAL O    O N N 375 
VAL CB   C N N 376 
VAL CG1  C N N 377 
VAL CG2  C N N 378 
VAL OXT  O N N 379 
VAL H    H N N 380 
VAL H2   H N N 381 
VAL HA   H N N 382 
VAL HB   H N N 383 
VAL HG11 H N N 384 
VAL HG12 H N N 385 
VAL HG13 H N N 386 
VAL HG21 H N N 387 
VAL HG22 H N N 388 
VAL HG23 H N N 389 
VAL HXT  H N N 390 
# 
loop_
_chem_comp_bond.comp_id 
_chem_comp_bond.atom_id_1 
_chem_comp_bond.atom_id_2 
_chem_comp_bond.value_order 
_chem_comp_bond.pdbx_aromatic_flag 
_chem_comp_bond.pdbx_stereo_config 
_chem_comp_bond.pdbx_ordinal 
ALA N   CA   sing N N 1   
ALA N   H    sing N N 2   
ALA N   H2   sing N N 3   
ALA CA  C    sing N N 4   
ALA CA  CB   sing N N 5   
ALA CA  HA   sing N N 6   
ALA C   O    doub N N 7   
ALA C   OXT  sing N N 8   
ALA CB  HB1  sing N N 9   
ALA CB  HB2  sing N N 10  
ALA CB  HB3  sing N N 11  
ALA OXT HXT  sing N N 12  
ARG N   CA   sing N N 13  
ARG N   H    sing N N 14  
ARG N   H2   sing N N 15  
ARG CA  C    sing N N 16  
ARG CA  CB   sing N N 17  
ARG CA  HA   sing N N 18  
ARG C   O    doub N N 19  
ARG C   OXT  sing N N 20  
ARG CB  CG   sing N N 21  
ARG CB  HB2  sing N N 22  
ARG CB  HB3  sing N N 23  
ARG CG  CD   sing N N 24  
ARG CG  HG2  sing N N 25  
ARG CG  HG3  sing N N 26  
ARG CD  NE   sing N N 27  
ARG CD  HD2  sing N N 28  
ARG CD  HD3  sing N N 29  
ARG NE  CZ   sing N N 30  
ARG NE  HE   sing N N 31  
ARG CZ  NH1  sing N N 32  
ARG CZ  NH2  doub N N 33  
ARG NH1 HH11 sing N N 34  
ARG NH1 HH12 sing N N 35  
ARG NH2 HH21 sing N N 36  
ARG NH2 HH22 sing N N 37  
ARG OXT HXT  sing N N 38  
ASN N   CA   sing N N 39  
ASN N   H    sing N N 40  
ASN N   H2   sing N N 41  
ASN CA  C    sing N N 42  
ASN CA  CB   sing N N 43  
ASN CA  HA   sing N N 44  
ASN C   O    doub N N 45  
ASN C   OXT  sing N N 46  
ASN CB  CG   sing N N 47  
ASN CB  HB2  sing N N 48  
ASN CB  HB3  sing N N 49  
ASN CG  OD1  doub N N 50  
ASN CG  ND2  sing N N 51  
ASN ND2 HD21 sing N N 52  
ASN ND2 HD22 sing N N 53  
ASN OXT HXT  sing N N 54  
ASP N   CA   sing N N 55  
ASP N   H    sing N N 56  
ASP N   H2   sing N N 57  
ASP CA  C    sing N N 58  
ASP CA  CB   sing N N 59  
ASP CA  HA   sing N N 60  
ASP C   O    doub N N 61  
ASP C   OXT  sing N N 62  
ASP CB  CG   sing N N 63  
ASP CB  HB2  sing N N 64  
ASP CB  HB3  sing N N 65  
ASP CG  OD1  doub N N 66  
ASP CG  OD2  sing N N 67  
ASP OD2 HD2  sing N N 68  
ASP OXT HXT  sing N N 69  
GLN N   CA   sing N N 70  
GLN N   H    sing N N 71  
GLN N   H2   sing N N 72  
GLN CA  C    sing N N 73  
GLN CA  CB   sing N N 74  
GLN CA  HA   sing N N 75  
GLN C   O    doub N N 76  
GLN C   OXT  sing N N 77  
GLN CB  CG   sing N N 78  
GLN CB  HB2  sing N N 79  
GLN CB  HB3  sing N N 80  
GLN CG  CD   sing N N 81  
GLN CG  HG2  sing N N 82  
GLN CG  HG3  sing N N 83  
GLN CD  OE1  doub N N 84  
GLN CD  NE2  sing N N 85  
GLN NE2 HE21 sing N N 86  
GLN NE2 HE22 sing N N 87  
GLN OXT HXT  sing N N 88  
GLU N   CA   sing N N 89  
GLU N   H    sing N N 90  
GLU N   H2   sing N N 91  
GLU CA  C    sing N N 92  
GLU CA  CB   sing N N 93  
GLU CA  HA   sing N N 94  
GLU C   O    doub N N 95  
GLU C   OXT  sing N N 96  
GLU CB  CG   sing N N 97  
GLU CB  HB2  sing N N 98  
GLU CB  HB3  sing N N 99  
GLU CG  CD   sing N N 100 
GLU CG  HG2  sing N N 101 
GLU CG  HG3  sing N N 102 
GLU CD  OE1  doub N N 103 
GLU CD  OE2  sing N N 104 
GLU OE2 HE2  sing N N 105 
GLU OXT HXT  sing N N 106 
GLY N   CA   sing N N 107 
GLY N   H    sing N N 108 
GLY N   H2   sing N N 109 
GLY CA  C    sing N N 110 
GLY CA  HA2  sing N N 111 
GLY CA  HA3  sing N N 112 
GLY C   O    doub N N 113 
GLY C   OXT  sing N N 114 
GLY OXT HXT  sing N N 115 
GOL C1  O1   sing N N 116 
GOL C1  C2   sing N N 117 
GOL C1  H11  sing N N 118 
GOL C1  H12  sing N N 119 
GOL O1  HO1  sing N N 120 
GOL C2  O2   sing N N 121 
GOL C2  C3   sing N N 122 
GOL C2  H2   sing N N 123 
GOL O2  HO2  sing N N 124 
GOL C3  O3   sing N N 125 
GOL C3  H31  sing N N 126 
GOL C3  H32  sing N N 127 
GOL O3  HO3  sing N N 128 
HIS N   CA   sing N N 129 
HIS N   H    sing N N 130 
HIS N   H2   sing N N 131 
HIS CA  C    sing N N 132 
HIS CA  CB   sing N N 133 
HIS CA  HA   sing N N 134 
HIS C   O    doub N N 135 
HIS C   OXT  sing N N 136 
HIS CB  CG   sing N N 137 
HIS CB  HB2  sing N N 138 
HIS CB  HB3  sing N N 139 
HIS CG  ND1  sing Y N 140 
HIS CG  CD2  doub Y N 141 
HIS ND1 CE1  doub Y N 142 
HIS ND1 HD1  sing N N 143 
HIS CD2 NE2  sing Y N 144 
HIS CD2 HD2  sing N N 145 
HIS CE1 NE2  sing Y N 146 
HIS CE1 HE1  sing N N 147 
HIS NE2 HE2  sing N N 148 
HIS OXT HXT  sing N N 149 
HOH O   H1   sing N N 150 
HOH O   H2   sing N N 151 
ILE N   CA   sing N N 152 
ILE N   H    sing N N 153 
ILE N   H2   sing N N 154 
ILE CA  C    sing N N 155 
ILE CA  CB   sing N N 156 
ILE CA  HA   sing N N 157 
ILE C   O    doub N N 158 
ILE C   OXT  sing N N 159 
ILE CB  CG1  sing N N 160 
ILE CB  CG2  sing N N 161 
ILE CB  HB   sing N N 162 
ILE CG1 CD1  sing N N 163 
ILE CG1 HG12 sing N N 164 
ILE CG1 HG13 sing N N 165 
ILE CG2 HG21 sing N N 166 
ILE CG2 HG22 sing N N 167 
ILE CG2 HG23 sing N N 168 
ILE CD1 HD11 sing N N 169 
ILE CD1 HD12 sing N N 170 
ILE CD1 HD13 sing N N 171 
ILE OXT HXT  sing N N 172 
LEU N   CA   sing N N 173 
LEU N   H    sing N N 174 
LEU N   H2   sing N N 175 
LEU CA  C    sing N N 176 
LEU CA  CB   sing N N 177 
LEU CA  HA   sing N N 178 
LEU C   O    doub N N 179 
LEU C   OXT  sing N N 180 
LEU CB  CG   sing N N 181 
LEU CB  HB2  sing N N 182 
LEU CB  HB3  sing N N 183 
LEU CG  CD1  sing N N 184 
LEU CG  CD2  sing N N 185 
LEU CG  HG   sing N N 186 
LEU CD1 HD11 sing N N 187 
LEU CD1 HD12 sing N N 188 
LEU CD1 HD13 sing N N 189 
LEU CD2 HD21 sing N N 190 
LEU CD2 HD22 sing N N 191 
LEU CD2 HD23 sing N N 192 
LEU OXT HXT  sing N N 193 
LYS N   CA   sing N N 194 
LYS N   H    sing N N 195 
LYS N   H2   sing N N 196 
LYS CA  C    sing N N 197 
LYS CA  CB   sing N N 198 
LYS CA  HA   sing N N 199 
LYS C   O    doub N N 200 
LYS C   OXT  sing N N 201 
LYS CB  CG   sing N N 202 
LYS CB  HB2  sing N N 203 
LYS CB  HB3  sing N N 204 
LYS CG  CD   sing N N 205 
LYS CG  HG2  sing N N 206 
LYS CG  HG3  sing N N 207 
LYS CD  CE   sing N N 208 
LYS CD  HD2  sing N N 209 
LYS CD  HD3  sing N N 210 
LYS CE  NZ   sing N N 211 
LYS CE  HE2  sing N N 212 
LYS CE  HE3  sing N N 213 
LYS NZ  HZ1  sing N N 214 
LYS NZ  HZ2  sing N N 215 
LYS NZ  HZ3  sing N N 216 
LYS OXT HXT  sing N N 217 
MET N   CA   sing N N 218 
MET N   H    sing N N 219 
MET N   H2   sing N N 220 
MET CA  C    sing N N 221 
MET CA  CB   sing N N 222 
MET CA  HA   sing N N 223 
MET C   O    doub N N 224 
MET C   OXT  sing N N 225 
MET CB  CG   sing N N 226 
MET CB  HB2  sing N N 227 
MET CB  HB3  sing N N 228 
MET CG  SD   sing N N 229 
MET CG  HG2  sing N N 230 
MET CG  HG3  sing N N 231 
MET SD  CE   sing N N 232 
MET CE  HE1  sing N N 233 
MET CE  HE2  sing N N 234 
MET CE  HE3  sing N N 235 
MET OXT HXT  sing N N 236 
PHE N   CA   sing N N 237 
PHE N   H    sing N N 238 
PHE N   H2   sing N N 239 
PHE CA  C    sing N N 240 
PHE CA  CB   sing N N 241 
PHE CA  HA   sing N N 242 
PHE C   O    doub N N 243 
PHE C   OXT  sing N N 244 
PHE CB  CG   sing N N 245 
PHE CB  HB2  sing N N 246 
PHE CB  HB3  sing N N 247 
PHE CG  CD1  doub Y N 248 
PHE CG  CD2  sing Y N 249 
PHE CD1 CE1  sing Y N 250 
PHE CD1 HD1  sing N N 251 
PHE CD2 CE2  doub Y N 252 
PHE CD2 HD2  sing N N 253 
PHE CE1 CZ   doub Y N 254 
PHE CE1 HE1  sing N N 255 
PHE CE2 CZ   sing Y N 256 
PHE CE2 HE2  sing N N 257 
PHE CZ  HZ   sing N N 258 
PHE OXT HXT  sing N N 259 
PRO N   CA   sing N N 260 
PRO N   CD   sing N N 261 
PRO N   H    sing N N 262 
PRO CA  C    sing N N 263 
PRO CA  CB   sing N N 264 
PRO CA  HA   sing N N 265 
PRO C   O    doub N N 266 
PRO C   OXT  sing N N 267 
PRO CB  CG   sing N N 268 
PRO CB  HB2  sing N N 269 
PRO CB  HB3  sing N N 270 
PRO CG  CD   sing N N 271 
PRO CG  HG2  sing N N 272 
PRO CG  HG3  sing N N 273 
PRO CD  HD2  sing N N 274 
PRO CD  HD3  sing N N 275 
PRO OXT HXT  sing N N 276 
SER N   CA   sing N N 277 
SER N   H    sing N N 278 
SER N   H2   sing N N 279 
SER CA  C    sing N N 280 
SER CA  CB   sing N N 281 
SER CA  HA   sing N N 282 
SER C   O    doub N N 283 
SER C   OXT  sing N N 284 
SER CB  OG   sing N N 285 
SER CB  HB2  sing N N 286 
SER CB  HB3  sing N N 287 
SER OG  HG   sing N N 288 
SER OXT HXT  sing N N 289 
THR N   CA   sing N N 290 
THR N   H    sing N N 291 
THR N   H2   sing N N 292 
THR CA  C    sing N N 293 
THR CA  CB   sing N N 294 
THR CA  HA   sing N N 295 
THR C   O    doub N N 296 
THR C   OXT  sing N N 297 
THR CB  OG1  sing N N 298 
THR CB  CG2  sing N N 299 
THR CB  HB   sing N N 300 
THR OG1 HG1  sing N N 301 
THR CG2 HG21 sing N N 302 
THR CG2 HG22 sing N N 303 
THR CG2 HG23 sing N N 304 
THR OXT HXT  sing N N 305 
TRP N   CA   sing N N 306 
TRP N   H    sing N N 307 
TRP N   H2   sing N N 308 
TRP CA  C    sing N N 309 
TRP CA  CB   sing N N 310 
TRP CA  HA   sing N N 311 
TRP C   O    doub N N 312 
TRP C   OXT  sing N N 313 
TRP CB  CG   sing N N 314 
TRP CB  HB2  sing N N 315 
TRP CB  HB3  sing N N 316 
TRP CG  CD1  doub Y N 317 
TRP CG  CD2  sing Y N 318 
TRP CD1 NE1  sing Y N 319 
TRP CD1 HD1  sing N N 320 
TRP CD2 CE2  doub Y N 321 
TRP CD2 CE3  sing Y N 322 
TRP NE1 CE2  sing Y N 323 
TRP NE1 HE1  sing N N 324 
TRP CE2 CZ2  sing Y N 325 
TRP CE3 CZ3  doub Y N 326 
TRP CE3 HE3  sing N N 327 
TRP CZ2 CH2  doub Y N 328 
TRP CZ2 HZ2  sing N N 329 
TRP CZ3 CH2  sing Y N 330 
TRP CZ3 HZ3  sing N N 331 
TRP CH2 HH2  sing N N 332 
TRP OXT HXT  sing N N 333 
TYR N   CA   sing N N 334 
TYR N   H    sing N N 335 
TYR N   H2   sing N N 336 
TYR CA  C    sing N N 337 
TYR CA  CB   sing N N 338 
TYR CA  HA   sing N N 339 
TYR C   O    doub N N 340 
TYR C   OXT  sing N N 341 
TYR CB  CG   sing N N 342 
TYR CB  HB2  sing N N 343 
TYR CB  HB3  sing N N 344 
TYR CG  CD1  doub Y N 345 
TYR CG  CD2  sing Y N 346 
TYR CD1 CE1  sing Y N 347 
TYR CD1 HD1  sing N N 348 
TYR CD2 CE2  doub Y N 349 
TYR CD2 HD2  sing N N 350 
TYR CE1 CZ   doub Y N 351 
TYR CE1 HE1  sing N N 352 
TYR CE2 CZ   sing Y N 353 
TYR CE2 HE2  sing N N 354 
TYR CZ  OH   sing N N 355 
TYR OH  HH   sing N N 356 
TYR OXT HXT  sing N N 357 
VAL N   CA   sing N N 358 
VAL N   H    sing N N 359 
VAL N   H2   sing N N 360 
VAL CA  C    sing N N 361 
VAL CA  CB   sing N N 362 
VAL CA  HA   sing N N 363 
VAL C   O    doub N N 364 
VAL C   OXT  sing N N 365 
VAL CB  CG1  sing N N 366 
VAL CB  CG2  sing N N 367 
VAL CB  HB   sing N N 368 
VAL CG1 HG11 sing N N 369 
VAL CG1 HG12 sing N N 370 
VAL CG1 HG13 sing N N 371 
VAL CG2 HG21 sing N N 372 
VAL CG2 HG22 sing N N 373 
VAL CG2 HG23 sing N N 374 
VAL OXT HXT  sing N N 375 
# 
_atom_sites.entry_id                    4CY9 
_atom_sites.fract_transf_matrix[1][1]   0.00121481 
_atom_sites.fract_transf_matrix[1][2]   0.00333057 
_atom_sites.fract_transf_matrix[1][3]   -0.00319130 
_atom_sites.fract_transf_matrix[2][1]   0.00198168 
_atom_sites.fract_transf_matrix[2][2]   0.00260322 
_atom_sites.fract_transf_matrix[2][3]   0.00347118 
_atom_sites.fract_transf_matrix[3][1]   0.00416534 
_atom_sites.fract_transf_matrix[3][2]   -0.00220985 
_atom_sites.fract_transf_matrix[3][3]   -0.00072070 
_atom_sites.fract_transf_vector[1]      0.140533 
_atom_sites.fract_transf_vector[2]      0.023275 
_atom_sites.fract_transf_vector[3]      0.052302 
# 
loop_
_atom_type.symbol 
C 
N 
O 
S 
# 
loop_
_atom_site.group_PDB 
_atom_site.id 
_atom_site.type_symbol 
_atom_site.label_atom_id 
_atom_site.label_alt_id 
_atom_site.label_comp_id 
_atom_site.label_asym_id 
_atom_site.label_entity_id 
_atom_site.label_seq_id 
_atom_site.pdbx_PDB_ins_code 
_atom_site.Cartn_x 
_atom_site.Cartn_y 
_atom_site.Cartn_z 
_atom_site.occupancy 
_atom_site.B_iso_or_equiv 
_atom_site.pdbx_formal_charge 
_atom_site.auth_seq_id 
_atom_site.auth_comp_id 
_atom_site.auth_asym_id 
_atom_site.auth_atom_id 
_atom_site.pdbx_PDB_model_num 
ATOM   1    N N   . ALA A 1 1   ? 2.431   22.671  0.696   1.00 64.28 ? 3    ALA A N   1 
ATOM   2    C CA  . ALA A 1 1   ? 3.739   21.994  0.977   1.00 62.70 ? 3    ALA A CA  1 
ATOM   3    C C   . ALA A 1 1   ? 3.954   21.783  2.528   1.00 57.42 ? 3    ALA A C   1 
ATOM   4    O O   . ALA A 1 1   ? 4.296   20.675  2.961   1.00 64.41 ? 3    ALA A O   1 
ATOM   5    C CB  . ALA A 1 1   ? 4.919   22.731  0.313   1.00 57.12 ? 3    ALA A CB  1 
ATOM   6    N N   . ASP A 1 2   ? 3.734   22.823  3.339   1.00 42.04 ? 4    ASP A N   1 
ATOM   7    C CA  . ASP A 1 2   ? 3.973   22.799  4.821   1.00 33.91 ? 4    ASP A CA  1 
ATOM   8    C C   . ASP A 1 2   ? 2.793   22.101  5.598   1.00 30.19 ? 4    ASP A C   1 
ATOM   9    O O   . ASP A 1 2   ? 1.659   22.594  5.720   1.00 27.51 ? 4    ASP A O   1 
ATOM   10   C CB  . ASP A 1 2   ? 4.162   24.216  5.315   1.00 36.31 ? 4    ASP A CB  1 
ATOM   11   C CG  . ASP A 1 2   ? 4.445   24.304  6.793   1.00 46.13 ? 4    ASP A CG  1 
ATOM   12   O OD1 . ASP A 1 2   ? 4.697   23.308  7.438   1.00 34.35 ? 4    ASP A OD1 1 
ATOM   13   O OD2 . ASP A 1 2   ? 4.414   25.419  7.335   1.00 53.14 ? 4    ASP A OD2 1 
ATOM   14   N N   . LEU A 1 3   ? 3.092   20.945  6.161   1.00 21.22 ? 5    LEU A N   1 
ATOM   15   C CA  . LEU A 1 3   ? 2.027   20.216  6.918   1.00 17.94 ? 5    LEU A CA  1 
ATOM   16   C C   . LEU A 1 3   ? 2.357   20.231  8.415   1.00 16.83 ? 5    LEU A C   1 
ATOM   17   O O   . LEU A 1 3   ? 1.825   19.395  9.185   1.00 15.45 ? 5    LEU A O   1 
ATOM   18   C CB  . LEU A 1 3   ? 2.102   18.719  6.419   1.00 16.20 ? 5    LEU A CB  1 
ATOM   19   C CG  . LEU A 1 3   ? 1.676   18.602  4.954   1.00 16.32 ? 5    LEU A CG  1 
ATOM   20   C CD1 . LEU A 1 3   ? 1.765   17.133  4.490   1.00 21.19 ? 5    LEU A CD1 1 
ATOM   21   C CD2 . LEU A 1 3   ? 0.303   19.161  4.687   1.00 22.52 ? 5    LEU A CD2 1 
ATOM   22   N N   . THR A 1 4   ? 3.135   21.202  8.915   1.00 14.27 ? 6    THR A N   1 
ATOM   23   C CA  . THR A 1 4   ? 3.398   21.230  10.351  1.00 13.25 ? 6    THR A CA  1 
ATOM   24   C C   . THR A 1 4   ? 2.045   21.426  11.089  1.00 12.79 ? 6    THR A C   1 
ATOM   25   O O   . THR A 1 4   ? 1.282   22.356  10.833  1.00 14.66 ? 6    THR A O   1 
ATOM   26   C CB  . THR A 1 4   ? 4.227   22.547  10.688  1.00 17.09 ? 6    THR A CB  1 
ATOM   27   O OG1 . THR A 1 4   ? 5.457   22.449  9.945   1.00 19.07 ? 6    THR A OG1 1 
ATOM   28   C CG2 . THR A 1 4   ? 4.572   22.603  12.216  1.00 15.20 ? 6    THR A CG2 1 
ATOM   29   N N   . PRO A 1 5   ? 1.781   20.533  12.080  1.00 12.09 ? 7    PRO A N   1 
ATOM   30   C CA  . PRO A 1 5   ? 0.502   20.602  12.749  1.00 13.17 ? 7    PRO A CA  1 
ATOM   31   C C   . PRO A 1 5   ? 0.561   21.585  13.943  1.00 13.11 ? 7    PRO A C   1 
ATOM   32   O O   . PRO A 1 5   ? 1.665   22.020  14.384  1.00 14.30 ? 7    PRO A O   1 
ATOM   33   C CB  . PRO A 1 5   ? 0.316   19.157  13.303  1.00 11.32 ? 7    PRO A CB  1 
ATOM   34   C CG  . PRO A 1 5   ? 1.748   18.657  13.552  1.00 11.20 ? 7    PRO A CG  1 
ATOM   35   C CD  . PRO A 1 5   ? 2.518   19.280  12.325  1.00 11.48 ? 7    PRO A CD  1 
ATOM   36   N N   . LYS A 1 6   ? -0.626  21.849  14.520  1.00 13.95 ? 8    LYS A N   1 
ATOM   37   C CA  . LYS A 1 6   ? -0.701  22.652  15.755  1.00 16.61 ? 8    LYS A CA  1 
ATOM   38   C C   . LYS A 1 6   ? -0.454  21.884  17.035  1.00 18.74 ? 8    LYS A C   1 
ATOM   39   O O   . LYS A 1 6   ? -0.064  22.489  18.050  1.00 19.99 ? 8    LYS A O   1 
ATOM   40   C CB  . LYS A 1 6   ? -2.072  23.393  15.825  1.00 18.09 ? 8    LYS A CB  1 
ATOM   41   C CG  . LYS A 1 6   ? -2.170  24.308  14.610  1.00 24.22 ? 8    LYS A CG  1 
ATOM   42   C CD  . LYS A 1 6   ? -3.489  25.053  14.688  1.00 29.70 ? 8    LYS A CD  1 
ATOM   43   C CE  . LYS A 1 6   ? -3.519  25.959  13.446  1.00 32.92 ? 8    LYS A CE  1 
ATOM   44   N NZ  . LYS A 1 6   ? -4.938  26.205  13.076  1.00 32.90 ? 8    LYS A NZ  1 
ATOM   45   N N   . TYR A 1 7   ? -0.625  20.551  17.056  1.00 17.05 ? 9    TYR A N   1 
ATOM   46   C CA  . TYR A 1 7   ? -0.282  19.753  18.186  1.00 17.43 ? 9    TYR A CA  1 
ATOM   47   C C   . TYR A 1 7   ? 0.223   18.463  17.554  1.00 14.27 ? 9    TYR A C   1 
ATOM   48   O O   . TYR A 1 7   ? -0.077  18.244  16.406  1.00 14.46 ? 9    TYR A O   1 
ATOM   49   C CB  . TYR A 1 7   ? -1.615  19.425  19.062  1.00 18.92 ? 9    TYR A CB  1 
ATOM   50   C CG  . TYR A 1 7   ? -2.539  18.453  18.313  1.00 21.53 ? 9    TYR A CG  1 
ATOM   51   C CD1 . TYR A 1 7   ? -3.513  18.938  17.409  1.00 21.11 ? 9    TYR A CD1 1 
ATOM   52   C CD2 . TYR A 1 7   ? -2.468  17.011  18.507  1.00 19.46 ? 9    TYR A CD2 1 
ATOM   53   C CE1 . TYR A 1 7   ? -4.330  18.088  16.714  1.00 21.41 ? 9    TYR A CE1 1 
ATOM   54   C CE2 . TYR A 1 7   ? -3.259  16.134  17.712  1.00 20.70 ? 9    TYR A CE2 1 
ATOM   55   C CZ  . TYR A 1 7   ? -4.222  16.686  16.876  1.00 24.78 ? 9    TYR A CZ  1 
ATOM   56   O OH  . TYR A 1 7   ? -5.015  15.846  16.107  1.00 22.89 ? 9    TYR A OH  1 
ATOM   57   N N   . THR A 1 8   ? 0.905   17.611  18.303  1.00 13.67 ? 10   THR A N   1 
ATOM   58   C CA  . THR A 1 8   ? 1.265   16.261  17.783  1.00 12.02 ? 10   THR A CA  1 
ATOM   59   C C   . THR A 1 8   ? 1.380   15.339  18.987  1.00 12.44 ? 10   THR A C   1 
ATOM   60   O O   . THR A 1 8   ? 1.142   15.781  20.147  1.00 15.00 ? 10   THR A O   1 
ATOM   61   C CB  . THR A 1 8   ? 2.503   16.379  16.857  1.00 11.68 ? 10   THR A CB  1 
ATOM   62   O OG1 . THR A 1 8   ? 2.665   15.117  16.208  1.00 12.36 ? 10   THR A OG1 1 
ATOM   63   C CG2 . THR A 1 8   ? 3.813   16.658  17.718  1.00 12.26 ? 10   THR A CG2 1 
ATOM   64   N N   . VAL A 1 9   ? 1.820   14.147  18.753  1.00 11.24 ? 11   VAL A N   1 
ATOM   65   C CA  A VAL A 1 9   ? 1.943   13.160  19.752  0.50 11.22 ? 11   VAL A CA  1 
ATOM   66   C CA  B VAL A 1 9   ? 1.930   13.131  19.831  0.50 11.26 ? 11   VAL A CA  1 
ATOM   67   C C   . VAL A 1 9   ? 3.007   13.653  20.799  1.00 12.79 ? 11   VAL A C   1 
ATOM   68   O O   . VAL A 1 9   ? 3.980   14.331  20.347  1.00 13.68 ? 11   VAL A O   1 
ATOM   69   C CB  A VAL A 1 9   ? 2.461   12.012  18.949  0.50 10.97 ? 11   VAL A CB  1 
ATOM   70   C CB  B VAL A 1 9   ? 2.309   11.673  19.395  0.50 11.75 ? 11   VAL A CB  1 
ATOM   71   C CG1 A VAL A 1 9   ? 2.974   10.975  19.923  0.50 10.71 ? 11   VAL A CG1 1 
ATOM   72   C CG1 B VAL A 1 9   ? 1.167   10.988  18.569  0.50 9.98  ? 11   VAL A CG1 1 
ATOM   73   C CG2 A VAL A 1 9   ? 1.311   11.425  18.074  0.50 10.02 ? 11   VAL A CG2 1 
ATOM   74   C CG2 B VAL A 1 9   ? 3.632   11.582  18.602  0.50 10.12 ? 11   VAL A CG2 1 
ATOM   75   N N   . PRO A 1 10  ? 2.803   13.411  22.085  1.00 12.24 ? 12   PRO A N   1 
ATOM   76   C CA  . PRO A 1 10  ? 3.826   13.896  23.077  1.00 13.47 ? 12   PRO A CA  1 
ATOM   77   C C   . PRO A 1 10  ? 5.228   13.363  22.704  1.00 15.35 ? 12   PRO A C   1 
ATOM   78   O O   . PRO A 1 10  ? 5.424   12.180  22.350  1.00 16.24 ? 12   PRO A O   1 
ATOM   79   C CB  . PRO A 1 10  ? 3.343   13.249  24.378  1.00 13.38 ? 12   PRO A CB  1 
ATOM   80   C CG  . PRO A 1 10  ? 1.815   13.360  24.273  1.00 14.12 ? 12   PRO A CG  1 
ATOM   81   C CD  . PRO A 1 10  ? 1.661   12.795  22.797  1.00 12.92 ? 12   PRO A CD  1 
ATOM   82   N N   . GLY A 1 11  ? 6.196   14.280  22.841  1.00 16.72 ? 13   GLY A N   1 
ATOM   83   C CA  . GLY A 1 11  ? 7.595   13.786  22.690  1.00 17.58 ? 13   GLY A CA  1 
ATOM   84   C C   . GLY A 1 11  ? 8.119   14.028  21.294  1.00 20.40 ? 13   GLY A C   1 
ATOM   85   O O   . GLY A 1 11  ? 9.336   13.710  21.047  1.00 20.79 ? 13   GLY A O   1 
ATOM   86   N N   . ILE A 1 12  ? 7.285   14.442  20.325  1.00 15.93 ? 14   ILE A N   1 
ATOM   87   C CA  A ILE A 1 12  ? 7.671   14.655  18.922  0.50 16.96 ? 14   ILE A CA  1 
ATOM   88   C CA  B ILE A 1 12  ? 7.762   14.670  18.967  0.50 16.70 ? 14   ILE A CA  1 
ATOM   89   C C   . ILE A 1 12  ? 7.572   16.146  18.685  1.00 15.36 ? 14   ILE A C   1 
ATOM   90   O O   . ILE A 1 12  ? 6.599   16.756  19.080  1.00 16.16 ? 14   ILE A O   1 
ATOM   91   C CB  A ILE A 1 12  ? 6.675   13.949  17.926  0.50 16.27 ? 14   ILE A CB  1 
ATOM   92   C CB  B ILE A 1 12  ? 7.014   13.780  17.922  0.50 16.32 ? 14   ILE A CB  1 
ATOM   93   C CG1 A ILE A 1 12  ? 6.706   12.425  18.119  0.50 17.69 ? 14   ILE A CG1 1 
ATOM   94   C CG1 B ILE A 1 12  ? 7.062   12.299  18.376  0.50 16.73 ? 14   ILE A CG1 1 
ATOM   95   C CG2 A ILE A 1 12  ? 7.005   14.329  16.460  0.50 16.71 ? 14   ILE A CG2 1 
ATOM   96   C CG2 B ILE A 1 12  ? 7.549   14.015  16.490  0.50 15.96 ? 14   ILE A CG2 1 
ATOM   97   C CD1 A ILE A 1 12  ? 5.880   11.660  17.095  0.50 16.22 ? 14   ILE A CD1 1 
ATOM   98   C CD1 B ILE A 1 12  ? 8.430   11.702  18.336  0.50 16.20 ? 14   ILE A CD1 1 
ATOM   99   N N   . GLU A 1 13  ? 8.545   16.762  18.019  1.00 16.37 ? 15   GLU A N   1 
ATOM   100  C CA  . GLU A 1 13  ? 8.466   18.208  17.654  1.00 18.07 ? 15   GLU A CA  1 
ATOM   101  C C   . GLU A 1 13  ? 7.522   18.385  16.487  1.00 15.83 ? 15   GLU A C   1 
ATOM   102  O O   . GLU A 1 13  ? 7.444   17.497  15.590  1.00 14.92 ? 15   GLU A O   1 
ATOM   103  C CB  . GLU A 1 13  ? 9.861   18.794  17.227  1.00 21.60 ? 15   GLU A CB  1 
ATOM   104  C CG  . GLU A 1 13  ? 10.817  18.792  18.437  1.00 29.31 ? 15   GLU A CG  1 
ATOM   105  C CD  . GLU A 1 13  ? 10.307  19.640  19.674  1.00 43.63 ? 15   GLU A CD  1 
ATOM   106  O OE1 . GLU A 1 13  ? 9.691   20.733  19.507  1.00 39.05 ? 15   GLU A OE1 1 
ATOM   107  O OE2 . GLU A 1 13  ? 10.482  19.198  20.853  1.00 47.11 ? 15   GLU A OE2 1 
ATOM   108  N N   . ARG A 1 14  ? 6.782   19.482  16.488  1.00 14.79 ? 16   ARG A N   1 
ATOM   109  C CA  . ARG A 1 14  ? 5.752   19.689  15.415  1.00 14.70 ? 16   ARG A CA  1 
ATOM   110  C C   . ARG A 1 14  ? 6.314   19.708  14.019  1.00 16.61 ? 16   ARG A C   1 
ATOM   111  O O   . ARG A 1 14  ? 5.756   19.139  13.078  1.00 12.98 ? 16   ARG A O   1 
ATOM   112  C CB  . ARG A 1 14  ? 4.901   20.937  15.726  1.00 16.56 ? 16   ARG A CB  1 
ATOM   113  C CG  . ARG A 1 14  ? 4.063   20.587  16.976  1.00 17.15 ? 16   ARG A CG  1 
ATOM   114  C CD  . ARG A 1 14  ? 3.096   21.705  17.432  1.00 24.12 ? 16   ARG A CD  1 
ATOM   115  N NE  . ARG A 1 14  ? 3.836   22.945  17.559  1.00 31.68 ? 16   ARG A NE  1 
ATOM   116  C CZ  . ARG A 1 14  ? 3.820   23.996  16.698  1.00 41.88 ? 16   ARG A CZ  1 
ATOM   117  N NH1 . ARG A 1 14  ? 3.087   24.050  15.592  1.00 29.82 ? 16   ARG A NH1 1 
ATOM   118  N NH2 . ARG A 1 14  ? 4.592   25.080  16.955  1.00 44.26 ? 16   ARG A NH2 1 
ATOM   119  N N   . GLU A 1 15  ? 7.458   20.398  13.821  1.00 15.65 ? 17   GLU A N   1 
ATOM   120  C CA  . GLU A 1 15  ? 7.991   20.434  12.438  1.00 15.57 ? 17   GLU A CA  1 
ATOM   121  C C   . GLU A 1 15  ? 8.378   19.006  11.930  1.00 11.99 ? 17   GLU A C   1 
ATOM   122  O O   . GLU A 1 15  ? 8.022   18.670  10.747  1.00 14.46 ? 17   GLU A O   1 
ATOM   123  C CB  . GLU A 1 15  ? 9.341   21.344  12.397  1.00 21.11 ? 17   GLU A CB  1 
ATOM   124  C CG  . GLU A 1 15  ? 9.877   21.511  10.971  1.00 29.73 ? 17   GLU A CG  1 
ATOM   125  C CD  . GLU A 1 15  ? 10.776  20.370  10.338  1.00 36.98 ? 17   GLU A CD  1 
ATOM   126  O OE1 . GLU A 1 15  ? 11.370  19.553  11.201  1.00 36.70 ? 17   GLU A OE1 1 
ATOM   127  O OE2 . GLU A 1 15  ? 10.868  20.366  8.954   1.00 33.39 ? 17   GLU A OE2 1 
ATOM   128  N N   . ALA A 1 16  ? 8.944   18.190  12.799  1.00 13.13 ? 18   ALA A N   1 
ATOM   129  C CA  . ALA A 1 16  ? 9.343   16.787  12.425  1.00 11.51 ? 18   ALA A CA  1 
ATOM   130  C C   . ALA A 1 16  ? 7.998   16.016  12.171  1.00 10.90 ? 18   ALA A C   1 
ATOM   131  O O   . ALA A 1 16  ? 7.869   15.227  11.164  1.00 11.31 ? 18   ALA A O   1 
ATOM   132  C CB  . ALA A 1 16  ? 10.131  16.063  13.509  1.00 13.28 ? 18   ALA A CB  1 
ATOM   133  N N   . ALA A 1 17  ? 7.004   16.231  13.068  1.00 11.00 ? 19   ALA A N   1 
ATOM   134  C CA  . ALA A 1 17  ? 5.678   15.522  12.794  1.00 11.97 ? 19   ALA A CA  1 
ATOM   135  C C   . ALA A 1 17  ? 5.125   15.959  11.432  1.00 12.04 ? 19   ALA A C   1 
ATOM   136  O O   . ALA A 1 17  ? 4.536   15.093  10.725  1.00 10.31 ? 19   ALA A O   1 
ATOM   137  C CB  . ALA A 1 17  ? 4.659   15.910  13.903  1.00 11.82 ? 19   ALA A CB  1 
ATOM   138  N N   . GLY A 1 18  ? 5.228   17.234  10.990  1.00 10.49 ? 20   GLY A N   1 
ATOM   139  C CA  . GLY A 1 18  ? 4.701   17.617  9.683   1.00 10.79 ? 20   GLY A CA  1 
ATOM   140  C C   . GLY A 1 18  ? 5.385   16.801  8.582   1.00 10.58 ? 20   GLY A C   1 
ATOM   141  O O   . GLY A 1 18  ? 4.741   16.449  7.587   1.00 11.67 ? 20   GLY A O   1 
ATOM   142  N N   . ARG A 1 19  ? 6.722   16.615  8.678   1.00 11.11 ? 21   ARG A N   1 
ATOM   143  C CA  A ARG A 1 19  ? 7.310   15.865  7.576   0.50 10.46 ? 21   ARG A CA  1 
ATOM   144  C CA  B ARG A 1 19  ? 7.448   15.799  7.699   0.50 10.56 ? 21   ARG A CA  1 
ATOM   145  C C   . ARG A 1 19  ? 6.867   14.360  7.679   1.00 10.54 ? 21   ARG A C   1 
ATOM   146  O O   . ARG A 1 19  ? 6.635   13.803  6.619   1.00 11.63 ? 21   ARG A O   1 
ATOM   147  C CB  A ARG A 1 19  ? 8.838   15.926  7.575   0.50 10.94 ? 21   ARG A CB  1 
ATOM   148  C CB  B ARG A 1 19  ? 8.948   15.698  8.086   0.50 9.77  ? 21   ARG A CB  1 
ATOM   149  C CG  A ARG A 1 19  ? 9.311   17.338  7.222   0.50 10.44 ? 21   ARG A CG  1 
ATOM   150  C CG  B ARG A 1 19  ? 9.557   17.109  7.955   0.50 10.57 ? 21   ARG A CG  1 
ATOM   151  C CD  A ARG A 1 19  ? 10.861  17.375  7.415   0.50 13.43 ? 21   ARG A CD  1 
ATOM   152  C CD  B ARG A 1 19  ? 11.043  17.016  7.483   0.50 12.19 ? 21   ARG A CD  1 
ATOM   153  N NE  A ARG A 1 19  ? 11.371  17.448  8.787   0.50 9.44  ? 21   ARG A NE  1 
ATOM   154  N NE  B ARG A 1 19  ? 11.727  16.246  8.412   0.50 9.95  ? 21   ARG A NE  1 
ATOM   155  C CZ  A ARG A 1 19  ? 12.037  16.485  9.495   0.50 9.23  ? 21   ARG A CZ  1 
ATOM   156  C CZ  B ARG A 1 19  ? 11.997  16.642  9.658   0.50 9.95  ? 21   ARG A CZ  1 
ATOM   157  N NH1 A ARG A 1 19  ? 12.273  15.208  9.031   0.50 10.56 ? 21   ARG A NH1 1 
ATOM   158  N NH1 B ARG A 1 19  ? 11.693  17.925  10.074  0.50 10.77 ? 21   ARG A NH1 1 
ATOM   159  N NH2 A ARG A 1 19  ? 12.452  16.808  10.745  0.50 9.45  ? 21   ARG A NH2 1 
ATOM   160  N NH2 B ARG A 1 19  ? 12.545  15.755  10.496  0.50 11.37 ? 21   ARG A NH2 1 
ATOM   161  N N   . LEU A 1 20  ? 6.678   13.854  8.862   1.00 10.01 ? 22   LEU A N   1 
ATOM   162  C CA  . LEU A 1 20  ? 6.145   12.390  8.974   1.00 9.56  ? 22   LEU A CA  1 
ATOM   163  C C   . LEU A 1 20  ? 4.703   12.350  8.412   1.00 9.99  ? 22   LEU A C   1 
ATOM   164  O O   . LEU A 1 20  ? 4.380   11.359  7.743   1.00 9.59  ? 22   LEU A O   1 
ATOM   165  C CB  . LEU A 1 20  ? 6.234   11.983  10.485  1.00 10.21 ? 22   LEU A CB  1 
ATOM   166  C CG  . LEU A 1 20  ? 5.853   10.479  10.643  1.00 11.48 ? 22   LEU A CG  1 
ATOM   167  C CD1 . LEU A 1 20  ? 6.682   9.530   9.719   1.00 12.18 ? 22   LEU A CD1 1 
ATOM   168  C CD2 . LEU A 1 20  ? 6.149   10.154  12.112  1.00 10.95 ? 22   LEU A CD2 1 
ATOM   169  N N   . ILE A 1 21  ? 3.885   13.361  8.722   1.00 10.20 ? 23   ILE A N   1 
ATOM   170  C CA  . ILE A 1 21  ? 2.517   13.412  8.136   1.00 10.14 ? 23   ILE A CA  1 
ATOM   171  C C   . ILE A 1 21  ? 2.616   13.348  6.608   1.00 11.54 ? 23   ILE A C   1 
ATOM   172  O O   . ILE A 1 21  ? 1.849   12.689  5.926   1.00 10.66 ? 23   ILE A O   1 
ATOM   173  C CB  . ILE A 1 21  ? 1.781   14.682  8.639   1.00 9.12  ? 23   ILE A CB  1 
ATOM   174  C CG1 . ILE A 1 21  ? 1.407   14.506  10.129  1.00 10.69 ? 23   ILE A CG1 1 
ATOM   175  C CG2 . ILE A 1 21  ? 0.514   14.973  7.707   1.00 8.81  ? 23   ILE A CG2 1 
ATOM   176  C CD1 . ILE A 1 21  ? 1.123   15.868  10.805  1.00 10.61 ? 23   ILE A CD1 1 
ATOM   177  N N   . GLY A 1 22  ? 3.531   14.152  6.004   1.00 10.96 ? 24   GLY A N   1 
ATOM   178  C CA  . GLY A 1 22  ? 3.670   14.105  4.516   1.00 10.09 ? 24   GLY A CA  1 
ATOM   179  C C   . GLY A 1 22  ? 4.062   12.716  4.013   1.00 9.83  ? 24   GLY A C   1 
ATOM   180  O O   . GLY A 1 22  ? 3.527   12.298  2.969   1.00 11.08 ? 24   GLY A O   1 
ATOM   181  N N   . VAL A 1 23  ? 4.982   12.043  4.707   1.00 8.76  ? 25   VAL A N   1 
ATOM   182  C CA  . VAL A 1 23  ? 5.387   10.667  4.315   1.00 9.64  ? 25   VAL A CA  1 
ATOM   183  C C   . VAL A 1 23  ? 4.125   9.759   4.393   1.00 9.01  ? 25   VAL A C   1 
ATOM   184  O O   . VAL A 1 23  ? 3.856   8.996   3.448   1.00 10.02 ? 25   VAL A O   1 
ATOM   185  C CB  . VAL A 1 23  ? 6.464   10.132  5.277   1.00 11.16 ? 25   VAL A CB  1 
ATOM   186  C CG1 . VAL A 1 23  ? 6.759   8.618   5.129   1.00 11.50 ? 25   VAL A CG1 1 
ATOM   187  C CG2 . VAL A 1 23  ? 7.725   10.976  4.939   1.00 11.98 ? 25   VAL A CG2 1 
ATOM   188  N N   . LEU A 1 24  ? 3.435   9.897   5.526   1.00 9.00  ? 26   LEU A N   1 
ATOM   189  C CA  . LEU A 1 24  ? 2.286   8.916   5.690   1.00 9.02  ? 26   LEU A CA  1 
ATOM   190  C C   . LEU A 1 24  ? 1.120   9.288   4.749   1.00 8.46  ? 26   LEU A C   1 
ATOM   191  O O   . LEU A 1 24  ? 0.406   8.321   4.292   1.00 8.40  ? 26   LEU A O   1 
ATOM   192  C CB  . LEU A 1 24  ? 1.748   9.023   7.109   1.00 8.35  ? 26   LEU A CB  1 
ATOM   193  C CG  . LEU A 1 24  ? 2.766   8.491   8.187   1.00 9.30  ? 26   LEU A CG  1 
ATOM   194  C CD1 . LEU A 1 24  ? 2.087   8.665   9.557   1.00 11.43 ? 26   LEU A CD1 1 
ATOM   195  C CD2 . LEU A 1 24  ? 3.015   6.962   8.017   1.00 9.72  ? 26   LEU A CD2 1 
ATOM   196  N N   . ARG A 1 25  ? 0.912   10.561  4.406   1.00 8.26  ? 27   ARG A N   1 
ATOM   197  C CA  . ARG A 1 25  ? -0.173  10.929  3.482   1.00 8.97  ? 27   ARG A CA  1 
ATOM   198  C C   . ARG A 1 25  ? 0.012   10.220  2.142   1.00 9.61  ? 27   ARG A C   1 
ATOM   199  O O   . ARG A 1 25  ? -0.960  9.707   1.526   1.00 10.20 ? 27   ARG A O   1 
ATOM   200  C CB  . ARG A 1 25  ? -0.060  12.497  3.290   1.00 9.42  ? 27   ARG A CB  1 
ATOM   201  C CG  . ARG A 1 25  ? -1.191  13.057  2.435   1.00 11.08 ? 27   ARG A CG  1 
ATOM   202  C CD  . ARG A 1 25  ? -0.902  14.585  2.303   1.00 15.50 ? 27   ARG A CD  1 
ATOM   203  N NE  . ARG A 1 25  ? -1.867  15.177  1.373   1.00 17.37 ? 27   ARG A NE  1 
ATOM   204  C CZ  . ARG A 1 25  ? -2.886  15.900  1.792   1.00 22.87 ? 27   ARG A CZ  1 
ATOM   205  N NH1 . ARG A 1 25  ? -3.100  16.119  3.113   1.00 25.80 ? 27   ARG A NH1 1 
ATOM   206  N NH2 . ARG A 1 25  ? -3.758  16.396  0.860   1.00 27.74 ? 27   ARG A NH2 1 
ATOM   207  N N   . LEU A 1 26  ? 1.292   10.165  1.640   1.00 9.02  ? 28   LEU A N   1 
ATOM   208  C CA  . LEU A 1 26  ? 1.500   9.439   0.350   1.00 10.19 ? 28   LEU A CA  1 
ATOM   209  C C   . LEU A 1 26  ? 1.395   7.921   0.560   1.00 9.70  ? 28   LEU A C   1 
ATOM   210  O O   . LEU A 1 26  ? 0.877   7.251   -0.372  1.00 10.10 ? 28   LEU A O   1 
ATOM   211  C CB  . LEU A 1 26  ? 2.936   9.822   -0.178  1.00 10.57 ? 28   LEU A CB  1 
ATOM   212  C CG  . LEU A 1 26  ? 3.196   9.211   -1.584  1.00 13.20 ? 28   LEU A CG  1 
ATOM   213  C CD1 . LEU A 1 26  ? 2.203   9.817   -2.599  1.00 13.69 ? 28   LEU A CD1 1 
ATOM   214  C CD2 . LEU A 1 26  ? 4.695   9.624   -1.886  1.00 15.81 ? 28   LEU A CD2 1 
ATOM   215  N N   . ARG A 1 27  ? 1.843   7.397   1.710   1.00 9.34  ? 29   ARG A N   1 
ATOM   216  C CA  . ARG A 1 27  ? 1.700   5.976   1.884   1.00 8.77  ? 29   ARG A CA  1 
ATOM   217  C C   . ARG A 1 27  ? 0.166   5.659   1.951   1.00 8.92  ? 29   ARG A C   1 
ATOM   218  O O   . ARG A 1 27  ? -0.218  4.569   1.473   1.00 9.09  ? 29   ARG A O   1 
ATOM   219  C CB  . ARG A 1 27  ? 2.280   5.516   3.203   1.00 9.04  ? 29   ARG A CB  1 
ATOM   220  C CG  . ARG A 1 27  ? 3.848   5.565   3.180   1.00 10.45 ? 29   ARG A CG  1 
ATOM   221  C CD  . ARG A 1 27  ? 4.466   4.731   2.077   1.00 10.44 ? 29   ARG A CD  1 
ATOM   222  N NE  . ARG A 1 27  ? 4.670   5.530   0.857   1.00 10.97 ? 29   ARG A NE  1 
ATOM   223  C CZ  . ARG A 1 27  ? 4.519   5.066   -0.395  1.00 11.50 ? 29   ARG A CZ  1 
ATOM   224  N NH1 . ARG A 1 27  ? 4.011   3.814   -0.684  1.00 12.39 ? 29   ARG A NH1 1 
ATOM   225  N NH2 . ARG A 1 27  ? 4.997   5.810   -1.435  1.00 14.81 ? 29   ARG A NH2 1 
ATOM   226  N N   . LEU A 1 28  ? -0.631  6.541   2.544   1.00 8.76  ? 30   LEU A N   1 
ATOM   227  C CA  . LEU A 1 28  ? -2.112  6.295   2.561   1.00 9.55  ? 30   LEU A CA  1 
ATOM   228  C C   . LEU A 1 28  ? -2.686  6.330   1.139   1.00 9.58  ? 30   LEU A C   1 
ATOM   229  O O   . LEU A 1 28  ? -3.468  5.417   0.765   1.00 8.67  ? 30   LEU A O   1 
ATOM   230  C CB  . LEU A 1 28  ? -2.785  7.340   3.453   1.00 8.50  ? 30   LEU A CB  1 
ATOM   231  C CG  . LEU A 1 28  ? -4.318  7.284   3.470   1.00 8.98  ? 30   LEU A CG  1 
ATOM   232  C CD1 . LEU A 1 28  ? -4.783  5.875   4.025   1.00 8.76  ? 30   LEU A CD1 1 
ATOM   233  C CD2 . LEU A 1 28  ? -4.782  8.347   4.502   1.00 9.09  ? 30   LEU A CD2 1 
ATOM   234  N N   . HIS A 1 29  ? -2.266  7.273   0.257   1.00 7.91  ? 31   HIS A N   1 
ATOM   235  C CA  . HIS A 1 29  ? -2.761  7.135   -1.129  1.00 8.61  ? 31   HIS A CA  1 
ATOM   236  C C   . HIS A 1 29  ? -2.371  5.824   -1.763  1.00 9.05  ? 31   HIS A C   1 
ATOM   237  O O   . HIS A 1 29  ? -3.127  5.245   -2.481  1.00 9.57  ? 31   HIS A O   1 
ATOM   238  C CB  . HIS A 1 29  ? -2.087  8.302   -1.982  1.00 8.83  ? 31   HIS A CB  1 
ATOM   239  C CG  . HIS A 1 29  ? -2.608  9.661   -1.596  1.00 10.59 ? 31   HIS A CG  1 
ATOM   240  N ND1 . HIS A 1 29  ? -3.914  9.904   -1.246  1.00 11.00 ? 31   HIS A ND1 1 
ATOM   241  C CD2 . HIS A 1 29  ? -1.937  10.885  -1.558  1.00 11.66 ? 31   HIS A CD2 1 
ATOM   242  C CE1 . HIS A 1 29  ? -4.033  11.256  -0.977  1.00 12.83 ? 31   HIS A CE1 1 
ATOM   243  N NE2 . HIS A 1 29  ? -2.843  11.824  -1.149  1.00 12.24 ? 31   HIS A NE2 1 
ATOM   244  N N   . ALA A 1 30  ? -1.123  5.387   -1.499  1.00 7.66  ? 32   ALA A N   1 
ATOM   245  C CA  . ALA A 1 30  ? -0.723  4.074   -2.066  1.00 9.31  ? 32   ALA A CA  1 
ATOM   246  C C   . ALA A 1 30  ? -1.570  2.904   -1.558  1.00 8.99  ? 32   ALA A C   1 
ATOM   247  O O   . ALA A 1 30  ? -1.875  2.005   -2.372  1.00 9.26  ? 32   ALA A O   1 
ATOM   248  C CB  . ALA A 1 30  ? 0.792   3.776   -1.925  1.00 8.80  ? 32   ALA A CB  1 
ATOM   249  N N   . LEU A 1 31  ? -1.871  2.900   -0.267  1.00 9.66  ? 33   LEU A N   1 
ATOM   250  C CA  . LEU A 1 31  ? -2.645  1.766   0.271   1.00 8.57  ? 33   LEU A CA  1 
ATOM   251  C C   . LEU A 1 31  ? -4.090  1.875   -0.251  1.00 8.58  ? 33   LEU A C   1 
ATOM   252  O O   . LEU A 1 31  ? -4.672  0.825   -0.574  1.00 8.28  ? 33   LEU A O   1 
ATOM   253  C CB  . LEU A 1 31  ? -2.646  1.847   1.819   1.00 8.86  ? 33   LEU A CB  1 
ATOM   254  C CG  . LEU A 1 31  ? -1.225  1.464   2.357   1.00 8.46  ? 33   LEU A CG  1 
ATOM   255  C CD1 . LEU A 1 31  ? -1.297  1.867   3.892   1.00 8.72  ? 33   LEU A CD1 1 
ATOM   256  C CD2 . LEU A 1 31  ? -0.963  -0.080  2.270   1.00 8.97  ? 33   LEU A CD2 1 
ATOM   257  N N   . ASN A 1 32  ? -4.651  3.102   -0.392  1.00 8.38  ? 34   ASN A N   1 
ATOM   258  C CA  . ASN A 1 32  ? -6.031  3.168   -0.900  1.00 8.52  ? 34   ASN A CA  1 
ATOM   259  C C   . ASN A 1 32  ? -6.062  2.791   -2.341  1.00 9.91  ? 34   ASN A C   1 
ATOM   260  O O   . ASN A 1 32  ? -6.956  2.038   -2.772  1.00 9.69  ? 34   ASN A O   1 
ATOM   261  C CB  . ASN A 1 32  ? -6.519  4.600   -0.735  1.00 9.48  ? 34   ASN A CB  1 
ATOM   262  C CG  . ASN A 1 32  ? -6.956  4.892   0.727   1.00 12.40 ? 34   ASN A CG  1 
ATOM   263  O OD1 . ASN A 1 32  ? -7.259  3.984   1.514   1.00 13.65 ? 34   ASN A OD1 1 
ATOM   264  N ND2 . ASN A 1 32  ? -7.025  6.237   1.077   1.00 11.51 ? 34   ASN A ND2 1 
ATOM   265  N N   . ASP A 1 33  ? -5.057  3.246   -3.122  1.00 8.74  ? 35   ASP A N   1 
ATOM   266  C CA  . ASP A 1 33  ? -5.066  2.826   -4.547  1.00 9.83  ? 35   ASP A CA  1 
ATOM   267  C C   . ASP A 1 33  ? -4.857  1.284   -4.621  1.00 9.65  ? 35   ASP A C   1 
ATOM   268  O O   . ASP A 1 33  ? -5.527  0.608   -5.421  1.00 9.51  ? 35   ASP A O   1 
ATOM   269  C CB  . ASP A 1 33  ? -3.875  3.548   -5.208  1.00 10.11 ? 35   ASP A CB  1 
ATOM   270  C CG  . ASP A 1 33  ? -3.923  3.538   -6.764  1.00 14.85 ? 35   ASP A CG  1 
ATOM   271  O OD1 . ASP A 1 33  ? -4.570  2.655   -7.398  1.00 14.94 ? 35   ASP A OD1 1 
ATOM   272  O OD2 . ASP A 1 33  ? -3.326  4.519   -7.288  1.00 16.93 ? 35   ASP A OD2 1 
ATOM   273  N N   . LEU A 1 34  ? -4.063  0.696   -3.708  1.00 8.64  ? 36   LEU A N   1 
ATOM   274  C CA  . LEU A 1 34  ? -3.854  -0.728  -3.795  1.00 8.64  ? 36   LEU A CA  1 
ATOM   275  C C   . LEU A 1 34  ? -5.162  -1.505  -3.457  1.00 8.24  ? 36   LEU A C   1 
ATOM   276  O O   . LEU A 1 34  ? -5.468  -2.449  -4.196  1.00 8.95  ? 36   LEU A O   1 
ATOM   277  C CB  . LEU A 1 34  ? -2.800  -1.146  -2.697  1.00 7.99  ? 36   LEU A CB  1 
ATOM   278  C CG  . LEU A 1 34  ? -2.548  -2.676  -2.660  1.00 8.20  ? 36   LEU A CG  1 
ATOM   279  C CD1 . LEU A 1 34  ? -2.000  -3.228  -4.018  1.00 9.17  ? 36   LEU A CD1 1 
ATOM   280  C CD2 . LEU A 1 34  ? -1.348  -2.891  -1.631  1.00 9.31  ? 36   LEU A CD2 1 
ATOM   281  N N   . HIS A 1 35  ? -5.888  -1.143  -2.384  1.00 8.82  ? 37   HIS A N   1 
ATOM   282  C CA  . HIS A 1 35  ? -7.102  -1.986  -2.207  1.00 9.79  ? 37   HIS A CA  1 
ATOM   283  C C   . HIS A 1 35  ? -8.205  -1.757  -3.280  1.00 9.59  ? 37   HIS A C   1 
ATOM   284  O O   . HIS A 1 35  ? -8.897  -2.691  -3.642  1.00 8.82  ? 37   HIS A O   1 
ATOM   285  C CB  . HIS A 1 35  ? -7.717  -1.900  -0.789  1.00 8.67  ? 37   HIS A CB  1 
ATOM   286  C CG  . HIS A 1 35  ? -8.283  -0.554  -0.380  1.00 10.08 ? 37   HIS A CG  1 
ATOM   287  N ND1 . HIS A 1 35  ? -9.571  -0.175  -0.702  1.00 10.18 ? 37   HIS A ND1 1 
ATOM   288  C CD2 . HIS A 1 35  ? -7.813  0.365   0.568   1.00 10.24 ? 37   HIS A CD2 1 
ATOM   289  C CE1 . HIS A 1 35  ? -9.863  1.056   -0.082  1.00 12.55 ? 37   HIS A CE1 1 
ATOM   290  N NE2 . HIS A 1 35  ? -8.790  1.385   0.676   1.00 11.99 ? 37   HIS A NE2 1 
ATOM   291  N N   . LEU A 1 36  ? -8.279  -0.544  -3.848  1.00 8.66  ? 38   LEU A N   1 
ATOM   292  C CA  . LEU A 1 36  ? -9.200  -0.344  -5.017  1.00 9.24  ? 38   LEU A CA  1 
ATOM   293  C C   . LEU A 1 36  ? -8.695  -1.234  -6.153  1.00 9.48  ? 38   LEU A C   1 
ATOM   294  O O   . LEU A 1 36  ? -9.521  -1.882  -6.850  1.00 10.22 ? 38   LEU A O   1 
ATOM   295  C CB  . LEU A 1 36  ? -9.090  1.155   -5.534  1.00 8.72  ? 38   LEU A CB  1 
ATOM   296  C CG  . LEU A 1 36  ? -9.710  2.066   -4.464  1.00 10.42 ? 38   LEU A CG  1 
ATOM   297  C CD1 . LEU A 1 36  ? -9.391  3.549   -4.895  1.00 11.12 ? 38   LEU A CD1 1 
ATOM   298  C CD2 . LEU A 1 36  ? -11.280 1.994   -4.420  1.00 11.53 ? 38   LEU A CD2 1 
ATOM   299  N N   . THR A 1 37  ? -7.399  -1.291  -6.372  1.00 8.64  ? 39   THR A N   1 
ATOM   300  C CA  . THR A 1 37  ? -6.860  -2.034  -7.498  1.00 8.16  ? 39   THR A CA  1 
ATOM   301  C C   . THR A 1 37  ? -7.001  -3.548  -7.226  1.00 8.83  ? 39   THR A C   1 
ATOM   302  O O   . THR A 1 37  ? -7.293  -4.318  -8.172  1.00 8.45  ? 39   THR A O   1 
ATOM   303  C CB  . THR A 1 37  ? -5.350  -1.699  -7.681  1.00 11.12 ? 39   THR A CB  1 
ATOM   304  O OG1 . THR A 1 37  ? -5.300  -0.293  -8.073  1.00 12.58 ? 39   THR A OG1 1 
ATOM   305  C CG2 . THR A 1 37  ? -4.670  -2.565  -8.768  1.00 14.35 ? 39   THR A CG2 1 
ATOM   306  N N   . LEU A 1 38  ? -6.837  -3.991  -5.976  1.00 8.32  ? 40   LEU A N   1 
ATOM   307  C CA  . LEU A 1 38  ? -7.046  -5.460  -5.720  1.00 7.93  ? 40   LEU A CA  1 
ATOM   308  C C   . LEU A 1 38  ? -8.520  -5.817  -5.997  1.00 8.23  ? 40   LEU A C   1 
ATOM   309  O O   . LEU A 1 38  ? -8.738  -6.911  -6.535  1.00 9.41  ? 40   LEU A O   1 
ATOM   310  C CB  . LEU A 1 38  ? -6.772  -5.739  -4.206  1.00 8.70  ? 40   LEU A CB  1 
ATOM   311  C CG  . LEU A 1 38  ? -5.208  -5.673  -3.931  1.00 9.64  ? 40   LEU A CG  1 
ATOM   312  C CD1 . LEU A 1 38  ? -5.082  -5.642  -2.370  1.00 9.29  ? 40   LEU A CD1 1 
ATOM   313  C CD2 . LEU A 1 38  ? -4.524  -6.958  -4.456  1.00 9.91  ? 40   LEU A CD2 1 
ATOM   314  N N   . LYS A 1 39  ? -9.476  -4.956  -5.631  1.00 8.65  ? 41   LYS A N   1 
ATOM   315  C CA  . LYS A 1 39  ? -10.871 -5.328  -5.920  1.00 9.17  ? 41   LYS A CA  1 
ATOM   316  C C   . LYS A 1 39  ? -11.054 -5.330  -7.426  1.00 9.94  ? 41   LYS A C   1 
ATOM   317  O O   . LYS A 1 39  ? -11.748 -6.203  -7.963  1.00 10.03 ? 41   LYS A O   1 
ATOM   318  C CB  . LYS A 1 39  ? -11.849 -4.333  -5.322  1.00 10.32 ? 41   LYS A CB  1 
ATOM   319  C CG  . LYS A 1 39  ? -12.207 -4.604  -3.795  1.00 12.62 ? 41   LYS A CG  1 
ATOM   320  C CD  . LYS A 1 39  ? -12.977 -5.997  -3.844  1.00 16.44 ? 41   LYS A CD  1 
ATOM   321  C CE  . LYS A 1 39  ? -13.745 -6.258  -2.597  1.00 26.78 ? 41   LYS A CE  1 
ATOM   322  N NZ  . LYS A 1 39  ? -14.442 -7.593  -2.793  1.00 19.87 ? 41   LYS A NZ  1 
ATOM   323  N N   . HIS A 1 40  ? -10.485 -4.361  -8.118  1.00 9.62  ? 42   HIS A N   1 
ATOM   324  C CA  . HIS A 1 40  ? -10.565 -4.400  -9.614  1.00 9.61  ? 42   HIS A CA  1 
ATOM   325  C C   . HIS A 1 40  ? -10.055 -5.697  -10.201 1.00 10.27 ? 42   HIS A C   1 
ATOM   326  O O   . HIS A 1 40  ? -10.685 -6.257  -11.129 1.00 9.82  ? 42   HIS A O   1 
ATOM   327  C CB  . HIS A 1 40  ? -9.748  -3.154  -10.132 1.00 9.27  ? 42   HIS A CB  1 
ATOM   328  C CG  . HIS A 1 40  ? -9.645  -3.093  -11.625 1.00 10.43 ? 42   HIS A CG  1 
ATOM   329  N ND1 . HIS A 1 40  ? -10.570 -2.433  -12.409 1.00 11.51 ? 42   HIS A ND1 1 
ATOM   330  C CD2 . HIS A 1 40  ? -8.724  -3.688  -12.497 1.00 11.21 ? 42   HIS A CD2 1 
ATOM   331  C CE1 . HIS A 1 40  ? -10.219 -2.575  -13.712 1.00 11.46 ? 42   HIS A CE1 1 
ATOM   332  N NE2 . HIS A 1 40  ? -9.103  -3.345  -13.779 1.00 11.62 ? 42   HIS A NE2 1 
ATOM   333  N N   . VAL A 1 41  ? -8.919  -6.177  -9.695  1.00 9.48  ? 43   VAL A N   1 
ATOM   334  C CA  . VAL A 1 41  ? -8.406  -7.454  -10.203 1.00 9.12  ? 43   VAL A CA  1 
ATOM   335  C C   . VAL A 1 41  ? -9.403  -8.558  -9.840  1.00 10.78 ? 43   VAL A C   1 
ATOM   336  O O   . VAL A 1 41  ? -9.700  -9.472  -10.639 1.00 10.37 ? 43   VAL A O   1 
ATOM   337  C CB  . VAL A 1 41  ? -6.987  -7.737  -9.622  1.00 9.35  ? 43   VAL A CB  1 
ATOM   338  C CG1 . VAL A 1 41  ? -6.537  -9.117  -10.095 1.00 10.36 ? 43   VAL A CG1 1 
ATOM   339  C CG2 . VAL A 1 41  ? -6.004  -6.658  -10.208 1.00 9.89  ? 43   VAL A CG2 1 
ATOM   340  N N   . HIS A 1 42  ? -9.855  -8.617  -8.591  1.00 9.54  ? 44   HIS A N   1 
ATOM   341  C CA  . HIS A 1 42  ? -10.811 -9.643  -8.149  1.00 11.16 ? 44   HIS A CA  1 
ATOM   342  C C   . HIS A 1 42  ? -12.012 -9.709  -9.108  1.00 10.83 ? 44   HIS A C   1 
ATOM   343  O O   . HIS A 1 42  ? -12.496 -10.798 -9.427  1.00 11.41 ? 44   HIS A O   1 
ATOM   344  C CB  . HIS A 1 42  ? -11.212 -9.227  -6.743  1.00 10.90 ? 44   HIS A CB  1 
ATOM   345  C CG  . HIS A 1 42  ? -12.292 -10.035 -6.092  1.00 14.72 ? 44   HIS A CG  1 
ATOM   346  N ND1 . HIS A 1 42  ? -12.031 -11.184 -5.405  1.00 14.73 ? 44   HIS A ND1 1 
ATOM   347  C CD2 . HIS A 1 42  ? -13.609 -9.669  -5.774  1.00 18.32 ? 44   HIS A CD2 1 
ATOM   348  C CE1 . HIS A 1 42  ? -13.143 -11.681 -4.805  1.00 17.42 ? 44   HIS A CE1 1 
ATOM   349  N NE2 . HIS A 1 42  ? -14.154 -10.711 -5.043  1.00 22.94 ? 44   HIS A NE2 1 
ATOM   350  N N   . TRP A 1 43  ? -12.520 -8.574  -9.532  1.00 10.08 ? 45   TRP A N   1 
ATOM   351  C CA  . TRP A 1 43  ? -13.742 -8.592  -10.381 1.00 10.45 ? 45   TRP A CA  1 
ATOM   352  C C   . TRP A 1 43  ? -13.458 -8.962  -11.795 1.00 13.34 ? 45   TRP A C   1 
ATOM   353  O O   . TRP A 1 43  ? -14.346 -9.498  -12.467 1.00 13.70 ? 45   TRP A O   1 
ATOM   354  C CB  . TRP A 1 43  ? -14.354 -7.175  -10.406 1.00 10.34 ? 45   TRP A CB  1 
ATOM   355  C CG  . TRP A 1 43  ? -14.820 -6.700  -9.056  1.00 10.59 ? 45   TRP A CG  1 
ATOM   356  C CD1 . TRP A 1 43  ? -15.366 -7.443  -8.030  1.00 10.38 ? 45   TRP A CD1 1 
ATOM   357  C CD2 . TRP A 1 43  ? -14.766 -5.332  -8.570  1.00 10.69 ? 45   TRP A CD2 1 
ATOM   358  N NE1 . TRP A 1 43  ? -15.625 -6.661  -6.943  1.00 10.83 ? 45   TRP A NE1 1 
ATOM   359  C CE2 . TRP A 1 43  ? -15.306 -5.353  -7.228  1.00 10.26 ? 45   TRP A CE2 1 
ATOM   360  C CE3 . TRP A 1 43  ? -14.338 -4.108  -9.136  1.00 10.19 ? 45   TRP A CE3 1 
ATOM   361  C CZ2 . TRP A 1 43  ? -15.421 -4.196  -6.417  1.00 10.89 ? 45   TRP A CZ2 1 
ATOM   362  C CZ3 . TRP A 1 43  ? -14.514 -2.926  -8.337  1.00 10.04 ? 45   TRP A CZ3 1 
ATOM   363  C CH2 . TRP A 1 43  ? -15.040 -2.935  -7.021  1.00 10.26 ? 45   TRP A CH2 1 
ATOM   364  N N   . ASN A 1 44  ? -12.231 -8.736  -12.269 1.00 10.48 ? 46   ASN A N   1 
ATOM   365  C CA  . ASN A 1 44  ? -11.960 -8.792  -13.706 1.00 11.61 ? 46   ASN A CA  1 
ATOM   366  C C   . ASN A 1 44  ? -10.949 -9.869  -14.103 1.00 12.93 ? 46   ASN A C   1 
ATOM   367  O O   . ASN A 1 44  ? -10.525 -9.911  -15.252 1.00 14.12 ? 46   ASN A O   1 
ATOM   368  C CB  . ASN A 1 44  ? -11.413 -7.422  -14.168 1.00 12.50 ? 46   ASN A CB  1 
ATOM   369  C CG  . ASN A 1 44  ? -12.504 -6.323  -14.033 1.00 14.74 ? 46   ASN A CG  1 
ATOM   370  O OD1 . ASN A 1 44  ? -12.350 -5.291  -13.298 1.00 15.69 ? 46   ASN A OD1 1 
ATOM   371  N ND2 . ASN A 1 44  ? -13.658 -6.601  -14.656 1.00 12.39 ? 46   ASN A ND2 1 
ATOM   372  N N   . VAL A 1 45  ? -10.639 -10.817 -13.225 1.00 11.65 ? 47   VAL A N   1 
ATOM   373  C CA  A VAL A 1 45  ? -9.860  -11.984 -13.603 0.50 10.42 ? 47   VAL A CA  1 
ATOM   374  C CA  B VAL A 1 45  ? -9.856  -11.918 -13.652 0.50 10.62 ? 47   VAL A CA  1 
ATOM   375  C C   . VAL A 1 45  ? -10.755 -13.022 -14.313 1.00 10.41 ? 47   VAL A C   1 
ATOM   376  O O   . VAL A 1 45  ? -11.898 -13.190 -13.896 1.00 11.74 ? 47   VAL A O   1 
ATOM   377  C CB  A VAL A 1 45  ? -9.251  -12.718 -12.328 0.50 10.52 ? 47   VAL A CB  1 
ATOM   378  C CB  B VAL A 1 45  ? -9.077  -12.471 -12.409 0.50 11.49 ? 47   VAL A CB  1 
ATOM   379  C CG1 A VAL A 1 45  ? -7.993  -12.009 -11.883 0.50 10.43 ? 47   VAL A CG1 1 
ATOM   380  C CG1 B VAL A 1 45  ? -9.999  -12.943 -11.257 0.50 11.67 ? 47   VAL A CG1 1 
ATOM   381  C CG2 A VAL A 1 45  ? -10.238 -12.855 -11.139 0.50 10.68 ? 47   VAL A CG2 1 
ATOM   382  C CG2 B VAL A 1 45  ? -8.130  -13.510 -12.887 0.50 11.80 ? 47   VAL A CG2 1 
ATOM   383  N N   . VAL A 1 46  ? -10.217 -13.707 -15.300 1.00 9.84  ? 48   VAL A N   1 
ATOM   384  C CA  . VAL A 1 46  ? -10.938 -14.797 -16.028 1.00 10.81 ? 48   VAL A CA  1 
ATOM   385  C C   . VAL A 1 46  ? -9.970  -15.958 -16.243 1.00 11.72 ? 48   VAL A C   1 
ATOM   386  O O   . VAL A 1 46  ? -8.752  -15.889 -15.975 1.00 12.32 ? 48   VAL A O   1 
ATOM   387  C CB  . VAL A 1 46  ? -11.478 -14.237 -17.424 1.00 11.68 ? 48   VAL A CB  1 
ATOM   388  C CG1 . VAL A 1 46  ? -12.549 -13.143 -17.121 1.00 14.47 ? 48   VAL A CG1 1 
ATOM   389  C CG2 . VAL A 1 46  ? -10.343 -13.713 -18.330 1.00 13.24 ? 48   VAL A CG2 1 
ATOM   390  N N   . GLY A 1 47  ? -10.538 -16.994 -16.847 1.00 11.76 ? 49   GLY A N   1 
ATOM   391  C CA  . GLY A 1 47  ? -9.755  -18.151 -17.259 1.00 11.78 ? 49   GLY A CA  1 
ATOM   392  C C   . GLY A 1 47  ? -9.774  -19.175 -16.163 1.00 12.24 ? 49   GLY A C   1 
ATOM   393  O O   . GLY A 1 47  ? -10.375 -19.050 -15.140 1.00 11.92 ? 49   GLY A O   1 
ATOM   394  N N   . PRO A 1 48  ? -9.066  -20.334 -16.402 1.00 13.72 ? 50   PRO A N   1 
ATOM   395  C CA  . PRO A 1 48  ? -9.224  -21.545 -15.633 1.00 14.36 ? 50   PRO A CA  1 
ATOM   396  C C   . PRO A 1 48  ? -8.722  -21.432 -14.242 1.00 14.82 ? 50   PRO A C   1 
ATOM   397  O O   . PRO A 1 48  ? -9.140  -22.249 -13.382 1.00 14.99 ? 50   PRO A O   1 
ATOM   398  C CB  . PRO A 1 48  ? -8.350  -22.572 -16.425 1.00 18.30 ? 50   PRO A CB  1 
ATOM   399  C CG  . PRO A 1 48  ? -8.030  -22.014 -17.675 1.00 24.38 ? 50   PRO A CG  1 
ATOM   400  C CD  . PRO A 1 48  ? -8.398  -20.541 -17.715 1.00 16.79 ? 50   PRO A CD  1 
ATOM   401  N N   . HIS A 1 49  ? -7.920  -20.393 -13.919 1.00 13.59 ? 51   HIS A N   1 
ATOM   402  C CA  . HIS A 1 49  ? -7.560  -20.165 -12.489 1.00 13.39 ? 51   HIS A CA  1 
ATOM   403  C C   . HIS A 1 49  ? -8.443  -19.132 -11.819 1.00 14.52 ? 51   HIS A C   1 
ATOM   404  O O   . HIS A 1 49  ? -8.084  -18.633 -10.774 1.00 16.47 ? 51   HIS A O   1 
ATOM   405  C CB  . HIS A 1 49  ? -6.071  -19.673 -12.448 1.00 13.42 ? 51   HIS A CB  1 
ATOM   406  C CG  . HIS A 1 49  ? -5.131  -20.735 -12.990 1.00 16.03 ? 51   HIS A CG  1 
ATOM   407  N ND1 . HIS A 1 49  ? -4.792  -21.840 -12.183 1.00 19.42 ? 51   HIS A ND1 1 
ATOM   408  C CD2 . HIS A 1 49  ? -4.498  -20.869 -14.148 1.00 19.73 ? 51   HIS A CD2 1 
ATOM   409  C CE1 . HIS A 1 49  ? -3.966  -22.620 -12.952 1.00 17.68 ? 51   HIS A CE1 1 
ATOM   410  N NE2 . HIS A 1 49  ? -3.832  -22.084 -14.116 1.00 18.28 ? 51   HIS A NE2 1 
ATOM   411  N N   . PHE A 1 50  ? -9.626  -18.802 -12.419 1.00 13.06 ? 52   PHE A N   1 
ATOM   412  C CA  . PHE A 1 50  ? -10.426 -17.727 -11.843 1.00 15.81 ? 52   PHE A CA  1 
ATOM   413  C C   . PHE A 1 50  ? -10.665 -17.867 -10.327 1.00 15.25 ? 52   PHE A C   1 
ATOM   414  O O   . PHE A 1 50  ? -10.402 -16.964 -9.593  1.00 14.80 ? 52   PHE A O   1 
ATOM   415  C CB  . PHE A 1 50  ? -11.885 -17.806 -12.546 1.00 14.14 ? 52   PHE A CB  1 
ATOM   416  C CG  . PHE A 1 50  ? -12.870 -16.891 -11.887 1.00 12.89 ? 52   PHE A CG  1 
ATOM   417  C CD1 . PHE A 1 50  ? -12.802 -15.503 -12.116 1.00 15.09 ? 52   PHE A CD1 1 
ATOM   418  C CD2 . PHE A 1 50  ? -13.944 -17.412 -11.154 1.00 14.29 ? 52   PHE A CD2 1 
ATOM   419  C CE1 . PHE A 1 50  ? -13.766 -14.621 -11.510 1.00 14.76 ? 52   PHE A CE1 1 
ATOM   420  C CE2 . PHE A 1 50  ? -14.797 -16.602 -10.509 1.00 14.60 ? 52   PHE A CE2 1 
ATOM   421  C CZ  . PHE A 1 50  ? -14.794 -15.169 -10.684 1.00 16.49 ? 52   PHE A CZ  1 
ATOM   422  N N   . ILE A 1 51  ? -11.258 -18.994 -9.903  1.00 15.58 ? 53   ILE A N   1 
ATOM   423  C CA  . ILE A 1 51  ? -11.855 -18.964 -8.535  1.00 15.56 ? 53   ILE A CA  1 
ATOM   424  C C   . ILE A 1 51  ? -10.697 -18.885 -7.546  1.00 17.87 ? 53   ILE A C   1 
ATOM   425  O O   . ILE A 1 51  ? -10.750 -18.223 -6.469  1.00 16.84 ? 53   ILE A O   1 
ATOM   426  C CB  . ILE A 1 51  ? -12.968 -20.102 -8.354  1.00 13.32 ? 53   ILE A CB  1 
ATOM   427  C CG1 . ILE A 1 51  ? -13.727 -19.915 -6.989  1.00 14.70 ? 53   ILE A CG1 1 
ATOM   428  C CG2 . ILE A 1 51  ? -12.245 -21.483 -8.281  1.00 16.06 ? 53   ILE A CG2 1 
ATOM   429  C CD1 . ILE A 1 51  ? -14.589 -18.637 -7.127  1.00 17.60 ? 53   ILE A CD1 1 
ATOM   430  N N   . ALA A 1 52  ? -9.585  -19.585 -7.841  1.00 16.59 ? 54   ALA A N   1 
ATOM   431  C CA  . ALA A 1 52  ? -8.495  -19.548 -6.899  1.00 19.74 ? 54   ALA A CA  1 
ATOM   432  C C   . ALA A 1 52  ? -7.909  -18.161 -6.691  1.00 20.25 ? 54   ALA A C   1 
ATOM   433  O O   . ALA A 1 52  ? -7.647  -17.753 -5.539  1.00 19.42 ? 54   ALA A O   1 
ATOM   434  C CB  . ALA A 1 52  ? -7.354  -20.525 -7.351  1.00 20.73 ? 54   ALA A CB  1 
ATOM   435  N N   . VAL A 1 53  ? -7.661  -17.441 -7.781  1.00 16.12 ? 55   VAL A N   1 
ATOM   436  C CA  . VAL A 1 53  ? -7.133  -16.126 -7.664  1.00 13.45 ? 55   VAL A CA  1 
ATOM   437  C C   . VAL A 1 53  ? -8.151  -15.135 -7.014  1.00 14.02 ? 55   VAL A C   1 
ATOM   438  O O   . VAL A 1 53  ? -7.820  -14.276 -6.236  1.00 14.58 ? 55   VAL A O   1 
ATOM   439  C CB  . VAL A 1 53  ? -6.571  -15.673 -9.058  1.00 16.76 ? 55   VAL A CB  1 
ATOM   440  C CG1 . VAL A 1 53  ? -6.193  -14.234 -9.040  1.00 19.02 ? 55   VAL A CG1 1 
ATOM   441  C CG2 . VAL A 1 53  ? -5.410  -16.651 -9.422  1.00 20.19 ? 55   VAL A CG2 1 
ATOM   442  N N   . HIS A 1 54  ? -9.398  -15.282 -7.500  1.00 14.99 ? 56   HIS A N   1 
ATOM   443  C CA  . HIS A 1 54  ? -10.485 -14.390 -7.070  1.00 18.59 ? 56   HIS A CA  1 
ATOM   444  C C   . HIS A 1 54  ? -10.572 -14.537 -5.605  1.00 16.38 ? 56   HIS A C   1 
ATOM   445  O O   . HIS A 1 54  ? -10.607 -13.510 -4.902  1.00 19.22 ? 56   HIS A O   1 
ATOM   446  C CB  . HIS A 1 54  ? -11.770 -14.883 -7.779  1.00 16.72 ? 56   HIS A CB  1 
ATOM   447  C CG  . HIS A 1 54  ? -13.010 -14.260 -7.345  1.00 18.46 ? 56   HIS A CG  1 
ATOM   448  N ND1 . HIS A 1 54  ? -13.503 -13.069 -7.979  1.00 19.86 ? 56   HIS A ND1 1 
ATOM   449  C CD2 . HIS A 1 54  ? -13.965 -14.705 -6.473  1.00 15.29 ? 56   HIS A CD2 1 
ATOM   450  C CE1 . HIS A 1 54  ? -14.724 -12.756 -7.331  1.00 18.92 ? 56   HIS A CE1 1 
ATOM   451  N NE2 . HIS A 1 54  ? -15.012 -13.735 -6.427  1.00 23.42 ? 56   HIS A NE2 1 
ATOM   452  N N   . GLU A 1 55  ? -10.601 -15.780 -5.104  1.00 18.47 ? 57   GLU A N   1 
ATOM   453  C CA  . GLU A 1 55  ? -10.720 -15.969 -3.622  1.00 19.04 ? 57   GLU A CA  1 
ATOM   454  C C   . GLU A 1 55  ? -9.442  -15.525 -2.956  1.00 20.36 ? 57   GLU A C   1 
ATOM   455  O O   . GLU A 1 55  ? -9.554  -14.949 -1.791  1.00 18.71 ? 57   GLU A O   1 
ATOM   456  C CB  . GLU A 1 55  ? -11.081 -17.415 -3.174  1.00 22.20 ? 57   GLU A CB  1 
ATOM   457  C CG  . GLU A 1 55  ? -12.289 -17.887 -3.980  1.00 27.79 ? 57   GLU A CG  1 
ATOM   458  C CD  . GLU A 1 55  ? -13.601 -17.762 -3.407  1.00 44.37 ? 57   GLU A CD  1 
ATOM   459  O OE1 . GLU A 1 55  ? -14.070 -16.615 -3.373  1.00 51.37 ? 57   GLU A OE1 1 
ATOM   460  O OE2 . GLU A 1 55  ? -14.208 -18.850 -3.208  1.00 45.16 ? 57   GLU A OE2 1 
ATOM   461  N N   . MET A 1 56  ? -8.299  -15.786 -3.546  1.00 17.03 ? 58   MET A N   1 
ATOM   462  C CA  . MET A 1 56  ? -7.025  -15.428 -2.786  1.00 11.59 ? 58   MET A CA  1 
ATOM   463  C C   . MET A 1 56  ? -6.816  -13.849 -2.487  1.00 15.89 ? 58   MET A C   1 
ATOM   464  O O   . MET A 1 56  ? -6.194  -13.383 -1.494  1.00 14.93 ? 58   MET A O   1 
ATOM   465  C CB  . MET A 1 56  ? -5.861  -15.791 -3.584  1.00 14.68 ? 58   MET A CB  1 
ATOM   466  C CG  . MET A 1 56  ? -4.486  -15.343 -3.047  1.00 17.20 ? 58   MET A CG  1 
ATOM   467  S SD  . MET A 1 56  ? -3.066  -15.942 -4.129  1.00 20.28 ? 58   MET A SD  1 
ATOM   468  C CE  . MET A 1 56  ? -2.681  -14.561 -5.300  1.00 22.35 ? 58   MET A CE  1 
ATOM   469  N N   . ILE A 1 57  ? -7.346  -13.043 -3.389  1.00 15.75 ? 59   ILE A N   1 
ATOM   470  C CA  . ILE A 1 57  ? -7.219  -11.555 -3.215  1.00 14.98 ? 59   ILE A CA  1 
ATOM   471  C C   . ILE A 1 57  ? -8.080  -11.096 -2.060  1.00 14.70 ? 59   ILE A C   1 
ATOM   472  O O   . ILE A 1 57  ? -7.800  -10.086 -1.408  1.00 12.74 ? 59   ILE A O   1 
ATOM   473  C CB  . ILE A 1 57  ? -7.665  -10.904 -4.586  1.00 14.38 ? 59   ILE A CB  1 
ATOM   474  C CG1 . ILE A 1 57  ? -6.572  -11.158 -5.557  1.00 16.99 ? 59   ILE A CG1 1 
ATOM   475  C CG2 . ILE A 1 57  ? -8.043  -9.397  -4.350  1.00 13.94 ? 59   ILE A CG2 1 
ATOM   476  C CD1 . ILE A 1 57  ? -6.982  -10.701 -6.998  1.00 21.56 ? 59   ILE A CD1 1 
ATOM   477  N N   . ASP A 1 58  ? -9.218  -11.788 -1.806  1.00 14.28 ? 60   ASP A N   1 
ATOM   478  C CA  . ASP A 1 58  ? -10.175 -11.130 -0.852  1.00 18.59 ? 60   ASP A CA  1 
ATOM   479  C C   . ASP A 1 58  ? -9.571  -10.906 0.593   1.00 14.60 ? 60   ASP A C   1 
ATOM   480  O O   . ASP A 1 58  ? -9.823  -9.795  1.125   1.00 17.77 ? 60   ASP A O   1 
ATOM   481  C CB  . ASP A 1 58  ? -11.609 -11.798 -0.999  1.00 28.61 ? 60   ASP A CB  1 
ATOM   482  C CG  . ASP A 1 58  ? -12.684 -10.770 -1.667  1.00 31.78 ? 60   ASP A CG  1 
ATOM   483  O OD1 . ASP A 1 58  ? -12.475 -9.386  -2.089  1.00 26.13 ? 60   ASP A OD1 1 
ATOM   484  O OD2 . ASP A 1 58  ? -13.797 -11.312 -1.694  1.00 47.13 ? 60   ASP A OD2 1 
ATOM   485  N N   . PRO A 1 59  ? -8.834  -11.819 1.187   1.00 16.59 ? 61   PRO A N   1 
ATOM   486  C CA  . PRO A 1 59  ? -8.333  -11.444 2.479   1.00 16.82 ? 61   PRO A CA  1 
ATOM   487  C C   . PRO A 1 59  ? -7.238  -10.336 2.407   1.00 16.36 ? 61   PRO A C   1 
ATOM   488  O O   . PRO A 1 59  ? -7.057  -9.623  3.398   1.00 16.32 ? 61   PRO A O   1 
ATOM   489  C CB  . PRO A 1 59  ? -7.692  -12.682 3.034   1.00 21.08 ? 61   PRO A CB  1 
ATOM   490  C CG  . PRO A 1 59  ? -7.450  -13.619 1.863   1.00 23.87 ? 61   PRO A CG  1 
ATOM   491  C CD  . PRO A 1 59  ? -8.635  -13.324 0.968   1.00 18.15 ? 61   PRO A CD  1 
ATOM   492  N N   . GLN A 1 60  ? -6.522  -10.228 1.285   1.00 13.16 ? 62   GLN A N   1 
ATOM   493  C CA  . GLN A 1 60  ? -5.551  -9.160  1.161   1.00 11.63 ? 62   GLN A CA  1 
ATOM   494  C C   . GLN A 1 60  ? -6.273  -7.792  1.006   1.00 9.67  ? 62   GLN A C   1 
ATOM   495  O O   . GLN A 1 60  ? -5.795  -6.802  1.557   1.00 11.34 ? 62   GLN A O   1 
ATOM   496  C CB  . GLN A 1 60  ? -4.692  -9.446  -0.063  1.00 11.78 ? 62   GLN A CB  1 
ATOM   497  C CG  . GLN A 1 60  ? -3.712  -8.322  -0.300  1.00 12.50 ? 62   GLN A CG  1 
ATOM   498  C CD  . GLN A 1 60  ? -2.566  -8.189  0.778   1.00 16.30 ? 62   GLN A CD  1 
ATOM   499  O OE1 . GLN A 1 60  ? -2.557  -8.853  1.919   1.00 21.51 ? 62   GLN A OE1 1 
ATOM   500  N NE2 . GLN A 1 60  ? -1.620  -7.377  0.471   1.00 13.42 ? 62   GLN A NE2 1 
ATOM   501  N N   . VAL A 1 61  ? -7.442  -7.767  0.345   1.00 10.32 ? 63   VAL A N   1 
ATOM   502  C CA  . VAL A 1 61  ? -8.243  -6.518  0.263   1.00 9.78  ? 63   VAL A CA  1 
ATOM   503  C C   . VAL A 1 61  ? -8.540  -6.060  1.682   1.00 9.32  ? 63   VAL A C   1 
ATOM   504  O O   . VAL A 1 61  ? -8.379  -4.898  2.079   1.00 9.36  ? 63   VAL A O   1 
ATOM   505  C CB  . VAL A 1 61  ? -9.594  -6.747  -0.478  1.00 11.08 ? 63   VAL A CB  1 
ATOM   506  C CG1 . VAL A 1 61  ? -10.500 -5.496  -0.320  1.00 13.07 ? 63   VAL A CG1 1 
ATOM   507  C CG2 . VAL A 1 61  ? -9.271  -6.925  -1.981  1.00 11.55 ? 63   VAL A CG2 1 
ATOM   508  N N   . ASP A 1 62  ? -8.988  -7.028  2.500   1.00 11.30 ? 64   ASP A N   1 
ATOM   509  C CA  . ASP A 1 62  ? -9.371  -6.669  3.868   1.00 11.24 ? 64   ASP A CA  1 
ATOM   510  C C   . ASP A 1 62  ? -8.166  -6.204  4.687   1.00 12.20 ? 64   ASP A C   1 
ATOM   511  O O   . ASP A 1 62  ? -8.279  -5.226  5.423   1.00 10.66 ? 64   ASP A O   1 
ATOM   512  C CB  . ASP A 1 62  ? -9.951  -7.915  4.647   1.00 14.74 ? 64   ASP A CB  1 
ATOM   513  C CG  . ASP A 1 62  ? -11.291 -8.433  4.026   1.00 20.85 ? 64   ASP A CG  1 
ATOM   514  O OD1 . ASP A 1 62  ? -11.959 -7.674  3.316   1.00 22.24 ? 64   ASP A OD1 1 
ATOM   515  O OD2 . ASP A 1 62  ? -11.567 -9.658  4.286   1.00 23.43 ? 64   ASP A OD2 1 
ATOM   516  N N   . GLN A 1 63  ? -7.037  -6.885  4.515   1.00 9.44  ? 65   GLN A N   1 
ATOM   517  C CA  A GLN A 1 63  ? -5.827  -6.527  5.268   0.30 10.18 ? 65   GLN A CA  1 
ATOM   518  C CA  B GLN A 1 63  ? -5.812  -6.548  5.261   0.70 10.51 ? 65   GLN A CA  1 
ATOM   519  C C   . GLN A 1 63  ? -5.303  -5.149  4.841   1.00 9.69  ? 65   GLN A C   1 
ATOM   520  O O   . GLN A 1 63  ? -4.847  -4.309  5.709   1.00 10.31 ? 65   GLN A O   1 
ATOM   521  C CB  A GLN A 1 63  ? -4.758  -7.639  5.133   0.30 11.35 ? 65   GLN A CB  1 
ATOM   522  C CB  B GLN A 1 63  ? -4.690  -7.608  5.008   0.70 12.96 ? 65   GLN A CB  1 
ATOM   523  C CG  A GLN A 1 63  ? -5.125  -8.814  6.048   0.30 12.73 ? 65   GLN A CG  1 
ATOM   524  C CG  B GLN A 1 63  ? -3.503  -7.232  5.886   0.70 17.55 ? 65   GLN A CG  1 
ATOM   525  C CD  A GLN A 1 63  ? -4.321  -10.096 5.873   0.30 15.72 ? 65   GLN A CD  1 
ATOM   526  C CD  B GLN A 1 63  ? -2.676  -8.303  6.723   0.70 27.32 ? 65   GLN A CD  1 
ATOM   527  O OE1 A GLN A 1 63  ? -4.867  -11.107 5.460   0.30 19.71 ? 65   GLN A OE1 1 
ATOM   528  O OE1 B GLN A 1 63  ? -2.740  -9.548  6.605   0.70 33.24 ? 65   GLN A OE1 1 
ATOM   529  N NE2 A GLN A 1 63  ? -3.104  -10.107 6.364   0.30 16.59 ? 65   GLN A NE2 1 
ATOM   530  N NE2 B GLN A 1 63  ? -1.854  -7.742  7.577   0.70 25.41 ? 65   GLN A NE2 1 
ATOM   531  N N   . VAL A 1 64  ? -5.339  -4.874  3.537   1.00 8.65  ? 66   VAL A N   1 
ATOM   532  C CA  . VAL A 1 64  ? -4.865  -3.550  3.059   1.00 8.19  ? 66   VAL A CA  1 
ATOM   533  C C   . VAL A 1 64  ? -5.806  -2.416  3.483   1.00 9.58  ? 66   VAL A C   1 
ATOM   534  O O   . VAL A 1 64  ? -5.344  -1.307  3.836   1.00 9.30  ? 66   VAL A O   1 
ATOM   535  C CB  . VAL A 1 64  ? -4.683  -3.583  1.489   1.00 7.96  ? 66   VAL A CB  1 
ATOM   536  C CG1 . VAL A 1 64  ? -4.330  -2.170  0.914   1.00 7.50  ? 66   VAL A CG1 1 
ATOM   537  C CG2 . VAL A 1 64  ? -3.510  -4.582  1.137   1.00 7.70  ? 66   VAL A CG2 1 
ATOM   538  N N   . ARG A 1 65  ? -7.110  -2.683  3.479   1.00 9.22  ? 67   ARG A N   1 
ATOM   539  C CA  . ARG A 1 65  ? -8.016  -1.626  4.019   1.00 9.64  ? 67   ARG A CA  1 
ATOM   540  C C   . ARG A 1 65  ? -7.699  -1.371  5.522   1.00 9.93  ? 67   ARG A C   1 
ATOM   541  O O   . ARG A 1 65  ? -7.763  -0.183  5.949   1.00 10.98 ? 67   ARG A O   1 
ATOM   542  C CB  . ARG A 1 65  ? -9.533  -2.078  3.903   1.00 8.83  ? 67   ARG A CB  1 
ATOM   543  C CG  . ARG A 1 65  ? -9.945  -1.985  2.400   1.00 8.70  ? 67   ARG A CG  1 
ATOM   544  C CD  . ARG A 1 65  ? -11.290 -2.816  2.244   1.00 10.54 ? 67   ARG A CD  1 
ATOM   545  N NE  . ARG A 1 65  ? -11.818 -2.563  0.866   1.00 11.32 ? 67   ARG A NE  1 
ATOM   546  C CZ  . ARG A 1 65  ? -12.951 -3.181  0.412   1.00 12.60 ? 67   ARG A CZ  1 
ATOM   547  N NH1 . ARG A 1 65  ? -13.539 -4.149  1.189   1.00 12.36 ? 67   ARG A NH1 1 
ATOM   548  N NH2 . ARG A 1 65  ? -13.390 -2.816  -0.758  1.00 12.27 ? 67   ARG A NH2 1 
ATOM   549  N N   . ASP A 1 66  ? -7.383  -2.406  6.289   1.00 9.20  ? 68   ASP A N   1 
ATOM   550  C CA  . ASP A 1 66  ? -7.025  -2.236  7.691   1.00 11.71 ? 68   ASP A CA  1 
ATOM   551  C C   . ASP A 1 66  ? -5.713  -1.391  7.796   1.00 11.70 ? 68   ASP A C   1 
ATOM   552  O O   . ASP A 1 66  ? -5.579  -0.515  8.674   1.00 11.20 ? 68   ASP A O   1 
ATOM   553  C CB  . ASP A 1 66  ? -6.798  -3.588  8.408   1.00 13.72 ? 68   ASP A CB  1 
ATOM   554  C CG  . ASP A 1 66  ? -8.116  -4.346  8.756   1.00 22.52 ? 68   ASP A CG  1 
ATOM   555  O OD1 . ASP A 1 66  ? -9.150  -3.733  8.703   1.00 20.50 ? 68   ASP A OD1 1 
ATOM   556  O OD2 . ASP A 1 66  ? -7.990  -5.563  9.111   1.00 25.89 ? 68   ASP A OD2 1 
ATOM   557  N N   . MET A 1 67  ? -4.721  -1.721  6.953   1.00 10.77 ? 69   MET A N   1 
ATOM   558  C CA  . MET A 1 67  ? -3.436  -0.933  6.934   1.00 10.12 ? 69   MET A CA  1 
ATOM   559  C C   . MET A 1 67  ? -3.756  0.556   6.640   1.00 9.41  ? 69   MET A C   1 
ATOM   560  O O   . MET A 1 67  ? -3.211  1.418   7.368   1.00 9.10  ? 69   MET A O   1 
ATOM   561  C CB  . MET A 1 67  ? -2.505  -1.439  5.763   1.00 10.19 ? 69   MET A CB  1 
ATOM   562  C CG  . MET A 1 67  ? -1.984  -2.877  6.144   1.00 11.38 ? 69   MET A CG  1 
ATOM   563  S SD  . MET A 1 67  ? -0.911  -3.227  4.684   1.00 13.42 ? 69   MET A SD  1 
ATOM   564  C CE  . MET A 1 67  ? -0.816  -5.000  4.971   1.00 15.32 ? 69   MET A CE  1 
ATOM   565  N N   . ALA A 1 68  ? -4.634  0.834   5.691   1.00 8.44  ? 70   ALA A N   1 
ATOM   566  C CA  . ALA A 1 68  ? -4.924  2.249   5.332   1.00 9.06  ? 70   ALA A CA  1 
ATOM   567  C C   . ALA A 1 68  ? -5.555  2.935   6.553   1.00 10.49 ? 70   ALA A C   1 
ATOM   568  O O   . ALA A 1 68  ? -5.228  4.084   6.875   1.00 10.39 ? 70   ALA A O   1 
ATOM   569  C CB  . ALA A 1 68  ? -5.920  2.286   4.114   1.00 7.54  ? 70   ALA A CB  1 
ATOM   570  N N   . ASP A 1 69  ? -6.519  2.260   7.236   1.00 10.01 ? 71   ASP A N   1 
ATOM   571  C CA  A ASP A 1 69  ? -7.166  2.799   8.461   0.50 10.59 ? 71   ASP A CA  1 
ATOM   572  C CA  B ASP A 1 69  ? -7.158  2.915   8.361   0.50 9.47  ? 71   ASP A CA  1 
ATOM   573  C C   . ASP A 1 69  ? -6.111  3.142   9.469   1.00 9.66  ? 71   ASP A C   1 
ATOM   574  O O   . ASP A 1 69  ? -6.182  4.236   10.114  1.00 9.86  ? 71   ASP A O   1 
ATOM   575  C CB  A ASP A 1 69  ? -8.073  1.715   9.166   0.50 11.67 ? 71   ASP A CB  1 
ATOM   576  C CB  B ASP A 1 69  ? -8.238  1.974   8.899   0.50 9.74  ? 71   ASP A CB  1 
ATOM   577  C CG  A ASP A 1 69  ? -9.395  1.547   8.468   0.50 15.58 ? 71   ASP A CG  1 
ATOM   578  C CG  B ASP A 1 69  ? -9.103  2.614   9.873   0.50 9.99  ? 71   ASP A CG  1 
ATOM   579  O OD1 A ASP A 1 69  ? -9.750  2.564   7.850   0.50 15.57 ? 71   ASP A OD1 1 
ATOM   580  O OD1 B ASP A 1 69  ? -9.983  3.456   9.578   0.50 9.55  ? 71   ASP A OD1 1 
ATOM   581  O OD2 A ASP A 1 69  ? -10.104 0.468   8.544   0.50 16.37 ? 71   ASP A OD2 1 
ATOM   582  O OD2 B ASP A 1 69  ? -8.980  2.187   11.008  0.50 11.16 ? 71   ASP A OD2 1 
ATOM   583  N N   . ASP A 1 70  ? -5.144  2.229   9.661   1.00 9.06  ? 72   ASP A N   1 
ATOM   584  C CA  . ASP A 1 70  ? -4.223  2.482   10.780  1.00 9.26  ? 72   ASP A CA  1 
ATOM   585  C C   . ASP A 1 70  ? -3.215  3.625   10.394  1.00 8.86  ? 72   ASP A C   1 
ATOM   586  O O   . ASP A 1 70  ? -2.834  4.440   11.261  1.00 9.97  ? 72   ASP A O   1 
ATOM   587  C CB  . ASP A 1 70  ? -3.354  1.224   11.071  1.00 10.28 ? 72   ASP A CB  1 
ATOM   588  C CG  . ASP A 1 70  ? -4.174  0.122   11.774  1.00 13.98 ? 72   ASP A CG  1 
ATOM   589  O OD1 . ASP A 1 70  ? -5.225  0.472   12.408  1.00 13.08 ? 72   ASP A OD1 1 
ATOM   590  O OD2 . ASP A 1 70  ? -3.811  -1.037  11.716  1.00 14.46 ? 72   ASP A OD2 1 
ATOM   591  N N   . VAL A 1 71  ? -2.826  3.669   9.080   1.00 7.94  ? 73   VAL A N   1 
ATOM   592  C CA  . VAL A 1 71  ? -1.979  4.878   8.679   1.00 7.77  ? 73   VAL A CA  1 
ATOM   593  C C   . VAL A 1 71  ? -2.766  6.141   8.813   1.00 8.12  ? 73   VAL A C   1 
ATOM   594  O O   . VAL A 1 71  ? -2.257  7.175   9.305   1.00 7.68  ? 73   VAL A O   1 
ATOM   595  C CB  . VAL A 1 71  ? -1.458  4.669   7.229   1.00 7.83  ? 73   VAL A CB  1 
ATOM   596  C CG1 . VAL A 1 71  ? -0.827  5.981   6.666   1.00 7.76  ? 73   VAL A CG1 1 
ATOM   597  C CG2 . VAL A 1 71  ? -0.422  3.489   7.193   1.00 8.38  ? 73   VAL A CG2 1 
ATOM   598  N N   . ALA A 1 72  ? -4.037  6.141   8.350   1.00 7.60  ? 74   ALA A N   1 
ATOM   599  C CA  . ALA A 1 72  ? -4.850  7.378   8.465   1.00 7.98  ? 74   ALA A CA  1 
ATOM   600  C C   . ALA A 1 72  ? -4.992  7.861   9.911   1.00 8.26  ? 74   ALA A C   1 
ATOM   601  O O   . ALA A 1 72  ? -4.900  9.066   10.149  1.00 8.78  ? 74   ALA A O   1 
ATOM   602  C CB  . ALA A 1 72  ? -6.287  7.106   7.867   1.00 9.12  ? 74   ALA A CB  1 
ATOM   603  N N   . GLU A 1 73  ? -5.299  6.937   10.833  1.00 7.73  ? 75   GLU A N   1 
ATOM   604  C CA  . GLU A 1 73  ? -5.518  7.370   12.217  1.00 8.09  ? 75   GLU A CA  1 
ATOM   605  C C   . GLU A 1 73  ? -4.160  7.797   12.846  1.00 7.64  ? 75   GLU A C   1 
ATOM   606  O O   . GLU A 1 73  ? -4.164  8.607   13.753  1.00 8.16  ? 75   GLU A O   1 
ATOM   607  C CB  . GLU A 1 73  ? -6.148  6.234   13.042  1.00 10.21 ? 75   GLU A CB  1 
ATOM   608  C CG  . GLU A 1 73  ? -7.617  6.189   12.459  1.00 12.89 ? 75   GLU A CG  1 
ATOM   609  C CD  . GLU A 1 73  ? -8.567  5.311   13.354  1.00 19.09 ? 75   GLU A CD  1 
ATOM   610  O OE1 . GLU A 1 73  ? -7.991  4.454   14.075  1.00 24.22 ? 75   GLU A OE1 1 
ATOM   611  O OE2 . GLU A 1 73  ? -9.754  5.342   13.078  1.00 28.93 ? 75   GLU A OE2 1 
ATOM   612  N N   . ARG A 1 74  ? -3.058  7.270   12.290  1.00 7.95  ? 76   ARG A N   1 
ATOM   613  C CA  . ARG A 1 74  ? -1.744  7.720   12.860  1.00 8.33  ? 76   ARG A CA  1 
ATOM   614  C C   . ARG A 1 74  ? -1.462  9.139   12.344  1.00 8.48  ? 76   ARG A C   1 
ATOM   615  O O   . ARG A 1 74  ? -0.977  10.017  13.110  1.00 8.21  ? 76   ARG A O   1 
ATOM   616  C CB  . ARG A 1 74  ? -0.625  6.766   12.347  1.00 9.20  ? 76   ARG A CB  1 
ATOM   617  C CG  . ARG A 1 74  ? 0.740   7.172   12.990  1.00 9.10  ? 76   ARG A CG  1 
ATOM   618  C CD  . ARG A 1 74  ? 0.598   6.969   14.551  1.00 10.91 ? 76   ARG A CD  1 
ATOM   619  N NE  . ARG A 1 74  ? 1.935   7.258   15.190  1.00 11.07 ? 76   ARG A NE  1 
ATOM   620  C CZ  . ARG A 1 74  ? 2.048   7.323   16.532  1.00 12.72 ? 76   ARG A CZ  1 
ATOM   621  N NH1 . ARG A 1 74  ? 0.948   7.143   17.297  1.00 11.25 ? 76   ARG A NH1 1 
ATOM   622  N NH2 . ARG A 1 74  ? 3.251   7.642   17.052  1.00 12.78 ? 76   ARG A NH2 1 
ATOM   623  N N   . ILE A 1 75  ? -1.826  9.411   11.105  1.00 8.41  ? 77   ILE A N   1 
ATOM   624  C CA  . ILE A 1 75  ? -1.760  10.835  10.614  1.00 8.64  ? 77   ILE A CA  1 
ATOM   625  C C   . ILE A 1 75  ? -2.567  11.745  11.517  1.00 9.27  ? 77   ILE A C   1 
ATOM   626  O O   . ILE A 1 75  ? -2.117  12.836  11.929  1.00 9.11  ? 77   ILE A O   1 
ATOM   627  C CB  . ILE A 1 75  ? -2.334  10.923  9.196   1.00 8.00  ? 77   ILE A CB  1 
ATOM   628  C CG1 . ILE A 1 75  ? -1.274  10.325  8.170   1.00 8.54  ? 77   ILE A CG1 1 
ATOM   629  C CG2 . ILE A 1 75  ? -2.544  12.423  8.828   1.00 8.55  ? 77   ILE A CG2 1 
ATOM   630  C CD1 . ILE A 1 75  ? -1.866  10.047  6.735   1.00 8.41  ? 77   ILE A CD1 1 
ATOM   631  N N   . ALA A 1 76  ? -3.800  11.306  11.858  1.00 8.78  ? 78   ALA A N   1 
ATOM   632  C CA  . ALA A 1 76  ? -4.645  12.186  12.672  1.00 9.53  ? 78   ALA A CA  1 
ATOM   633  C C   . ALA A 1 76  ? -4.066  12.361  14.086  1.00 9.35  ? 78   ALA A C   1 
ATOM   634  O O   . ALA A 1 76  ? -4.008  13.517  14.612  1.00 9.93  ? 78   ALA A O   1 
ATOM   635  C CB  . ALA A 1 76  ? -6.078  11.513  12.757  1.00 9.98  ? 78   ALA A CB  1 
ATOM   636  N N   . ALA A 1 77  ? -3.491  11.289  14.686  1.00 8.85  ? 79   ALA A N   1 
ATOM   637  C CA  . ALA A 1 77  ? -2.885  11.393  16.033  1.00 9.60  ? 79   ALA A CA  1 
ATOM   638  C C   . ALA A 1 77  ? -1.654  12.339  15.963  1.00 11.23 ? 79   ALA A C   1 
ATOM   639  O O   . ALA A 1 77  ? -1.401  13.064  16.911  1.00 11.27 ? 79   ALA A O   1 
ATOM   640  C CB  . ALA A 1 77  ? -2.467  10.004  16.502  1.00 8.82  ? 79   ALA A CB  1 
ATOM   641  N N   . LEU A 1 78  ? -0.968  12.296  14.810  1.00 9.97  ? 80   LEU A N   1 
ATOM   642  C CA  . LEU A 1 78  ? 0.225   13.221  14.656  1.00 12.20 ? 80   LEU A CA  1 
ATOM   643  C C   . LEU A 1 78  ? -0.223  14.635  14.378  1.00 11.29 ? 80   LEU A C   1 
ATOM   644  O O   . LEU A 1 78  ? 0.701   15.547  14.378  1.00 12.02 ? 80   LEU A O   1 
ATOM   645  C CB  . LEU A 1 78  ? 1.126   12.744  13.442  1.00 9.24  ? 80   LEU A CB  1 
ATOM   646  C CG  . LEU A 1 78  ? 1.860   11.468  13.839  1.00 10.94 ? 80   LEU A CG  1 
ATOM   647  C CD1 . LEU A 1 78  ? 2.402   10.770  12.571  1.00 10.97 ? 80   LEU A CD1 1 
ATOM   648  C CD2 . LEU A 1 78  ? 3.067   11.729  14.801  1.00 12.04 ? 80   LEU A CD2 1 
ATOM   649  N N   . GLY A 1 79  ? -1.494  14.942  14.235  1.00 11.88 ? 81   GLY A N   1 
ATOM   650  C CA  . GLY A 1 79  ? -2.031  16.303  14.077  1.00 12.27 ? 81   GLY A CA  1 
ATOM   651  C C   . GLY A 1 79  ? -2.371  16.697  12.695  1.00 11.15 ? 81   GLY A C   1 
ATOM   652  O O   . GLY A 1 79  ? -2.766  17.846  12.452  1.00 13.98 ? 81   GLY A O   1 
ATOM   653  N N   . GLY A 1 80  ? -2.407  15.745  11.740  1.00 10.42 ? 82   GLY A N   1 
ATOM   654  C CA  . GLY A 1 80  ? -2.625  16.022  10.306  1.00 10.60 ? 82   GLY A CA  1 
ATOM   655  C C   . GLY A 1 80  ? -4.028  15.562  9.784   1.00 10.01 ? 82   GLY A C   1 
ATOM   656  O O   . GLY A 1 80  ? -4.862  15.018  10.592  1.00 11.84 ? 82   GLY A O   1 
ATOM   657  N N   . VAL A 1 81  ? -4.220  15.795  8.488   1.00 9.70  ? 83   VAL A N   1 
ATOM   658  C CA  . VAL A 1 81  ? -5.505  15.466  7.859   1.00 11.53 ? 83   VAL A CA  1 
ATOM   659  C C   . VAL A 1 81  ? -5.230  14.225  6.985   1.00 13.15 ? 83   VAL A C   1 
ATOM   660  O O   . VAL A 1 81  ? -4.392  14.261  6.116   1.00 15.35 ? 83   VAL A O   1 
ATOM   661  C CB  . VAL A 1 81  ? -6.006  16.668  7.022   1.00 15.42 ? 83   VAL A CB  1 
ATOM   662  C CG1 . VAL A 1 81  ? -7.251  16.186  6.242   1.00 15.87 ? 83   VAL A CG1 1 
ATOM   663  C CG2 . VAL A 1 81  ? -6.271  17.870  7.968   1.00 16.10 ? 83   VAL A CG2 1 
ATOM   664  N N   . ALA A 1 82  ? -5.911  13.117  7.240   1.00 10.40 ? 84   ALA A N   1 
ATOM   665  C CA  . ALA A 1 82  ? -5.732  11.940  6.367   1.00 11.69 ? 84   ALA A CA  1 
ATOM   666  C C   . ALA A 1 82  ? -6.622  12.110  5.158   1.00 16.85 ? 84   ALA A C   1 
ATOM   667  O O   . ALA A 1 82  ? -7.799  11.627  5.236   1.00 19.94 ? 84   ALA A O   1 
ATOM   668  C CB  . ALA A 1 82  ? -6.221  10.739  7.183   1.00 12.83 ? 84   ALA A CB  1 
ATOM   669  N N   . GLN A 1 83  ? -6.043  12.398  4.008   1.00 12.63 ? 85   GLN A N   1 
ATOM   670  C CA  . GLN A 1 83  ? -6.871  12.717  2.824   1.00 11.88 ? 85   GLN A CA  1 
ATOM   671  C C   . GLN A 1 83  ? -7.256  11.401  2.117   1.00 13.01 ? 85   GLN A C   1 
ATOM   672  O O   . GLN A 1 83  ? -6.386  10.629  1.674   1.00 13.78 ? 85   GLN A O   1 
ATOM   673  C CB  . GLN A 1 83  ? -5.956  13.530  1.864   1.00 15.88 ? 85   GLN A CB  1 
ATOM   674  C CG  . GLN A 1 83  ? -6.889  14.064  0.745   1.00 19.99 ? 85   GLN A CG  1 
ATOM   675  C CD  . GLN A 1 83  ? -8.000  14.982  1.226   1.00 23.45 ? 85   GLN A CD  1 
ATOM   676  O OE1 . GLN A 1 83  ? -7.835  15.792  2.172   1.00 18.67 ? 85   GLN A OE1 1 
ATOM   677  N NE2 . GLN A 1 83  ? -9.202  14.833  0.594   1.00 20.63 ? 85   GLN A NE2 1 
ATOM   678  N N   . GLY A 1 84  ? -8.567  11.114  2.077   1.00 11.67 ? 86   GLY A N   1 
ATOM   679  C CA  . GLY A 1 84  ? -9.021  9.795   1.599   1.00 10.22 ? 86   GLY A CA  1 
ATOM   680  C C   . GLY A 1 84  ? -9.838  9.888   0.297   1.00 11.70 ? 86   GLY A C   1 
ATOM   681  O O   . GLY A 1 84  ? -10.270 8.825   -0.175  1.00 11.48 ? 86   GLY A O   1 
ATOM   682  N N   . THR A 1 85  ? -10.000 11.087  -0.257  1.00 11.48 ? 87   THR A N   1 
ATOM   683  C CA  . THR A 1 85  ? -10.939 11.231  -1.469  1.00 11.41 ? 87   THR A CA  1 
ATOM   684  C C   . THR A 1 85  ? -10.137 10.855  -2.735  1.00 12.85 ? 87   THR A C   1 
ATOM   685  O O   . THR A 1 85  ? -8.936  10.963  -2.813  1.00 12.35 ? 87   THR A O   1 
ATOM   686  C CB  . THR A 1 85  ? -11.521 12.654  -1.583  1.00 13.77 ? 87   THR A CB  1 
ATOM   687  O OG1 . THR A 1 85  ? -10.406 13.541  -1.738  1.00 12.29 ? 87   THR A OG1 1 
ATOM   688  C CG2 . THR A 1 85  ? -12.307 12.974  -0.293  1.00 12.95 ? 87   THR A CG2 1 
ATOM   689  N N   . PRO A 1 86  ? -10.811 10.333  -3.760  1.00 12.55 ? 88   PRO A N   1 
ATOM   690  C CA  . PRO A 1 86  ? -10.079 9.816   -4.899  1.00 12.50 ? 88   PRO A CA  1 
ATOM   691  C C   . PRO A 1 86  ? -9.496  10.946  -5.788  1.00 11.20 ? 88   PRO A C   1 
ATOM   692  O O   . PRO A 1 86  ? -8.488  10.708  -6.427  1.00 12.63 ? 88   PRO A O   1 
ATOM   693  C CB  . PRO A 1 86  ? -11.181 9.021   -5.708  1.00 12.13 ? 88   PRO A CB  1 
ATOM   694  C CG  . PRO A 1 86  ? -12.541 9.623   -5.248  1.00 13.80 ? 88   PRO A CG  1 
ATOM   695  C CD  . PRO A 1 86  ? -12.266 9.936   -3.739  1.00 11.91 ? 88   PRO A CD  1 
ATOM   696  N N   . GLY A 1 87  ? -10.121 12.116  -5.789  1.00 14.81 ? 89   GLY A N   1 
ATOM   697  C CA  . GLY A 1 87  ? -9.513  13.241  -6.635  1.00 14.75 ? 89   GLY A CA  1 
ATOM   698  C C   . GLY A 1 87  ? -8.131  13.648  -6.009  1.00 13.48 ? 89   GLY A C   1 
ATOM   699  O O   . GLY A 1 87  ? -7.170  13.814  -6.766  1.00 15.39 ? 89   GLY A O   1 
ATOM   700  N N   . ALA A 1 88  ? -8.048  13.685  -4.707  1.00 13.74 ? 90   ALA A N   1 
ATOM   701  C CA  . ALA A 1 88  ? -6.760  13.970  -4.093  1.00 14.13 ? 90   ALA A CA  1 
ATOM   702  C C   . ALA A 1 88  ? -5.756  12.907  -4.326  1.00 14.05 ? 90   ALA A C   1 
ATOM   703  O O   . ALA A 1 88  ? -4.581  13.151  -4.540  1.00 14.33 ? 90   ALA A O   1 
ATOM   704  C CB  . ALA A 1 88  ? -6.963  14.186  -2.562  1.00 15.53 ? 90   ALA A CB  1 
ATOM   705  N N   . LEU A 1 89  ? -6.203  11.638  -4.182  1.00 12.21 ? 91   LEU A N   1 
ATOM   706  C CA  . LEU A 1 89  ? -5.311  10.519  -4.467  1.00 12.03 ? 91   LEU A CA  1 
ATOM   707  C C   . LEU A 1 89  ? -4.760  10.618  -5.888  1.00 12.36 ? 91   LEU A C   1 
ATOM   708  O O   . LEU A 1 89  ? -3.531  10.497  -6.107  1.00 12.97 ? 91   LEU A O   1 
ATOM   709  C CB  . LEU A 1 89  ? -6.180  9.228   -4.293  1.00 13.00 ? 91   LEU A CB  1 
ATOM   710  C CG  . LEU A 1 89  ? -5.397  7.894   -4.309  1.00 13.77 ? 91   LEU A CG  1 
ATOM   711  C CD1 . LEU A 1 89  ? -6.396  6.745   -3.872  1.00 15.93 ? 91   LEU A CD1 1 
ATOM   712  C CD2 . LEU A 1 89  ? -4.936  7.539   -5.691  1.00 17.11 ? 91   LEU A CD2 1 
ATOM   713  N N   . VAL A 1 90  ? -5.647  10.835  -6.869  1.00 11.33 ? 92   VAL A N   1 
ATOM   714  C CA  . VAL A 1 90  ? -5.118  10.876  -8.240  1.00 12.78 ? 92   VAL A CA  1 
ATOM   715  C C   . VAL A 1 90  ? -4.211  12.147  -8.506  1.00 13.08 ? 92   VAL A C   1 
ATOM   716  O O   . VAL A 1 90  ? -3.239  11.996  -9.258  1.00 17.37 ? 92   VAL A O   1 
ATOM   717  C CB  . VAL A 1 90  ? -6.367  10.896  -9.190  1.00 14.32 ? 92   VAL A CB  1 
ATOM   718  C CG1 . VAL A 1 90  ? -5.934  11.186  -10.660 1.00 17.74 ? 92   VAL A CG1 1 
ATOM   719  C CG2 . VAL A 1 90  ? -7.034  9.466   -9.170  1.00 14.17 ? 92   VAL A CG2 1 
ATOM   720  N N   . ALA A 1 91  ? -4.541  13.210  -7.856  1.00 13.98 ? 93   ALA A N   1 
ATOM   721  C CA  . ALA A 1 91  ? -3.715  14.466  -8.018  1.00 16.65 ? 93   ALA A CA  1 
ATOM   722  C C   . ALA A 1 91  ? -2.345  14.305  -7.378  1.00 19.73 ? 93   ALA A C   1 
ATOM   723  O O   . ALA A 1 91  ? -1.360  14.836  -7.893  1.00 18.28 ? 93   ALA A O   1 
ATOM   724  C CB  . ALA A 1 91  ? -4.442  15.612  -7.416  1.00 17.76 ? 93   ALA A CB  1 
ATOM   725  N N   . GLU A 1 92  ? -2.251  13.597  -6.240  1.00 14.70 ? 94   GLU A N   1 
ATOM   726  C CA  . GLU A 1 92  ? -0.984  13.584  -5.475  1.00 15.07 ? 94   GLU A CA  1 
ATOM   727  C C   . GLU A 1 92  ? -0.161  12.352  -5.700  1.00 16.78 ? 94   GLU A C   1 
ATOM   728  O O   . GLU A 1 92  ? 1.024   12.322  -5.343  1.00 17.10 ? 94   GLU A O   1 
ATOM   729  C CB  . GLU A 1 92  ? -1.290  13.692  -3.977  1.00 14.18 ? 94   GLU A CB  1 
ATOM   730  C CG  . GLU A 1 92  ? -2.070  14.999  -3.664  1.00 16.69 ? 94   GLU A CG  1 
ATOM   731  C CD  . GLU A 1 92  ? -2.338  15.159  -2.193  1.00 20.12 ? 94   GLU A CD  1 
ATOM   732  O OE1 . GLU A 1 92  ? -1.765  14.422  -1.290  1.00 19.02 ? 94   GLU A OE1 1 
ATOM   733  O OE2 . GLU A 1 92  ? -3.092  16.093  -1.931  1.00 22.60 ? 94   GLU A OE2 1 
ATOM   734  N N   . ARG A 1 93  ? -0.722  11.252  -6.311  1.00 13.45 ? 95   ARG A N   1 
ATOM   735  C CA  . ARG A 1 93  ? 0.058   10.063  -6.417  1.00 15.00 ? 95   ARG A CA  1 
ATOM   736  C C   . ARG A 1 93  ? 1.212   10.164  -7.455  1.00 17.05 ? 95   ARG A C   1 
ATOM   737  O O   . ARG A 1 93  ? 1.212   11.042  -8.293  1.00 18.88 ? 95   ARG A O   1 
ATOM   738  C CB  . ARG A 1 93  ? -0.793  8.808   -6.750  1.00 13.78 ? 95   ARG A CB  1 
ATOM   739  C CG  . ARG A 1 93  ? -1.370  9.014   -8.164  1.00 14.88 ? 95   ARG A CG  1 
ATOM   740  C CD  . ARG A 1 93  ? -2.186  7.720   -8.512  1.00 15.72 ? 95   ARG A CD  1 
ATOM   741  N NE  . ARG A 1 93  ? -2.966  7.964   -9.796  1.00 15.57 ? 95   ARG A NE  1 
ATOM   742  C CZ  . ARG A 1 93  ? -3.793  7.060   -10.334 1.00 18.12 ? 95   ARG A CZ  1 
ATOM   743  N NH1 . ARG A 1 93  ? -3.994  5.874   -9.703  1.00 14.70 ? 95   ARG A NH1 1 
ATOM   744  N NH2 . ARG A 1 93  ? -4.420  7.334   -11.516 1.00 16.73 ? 95   ARG A NH2 1 
ATOM   745  N N   . LYS A 1 94  ? 2.178   9.291   -7.243  1.00 17.59 ? 96   LYS A N   1 
ATOM   746  C CA  . LYS A 1 94  ? 3.436   9.297   -8.015  1.00 21.67 ? 96   LYS A CA  1 
ATOM   747  C C   . LYS A 1 94  ? 3.570   8.018   -8.818  1.00 25.91 ? 96   LYS A C   1 
ATOM   748  O O   . LYS A 1 94  ? 4.700   7.542   -8.987  1.00 27.22 ? 96   LYS A O   1 
ATOM   749  C CB  . LYS A 1 94  ? 4.590   9.395   -7.013  1.00 23.87 ? 96   LYS A CB  1 
ATOM   750  C CG  . LYS A 1 94  ? 4.561   10.684  -6.231  1.00 30.36 ? 96   LYS A CG  1 
ATOM   751  C CD  . LYS A 1 94  ? 4.416   11.918  -7.082  1.00 33.91 ? 96   LYS A CD  1 
ATOM   752  C CE  . LYS A 1 94  ? 5.199   13.017  -6.313  1.00 46.67 ? 96   LYS A CE  1 
ATOM   753  N NZ  . LYS A 1 94  ? 4.832   14.393  -6.738  1.00 50.42 ? 96   LYS A NZ  1 
ATOM   754  N N   . TRP A 1 95  ? 2.436   7.473   -9.299  1.00 22.60 ? 97   TRP A N   1 
ATOM   755  C CA  . TRP A 1 95  ? 2.379   6.218   -10.089 1.00 18.47 ? 97   TRP A CA  1 
ATOM   756  C C   . TRP A 1 95  ? 1.101   6.347   -10.889 1.00 19.82 ? 97   TRP A C   1 
ATOM   757  O O   . TRP A 1 95  ? 0.298   7.239   -10.682 1.00 19.83 ? 97   TRP A O   1 
ATOM   758  C CB  . TRP A 1 95  ? 2.379   4.945   -9.226  1.00 20.34 ? 97   TRP A CB  1 
ATOM   759  C CG  . TRP A 1 95  ? 1.302   5.038   -8.160  1.00 16.94 ? 97   TRP A CG  1 
ATOM   760  C CD1 . TRP A 1 95  ? -0.039  4.609   -8.269  1.00 18.38 ? 97   TRP A CD1 1 
ATOM   761  C CD2 . TRP A 1 95  ? 1.435   5.612   -6.849  1.00 18.50 ? 97   TRP A CD2 1 
ATOM   762  N NE1 . TRP A 1 95  ? -0.722  4.883   -7.104  1.00 16.10 ? 97   TRP A NE1 1 
ATOM   763  C CE2 . TRP A 1 95  ? 0.100   5.492   -6.191  1.00 14.45 ? 97   TRP A CE2 1 
ATOM   764  C CE3 . TRP A 1 95  ? 2.478   6.188   -6.129  1.00 18.27 ? 97   TRP A CE3 1 
ATOM   765  C CZ2 . TRP A 1 95  ? -0.131  5.994   -4.895  1.00 14.36 ? 97   TRP A CZ2 1 
ATOM   766  C CZ3 . TRP A 1 95  ? 2.245   6.673   -4.806  1.00 16.56 ? 97   TRP A CZ3 1 
ATOM   767  C CH2 . TRP A 1 95  ? 0.955   6.591   -4.210  1.00 13.74 ? 97   TRP A CH2 1 
ATOM   768  N N   . ASP A 1 96  ? 0.926   5.479   -11.903 1.00 21.25 ? 98   ASP A N   1 
ATOM   769  C CA  . ASP A 1 96  ? -0.229  5.564   -12.792 1.00 21.26 ? 98   ASP A CA  1 
ATOM   770  C C   . ASP A 1 96  ? -1.297  4.562   -12.400 1.00 17.18 ? 98   ASP A C   1 
ATOM   771  O O   . ASP A 1 96  ? -0.988  3.644   -11.561 1.00 19.46 ? 98   ASP A O   1 
ATOM   772  C CB  . ASP A 1 96  ? 0.268   5.081   -14.179 1.00 30.69 ? 98   ASP A CB  1 
ATOM   773  C CG  . ASP A 1 96  ? 1.304   6.050   -14.772 1.00 37.29 ? 98   ASP A CG  1 
ATOM   774  O OD1 . ASP A 1 96  ? 1.066   7.271   -14.644 1.00 35.71 ? 98   ASP A OD1 1 
ATOM   775  O OD2 . ASP A 1 96  ? 2.289   5.529   -15.267 1.00 42.83 ? 98   ASP A OD2 1 
ATOM   776  N N   . ASP A 1 97  ? -2.468  4.712   -12.962 1.00 17.14 ? 99   ASP A N   1 
ATOM   777  C CA  . ASP A 1 97  ? -3.526  3.756   -12.740 1.00 15.59 ? 99   ASP A CA  1 
ATOM   778  C C   . ASP A 1 97  ? -3.003  2.347   -13.124 1.00 15.95 ? 99   ASP A C   1 
ATOM   779  O O   . ASP A 1 97  ? -2.342  2.138   -14.183 1.00 14.58 ? 99   ASP A O   1 
ATOM   780  C CB  . ASP A 1 97  ? -4.764  3.992   -13.629 1.00 19.07 ? 99   ASP A CB  1 
ATOM   781  C CG  . ASP A 1 97  ? -5.972  4.213   -12.870 1.00 16.67 ? 99   ASP A CG  1 
ATOM   782  O OD1 . ASP A 1 97  ? -5.911  4.679   -11.664 1.00 14.06 ? 99   ASP A OD1 1 
ATOM   783  O OD2 . ASP A 1 97  ? -7.059  4.258   -13.463 1.00 19.59 ? 99   ASP A OD2 1 
ATOM   784  N N   . TYR A 1 98  ? -3.521  1.345   -12.401 1.00 13.12 ? 100  TYR A N   1 
ATOM   785  C CA  . TYR A 1 98  ? -3.356  -0.062  -12.892 1.00 12.70 ? 100  TYR A CA  1 
ATOM   786  C C   . TYR A 1 98  ? -4.026  -0.164  -14.255 1.00 14.25 ? 100  TYR A C   1 
ATOM   787  O O   . TYR A 1 98  ? -5.122  0.341   -14.450 1.00 14.77 ? 100  TYR A O   1 
ATOM   788  C CB  . TYR A 1 98  ? -4.129  -0.961  -11.902 1.00 12.39 ? 100  TYR A CB  1 
ATOM   789  C CG  . TYR A 1 98  ? -3.939  -2.423  -12.161 1.00 11.82 ? 100  TYR A CG  1 
ATOM   790  C CD1 . TYR A 1 98  ? -2.737  -3.063  -11.791 1.00 11.57 ? 100  TYR A CD1 1 
ATOM   791  C CD2 . TYR A 1 98  ? -5.010  -3.144  -12.751 1.00 10.92 ? 100  TYR A CD2 1 
ATOM   792  C CE1 . TYR A 1 98  ? -2.606  -4.437  -11.991 1.00 11.22 ? 100  TYR A CE1 1 
ATOM   793  C CE2 . TYR A 1 98  ? -4.922  -4.534  -12.942 1.00 11.13 ? 100  TYR A CE2 1 
ATOM   794  C CZ  . TYR A 1 98  ? -3.691  -5.164  -12.602 1.00 11.11 ? 100  TYR A CZ  1 
ATOM   795  O OH  . TYR A 1 98  ? -3.634  -6.535  -12.785 1.00 11.18 ? 100  TYR A OH  1 
ATOM   796  N N   . SER A 1 99  ? -3.319  -0.853  -15.185 1.00 15.64 ? 101  SER A N   1 
ATOM   797  C CA  . SER A 1 99  ? -3.670  -0.681  -16.632 1.00 17.96 ? 101  SER A CA  1 
ATOM   798  C C   . SER A 1 99  ? -4.339  -1.919  -17.222 1.00 19.66 ? 101  SER A C   1 
ATOM   799  O O   . SER A 1 99  ? -4.636  -1.899  -18.432 1.00 22.80 ? 101  SER A O   1 
ATOM   800  C CB  . SER A 1 99  ? -2.346  -0.425  -17.480 1.00 21.53 ? 101  SER A CB  1 
ATOM   801  O OG  . SER A 1 99  ? -1.459  -1.531  -17.310 1.00 27.39 ? 101  SER A OG  1 
ATOM   802  N N   . ILE A 1 100 ? -4.600  -2.988  -16.467 1.00 14.82 ? 102  ILE A N   1 
ATOM   803  C CA  A ILE A 1 100 ? -5.171  -4.243  -16.987 0.50 13.98 ? 102  ILE A CA  1 
ATOM   804  C CA  B ILE A 1 100 ? -5.208  -4.142  -17.097 0.50 15.63 ? 102  ILE A CA  1 
ATOM   805  C C   . ILE A 1 100 ? -6.695  -4.237  -16.761 1.00 15.34 ? 102  ILE A C   1 
ATOM   806  O O   . ILE A 1 100 ? -7.132  -3.995  -15.581 1.00 14.48 ? 102  ILE A O   1 
ATOM   807  C CB  A ILE A 1 100 ? -4.609  -5.484  -16.222 0.50 12.03 ? 102  ILE A CB  1 
ATOM   808  C CB  B ILE A 1 100 ? -4.481  -5.418  -16.721 0.50 17.20 ? 102  ILE A CB  1 
ATOM   809  C CG1 A ILE A 1 100 ? -3.057  -5.437  -16.262 0.50 12.39 ? 102  ILE A CG1 1 
ATOM   810  C CG1 B ILE A 1 100 ? -3.074  -5.333  -17.341 0.50 19.02 ? 102  ILE A CG1 1 
ATOM   811  C CG2 A ILE A 1 100 ? -5.093  -6.780  -16.904 0.50 12.73 ? 102  ILE A CG2 1 
ATOM   812  C CG2 B ILE A 1 100 ? -5.174  -6.631  -17.359 0.50 16.63 ? 102  ILE A CG2 1 
ATOM   813  C CD1 A ILE A 1 100 ? -2.458  -5.312  -17.705 0.50 13.03 ? 102  ILE A CD1 1 
ATOM   814  C CD1 B ILE A 1 100 ? -2.231  -6.535  -17.000 0.50 17.18 ? 102  ILE A CD1 1 
ATOM   815  N N   . GLY A 1 101 ? -7.498  -4.485  -17.821 1.00 13.10 ? 103  GLY A N   1 
ATOM   816  C CA  . GLY A 1 101 ? -8.978  -4.616  -17.560 1.00 13.50 ? 103  GLY A CA  1 
ATOM   817  C C   . GLY A 1 101 ? -9.272  -6.118  -17.357 1.00 14.21 ? 103  GLY A C   1 
ATOM   818  O O   . GLY A 1 101 ? -8.763  -6.798  -16.414 1.00 16.08 ? 103  GLY A O   1 
ATOM   819  N N   . ARG A 1 102 ? -10.153 -6.676  -18.202 1.00 13.43 ? 104  ARG A N   1 
ATOM   820  C CA  . ARG A 1 102 ? -10.405 -8.099  -18.063 1.00 12.65 ? 104  ARG A CA  1 
ATOM   821  C C   . ARG A 1 102 ? -9.183  -8.858  -18.594 1.00 17.15 ? 104  ARG A C   1 
ATOM   822  O O   . ARG A 1 102 ? -8.623  -8.521  -19.706 1.00 17.04 ? 104  ARG A O   1 
ATOM   823  C CB  . ARG A 1 102 ? -11.664 -8.482  -18.912 1.00 15.50 ? 104  ARG A CB  1 
ATOM   824  C CG  . ARG A 1 102 ? -11.896 -9.974  -18.862 1.00 18.36 ? 104  ARG A CG  1 
ATOM   825  C CD  . ARG A 1 102 ? -12.725 -10.290 -20.105 1.00 26.73 ? 104  ARG A CD  1 
ATOM   826  N NE  . ARG A 1 102 ? -14.011 -9.785  -19.914 1.00 24.05 ? 104  ARG A NE  1 
ATOM   827  C CZ  . ARG A 1 102 ? -14.698 -8.870  -20.650 1.00 24.56 ? 104  ARG A CZ  1 
ATOM   828  N NH1 . ARG A 1 102 ? -14.263 -8.119  -21.659 1.00 24.44 ? 104  ARG A NH1 1 
ATOM   829  N NH2 . ARG A 1 102 ? -15.945 -8.660  -20.269 1.00 24.74 ? 104  ARG A NH2 1 
ATOM   830  N N   . ALA A 1 103 ? -8.702  -9.879  -17.887 1.00 14.32 ? 105  ALA A N   1 
ATOM   831  C CA  . ALA A 1 103 ? -7.511  -10.645 -18.383 1.00 12.61 ? 105  ALA A CA  1 
ATOM   832  C C   . ALA A 1 103 ? -7.407  -11.912 -17.631 1.00 12.03 ? 105  ALA A C   1 
ATOM   833  O O   . ALA A 1 103 ? -8.006  -12.089 -16.591 1.00 11.16 ? 105  ALA A O   1 
ATOM   834  C CB  . ALA A 1 103 ? -6.166  -9.846  -18.149 1.00 13.58 ? 105  ALA A CB  1 
ATOM   835  N N   . ASP A 1 104 ? -6.601  -12.830 -18.178 1.00 12.28 ? 106  ASP A N   1 
ATOM   836  C CA  A ASP A 1 104 ? -6.457  -14.061 -17.459 0.50 12.92 ? 106  ASP A CA  1 
ATOM   837  C CA  B ASP A 1 104 ? -6.340  -14.099 -17.493 0.50 13.17 ? 106  ASP A CA  1 
ATOM   838  C C   . ASP A 1 104 ? -5.677  -13.823 -16.122 1.00 13.92 ? 106  ASP A C   1 
ATOM   839  O O   . ASP A 1 104 ? -4.983  -12.879 -15.902 1.00 13.03 ? 106  ASP A O   1 
ATOM   840  C CB  A ASP A 1 104 ? -5.750  -15.116 -18.305 0.50 15.22 ? 106  ASP A CB  1 
ATOM   841  C CB  B ASP A 1 104 ? -5.381  -15.023 -18.289 0.50 15.56 ? 106  ASP A CB  1 
ATOM   842  C CG  A ASP A 1 104 ? -4.269  -15.149 -18.066 0.50 18.00 ? 106  ASP A CG  1 
ATOM   843  C CG  B ASP A 1 104 ? -5.161  -16.449 -17.597 0.50 17.71 ? 106  ASP A CG  1 
ATOM   844  O OD1 A ASP A 1 104 ? -3.610  -14.133 -18.308 0.50 18.06 ? 106  ASP A OD1 1 
ATOM   845  O OD1 B ASP A 1 104 ? -5.930  -17.366 -17.858 0.50 20.74 ? 106  ASP A OD1 1 
ATOM   846  O OD2 A ASP A 1 104 ? -3.771  -16.132 -17.441 0.50 21.80 ? 106  ASP A OD2 1 
ATOM   847  O OD2 B ASP A 1 104 ? -4.133  -16.765 -16.867 0.50 24.94 ? 106  ASP A OD2 1 
ATOM   848  N N   . ALA A 1 105 ? -5.897  -14.752 -15.220 1.00 16.24 ? 107  ALA A N   1 
ATOM   849  C CA  . ALA A 1 105 ? -5.579  -14.556 -13.826 1.00 24.94 ? 107  ALA A CA  1 
ATOM   850  C C   . ALA A 1 105 ? -4.134  -14.483 -13.731 1.00 20.87 ? 107  ALA A C   1 
ATOM   851  O O   . ALA A 1 105 ? -3.560  -13.588 -12.998 1.00 22.91 ? 107  ALA A O   1 
ATOM   852  C CB  . ALA A 1 105 ? -6.270  -15.651 -12.871 1.00 22.48 ? 107  ALA A CB  1 
ATOM   853  N N   . ILE A 1 106 ? -3.420  -15.247 -14.509 1.00 27.56 ? 108  ILE A N   1 
ATOM   854  C CA  . ILE A 1 106 ? -2.038  -15.137 -14.557 1.00 31.58 ? 108  ILE A CA  1 
ATOM   855  C C   . ILE A 1 106 ? -1.365  -13.910 -15.155 1.00 29.57 ? 108  ILE A C   1 
ATOM   856  O O   . ILE A 1 106 ? -0.386  -13.453 -14.542 1.00 25.99 ? 108  ILE A O   1 
ATOM   857  C CB  . ILE A 1 106 ? -1.294  -16.529 -14.854 1.00 44.33 ? 108  ILE A CB  1 
ATOM   858  N N   . ALA A 1 107 ? -1.964  -13.203 -16.141 1.00 21.75 ? 109  ALA A N   1 
ATOM   859  C CA  . ALA A 1 107 ? -1.639  -11.977 -16.570 1.00 16.43 ? 109  ALA A CA  1 
ATOM   860  C C   . ALA A 1 107 ? -1.840  -10.853 -15.453 1.00 16.91 ? 109  ALA A C   1 
ATOM   861  O O   . ALA A 1 107 ? -1.049  -9.849  -15.312 1.00 16.26 ? 109  ALA A O   1 
ATOM   862  C CB  . ALA A 1 107 ? -2.436  -11.554 -17.787 1.00 22.86 ? 109  ALA A CB  1 
ATOM   863  N N   . HIS A 1 108 ? -2.978  -10.922 -14.783 1.00 11.82 ? 110  HIS A N   1 
ATOM   864  C CA  . HIS A 1 108 ? -3.189  -9.942  -13.678 1.00 10.84 ? 110  HIS A CA  1 
ATOM   865  C C   . HIS A 1 108 ? -2.145  -10.161 -12.580 1.00 10.62 ? 110  HIS A C   1 
ATOM   866  O O   . HIS A 1 108 ? -1.669  -9.160  -11.981 1.00 12.06 ? 110  HIS A O   1 
ATOM   867  C CB  . HIS A 1 108 ? -4.545  -10.156 -13.053 1.00 11.13 ? 110  HIS A CB  1 
ATOM   868  C CG  . HIS A 1 108 ? -5.618  -9.403  -13.753 1.00 11.34 ? 110  HIS A CG  1 
ATOM   869  N ND1 . HIS A 1 108 ? -5.655  -8.030  -13.710 1.00 11.26 ? 110  HIS A ND1 1 
ATOM   870  C CD2 . HIS A 1 108 ? -6.821  -9.833  -14.429 1.00 11.34 ? 110  HIS A CD2 1 
ATOM   871  C CE1 . HIS A 1 108 ? -6.739  -7.547  -14.401 1.00 11.58 ? 110  HIS A CE1 1 
ATOM   872  N NE2 . HIS A 1 108 ? -7.466  -8.650  -14.848 1.00 11.85 ? 110  HIS A NE2 1 
ATOM   873  N N   . LEU A 1 109 ? -1.790  -11.397 -12.278 1.00 10.70 ? 111  LEU A N   1 
ATOM   874  C CA  . LEU A 1 109 ? -0.802  -11.595 -11.175 1.00 11.67 ? 111  LEU A CA  1 
ATOM   875  C C   . LEU A 1 109 ? 0.550   -10.990 -11.623 1.00 12.31 ? 111  LEU A C   1 
ATOM   876  O O   . LEU A 1 109 ? 1.241   -10.414 -10.782 1.00 10.71 ? 111  LEU A O   1 
ATOM   877  C CB  . LEU A 1 109 ? -0.598  -13.117 -10.880 1.00 13.17 ? 111  LEU A CB  1 
ATOM   878  C CG  . LEU A 1 109 ? -1.867  -13.690 -10.150 1.00 15.02 ? 111  LEU A CG  1 
ATOM   879  C CD1 . LEU A 1 109 ? -1.601  -15.148 -9.751  1.00 15.68 ? 111  LEU A CD1 1 
ATOM   880  C CD2 . LEU A 1 109 ? -2.252  -12.882 -8.888  1.00 15.47 ? 111  LEU A CD2 1 
ATOM   881  N N   . GLY A 1 110 ? 0.983   -11.149 -12.898 1.00 12.14 ? 112  GLY A N   1 
ATOM   882  C CA  . GLY A 1 110 ? 2.168   -10.453 -13.405 1.00 13.71 ? 112  GLY A CA  1 
ATOM   883  C C   . GLY A 1 110 ? 2.145   -8.946  -13.139 1.00 14.06 ? 112  GLY A C   1 
ATOM   884  O O   . GLY A 1 110 ? 3.155   -8.341  -12.712 1.00 13.76 ? 112  GLY A O   1 
ATOM   885  N N   . ALA A 1 111 ? 0.997   -8.281  -13.485 1.00 11.35 ? 113  ALA A N   1 
ATOM   886  C CA  . ALA A 1 111 ? 0.895   -6.822  -13.334 1.00 12.59 ? 113  ALA A CA  1 
ATOM   887  C C   . ALA A 1 111 ? 0.793   -6.475  -11.837 1.00 11.61 ? 113  ALA A C   1 
ATOM   888  O O   . ALA A 1 111 ? 1.367   -5.466  -11.414 1.00 12.39 ? 113  ALA A O   1 
ATOM   889  C CB  . ALA A 1 111 ? -0.361  -6.317  -14.037 1.00 14.06 ? 113  ALA A CB  1 
ATOM   890  N N   . LEU A 1 112 ? 0.119   -7.279  -11.033 1.00 10.38 ? 114  LEU A N   1 
ATOM   891  C CA  A LEU A 1 112 ? 0.067   -6.971  -9.624  0.50 11.74 ? 114  LEU A CA  1 
ATOM   892  C CA  B LEU A 1 112 ? 0.125   -7.002  -9.549  0.50 10.42 ? 114  LEU A CA  1 
ATOM   893  C C   . LEU A 1 112 ? 1.444   -7.153  -8.929  1.00 11.21 ? 114  LEU A C   1 
ATOM   894  O O   . LEU A 1 112 ? 1.757   -6.432  -7.953  1.00 12.06 ? 114  LEU A O   1 
ATOM   895  C CB  A LEU A 1 112 ? -1.027  -7.890  -9.050  0.50 12.10 ? 114  LEU A CB  1 
ATOM   896  C CB  B LEU A 1 112 ? -0.750  -7.969  -8.725  0.50 8.86  ? 114  LEU A CB  1 
ATOM   897  C CG  A LEU A 1 112 ? -1.530  -7.599  -7.658  0.50 12.33 ? 114  LEU A CG  1 
ATOM   898  C CG  B LEU A 1 112 ? -2.250  -7.636  -8.838  0.50 7.22  ? 114  LEU A CG  1 
ATOM   899  C CD1 A LEU A 1 112 ? -2.071  -6.179  -7.504  0.50 11.67 ? 114  LEU A CD1 1 
ATOM   900  C CD1 B LEU A 1 112 ? -3.087  -8.728  -8.107  0.50 6.66  ? 114  LEU A CD1 1 
ATOM   901  C CD2 A LEU A 1 112 ? -2.583  -8.639  -7.234  0.50 10.65 ? 114  LEU A CD2 1 
ATOM   902  C CD2 B LEU A 1 112 ? -2.587  -6.289  -8.235  0.50 7.72  ? 114  LEU A CD2 1 
ATOM   903  N N   . ASP A 1 113 ? 2.277   -8.061  -9.410  1.00 10.75 ? 115  ASP A N   1 
ATOM   904  C CA  . ASP A 1 113 ? 3.654   -8.199  -8.889  1.00 11.20 ? 115  ASP A CA  1 
ATOM   905  C C   . ASP A 1 113 ? 4.382   -6.792  -9.045  1.00 13.15 ? 115  ASP A C   1 
ATOM   906  O O   . ASP A 1 113 ? 5.019   -6.302  -8.094  1.00 12.28 ? 115  ASP A O   1 
ATOM   907  C CB  . ASP A 1 113 ? 4.402   -9.272  -9.653  1.00 11.53 ? 115  ASP A CB  1 
ATOM   908  C CG  . ASP A 1 113 ? 5.813   -9.518  -9.130  1.00 16.72 ? 115  ASP A CG  1 
ATOM   909  O OD1 . ASP A 1 113 ? 6.058   -9.222  -7.976  1.00 13.90 ? 115  ASP A OD1 1 
ATOM   910  O OD2 . ASP A 1 113 ? 6.642   -10.123 -9.878  1.00 16.49 ? 115  ASP A OD2 1 
ATOM   911  N N   . VAL A 1 114 ? 4.187   -6.132  -10.200 1.00 12.45 ? 116  VAL A N   1 
ATOM   912  C CA  . VAL A 1 114 ? 4.844   -4.822  -10.397 1.00 12.12 ? 116  VAL A CA  1 
ATOM   913  C C   . VAL A 1 114 ? 4.219   -3.766  -9.491  1.00 12.44 ? 116  VAL A C   1 
ATOM   914  O O   . VAL A 1 114 ? 4.964   -2.914  -8.924  1.00 10.99 ? 116  VAL A O   1 
ATOM   915  C CB  . VAL A 1 114 ? 4.656   -4.434  -11.895 1.00 14.85 ? 116  VAL A CB  1 
ATOM   916  C CG1 . VAL A 1 114 ? 5.134   -2.984  -12.149 1.00 16.97 ? 116  VAL A CG1 1 
ATOM   917  C CG2 . VAL A 1 114 ? 5.411   -5.470  -12.777 1.00 16.97 ? 116  VAL A CG2 1 
ATOM   918  N N   . VAL A 1 115 ? 2.884   -3.808  -9.289  1.00 11.01 ? 117  VAL A N   1 
ATOM   919  C CA  . VAL A 1 115 ? 2.235   -2.852  -8.386  1.00 10.04 ? 117  VAL A CA  1 
ATOM   920  C C   . VAL A 1 115 ? 2.906   -3.045  -6.970  1.00 9.64  ? 117  VAL A C   1 
ATOM   921  O O   . VAL A 1 115 ? 3.227   -2.036  -6.313  1.00 10.35 ? 117  VAL A O   1 
ATOM   922  C CB  . VAL A 1 115 ? 0.719   -3.142  -8.270  1.00 11.72 ? 117  VAL A CB  1 
ATOM   923  C CG1 . VAL A 1 115 ? 0.118   -2.279  -7.159  1.00 12.79 ? 117  VAL A CG1 1 
ATOM   924  C CG2 . VAL A 1 115 ? 0.081   -2.691  -9.635  1.00 14.15 ? 117  VAL A CG2 1 
ATOM   925  N N   . TYR A 1 116 ? 2.972   -4.318  -6.511  1.00 9.86  ? 118  TYR A N   1 
ATOM   926  C CA  . TYR A 1 116 ? 3.446   -4.532  -5.149  1.00 9.64  ? 118  TYR A CA  1 
ATOM   927  C C   . TYR A 1 116 ? 4.935   -4.123  -5.028  1.00 10.17 ? 118  TYR A C   1 
ATOM   928  O O   . TYR A 1 116 ? 5.353   -3.658  -3.991  1.00 9.05  ? 118  TYR A O   1 
ATOM   929  C CB  . TYR A 1 116 ? 3.363   -6.023  -4.752  1.00 9.62  ? 118  TYR A CB  1 
ATOM   930  C CG  . TYR A 1 116 ? 2.060   -6.243  -4.028  1.00 9.29  ? 118  TYR A CG  1 
ATOM   931  C CD1 . TYR A 1 116 ? 0.904   -6.477  -4.792  1.00 10.68 ? 118  TYR A CD1 1 
ATOM   932  C CD2 . TYR A 1 116 ? 1.948   -6.199  -2.638  1.00 10.65 ? 118  TYR A CD2 1 
ATOM   933  C CE1 . TYR A 1 116 ? -0.353  -6.648  -4.097  1.00 12.32 ? 118  TYR A CE1 1 
ATOM   934  C CE2 . TYR A 1 116 ? 0.733   -6.382  -1.942  1.00 9.68  ? 118  TYR A CE2 1 
ATOM   935  C CZ  . TYR A 1 116 ? -0.390  -6.609  -2.693  1.00 11.38 ? 118  TYR A CZ  1 
ATOM   936  O OH  . TYR A 1 116 ? -1.625  -6.713  -2.074  1.00 11.17 ? 118  TYR A OH  1 
ATOM   937  N N   . THR A 1 117 ? 5.733   -4.281  -6.091  1.00 9.66  ? 119  THR A N   1 
ATOM   938  C CA  . THR A 1 117 ? 7.149   -3.789  -5.936  1.00 11.44 ? 119  THR A CA  1 
ATOM   939  C C   . THR A 1 117 ? 7.193   -2.291  -5.676  1.00 11.62 ? 119  THR A C   1 
ATOM   940  O O   . THR A 1 117 ? 7.946   -1.882  -4.827  1.00 11.55 ? 119  THR A O   1 
ATOM   941  C CB  . THR A 1 117 ? 7.937   -4.178  -7.194  1.00 13.04 ? 119  THR A CB  1 
ATOM   942  O OG1 . THR A 1 117 ? 9.232   -3.447  -7.263  1.00 20.52 ? 119  THR A OG1 1 
ATOM   943  C CG2 . THR A 1 117 ? 8.043   -5.492  -7.318  1.00 8.13  ? 119  THR A CG2 1 
ATOM   944  N N   . GLY A 1 118 ? 6.298   -1.500  -6.335  1.00 10.21 ? 120  GLY A N   1 
ATOM   945  C CA  . GLY A 1 118 ? 6.242   -0.075  -6.067  1.00 11.26 ? 120  GLY A CA  1 
ATOM   946  C C   . GLY A 1 118 ? 5.789   0.216   -4.644  1.00 11.14 ? 120  GLY A C   1 
ATOM   947  O O   . GLY A 1 118 ? 6.319   1.128   -3.980  1.00 11.42 ? 120  GLY A O   1 
ATOM   948  N N   . VAL A 1 119 ? 4.776   -0.532  -4.194  1.00 9.74  ? 121  VAL A N   1 
ATOM   949  C CA  . VAL A 1 119 ? 4.230   -0.257  -2.874  1.00 8.70  ? 121  VAL A CA  1 
ATOM   950  C C   . VAL A 1 119 ? 5.289   -0.628  -1.805  1.00 9.00  ? 121  VAL A C   1 
ATOM   951  O O   . VAL A 1 119 ? 5.523   0.117   -0.816  1.00 9.68  ? 121  VAL A O   1 
ATOM   952  C CB  . VAL A 1 119 ? 2.931   -1.126  -2.641  1.00 9.53  ? 121  VAL A CB  1 
ATOM   953  C CG1 . VAL A 1 119 ? 2.497   -0.862  -1.177  1.00 10.67 ? 121  VAL A CG1 1 
ATOM   954  C CG2 . VAL A 1 119 ? 1.756   -0.523  -3.504  1.00 11.16 ? 121  VAL A CG2 1 
ATOM   955  N N   . VAL A 1 120 ? 5.938   -1.782  -1.980  1.00 9.22  ? 122  VAL A N   1 
ATOM   956  C CA  . VAL A 1 120 ? 6.925   -2.290  -0.982  1.00 11.91 ? 122  VAL A CA  1 
ATOM   957  C C   . VAL A 1 120 ? 8.107   -1.284  -0.968  1.00 11.86 ? 122  VAL A C   1 
ATOM   958  O O   . VAL A 1 120 ? 8.600   -0.936  0.115   1.00 10.91 ? 122  VAL A O   1 
ATOM   959  C CB  . VAL A 1 120 ? 7.391   -3.725  -1.373  1.00 14.76 ? 122  VAL A CB  1 
ATOM   960  C CG1 . VAL A 1 120 ? 8.712   -4.040  -0.572  1.00 19.47 ? 122  VAL A CG1 1 
ATOM   961  C CG2 . VAL A 1 120 ? 6.205   -4.648  -0.954  1.00 14.57 ? 122  VAL A CG2 1 
ATOM   962  N N   . GLU A 1 121 ? 8.562   -0.867  -2.116  1.00 11.53 ? 123  GLU A N   1 
ATOM   963  C CA  . GLU A 1 121 ? 9.696   0.085   -2.065  1.00 12.36 ? 123  GLU A CA  1 
ATOM   964  C C   . GLU A 1 121 ? 9.280   1.416   -1.442  1.00 12.17 ? 123  GLU A C   1 
ATOM   965  O O   . GLU A 1 121 ? 10.123  1.974   -0.689  1.00 11.85 ? 123  GLU A O   1 
ATOM   966  C CB  . GLU A 1 121 ? 10.244  0.399   -3.544  1.00 13.49 ? 123  GLU A CB  1 
ATOM   967  C CG  . GLU A 1 121 ? 10.929  -0.882  -4.008  1.00 16.96 ? 123  GLU A CG  1 
ATOM   968  C CD  . GLU A 1 121 ? 11.367  -0.786  -5.514  1.00 27.20 ? 123  GLU A CD  1 
ATOM   969  O OE1 . GLU A 1 121 ? 10.868  0.066   -6.269  1.00 29.30 ? 123  GLU A OE1 1 
ATOM   970  O OE2 . GLU A 1 121 ? 12.126  -1.678  -5.932  1.00 28.13 ? 123  GLU A OE2 1 
ATOM   971  N N   . GLY A 1 122 ? 8.056   1.908   -1.687  1.00 12.05 ? 124  GLY A N   1 
ATOM   972  C CA  . GLY A 1 122 ? 7.558   3.130   -1.055  1.00 9.51  ? 124  GLY A CA  1 
ATOM   973  C C   . GLY A 1 122 ? 7.478   2.958   0.453   1.00 9.89  ? 124  GLY A C   1 
ATOM   974  O O   . GLY A 1 122 ? 7.823   3.890   1.216   1.00 9.95  ? 124  GLY A O   1 
ATOM   975  N N   . MET A 1 123 ? 6.998   1.773   0.882   1.00 9.56  ? 125  MET A N   1 
ATOM   976  C CA  . MET A 1 123 ? 6.902   1.536   2.360   1.00 9.49  ? 125  MET A CA  1 
ATOM   977  C C   . MET A 1 123 ? 8.287   1.414   2.977   1.00 9.54  ? 125  MET A C   1 
ATOM   978  O O   . MET A 1 123 ? 8.509   1.925   4.082   1.00 10.61 ? 125  MET A O   1 
ATOM   979  C CB  . MET A 1 123 ? 6.146   0.211   2.625   1.00 9.85  ? 125  MET A CB  1 
ATOM   980  C CG  . MET A 1 123 ? 4.614   0.435   2.324   1.00 11.32 ? 125  MET A CG  1 
ATOM   981  S SD  . MET A 1 123 ? 3.741   1.442   3.535   1.00 11.69 ? 125  MET A SD  1 
ATOM   982  C CE  . MET A 1 123 ? 3.499   0.215   4.865   1.00 11.24 ? 125  MET A CE  1 
ATOM   983  N N   . ARG A 1 124 ? 9.231   0.811   2.232   1.00 10.39 ? 126  ARG A N   1 
ATOM   984  C CA  . ARG A 1 124 ? 10.567  0.659   2.860   1.00 12.28 ? 126  ARG A CA  1 
ATOM   985  C C   . ARG A 1 124 ? 11.214  2.061   3.026   1.00 11.72 ? 126  ARG A C   1 
ATOM   986  O O   . ARG A 1 124 ? 11.897  2.277   4.038   1.00 13.92 ? 126  ARG A O   1 
ATOM   987  C CB  . ARG A 1 124 ? 11.494  -0.143  1.888   1.00 16.98 ? 126  ARG A CB  1 
ATOM   988  C CG  . ARG A 1 124 ? 11.399  -1.589  2.147   1.00 25.78 ? 126  ARG A CG  1 
ATOM   989  C CD  . ARG A 1 124 ? 12.585  -2.438  1.521   1.00 25.74 ? 126  ARG A CD  1 
ATOM   990  N NE  . ARG A 1 124 ? 12.180  -3.811  1.864   1.00 25.34 ? 126  ARG A NE  1 
ATOM   991  C CZ  . ARG A 1 124 ? 12.527  -4.428  3.019   1.00 26.93 ? 126  ARG A CZ  1 
ATOM   992  N NH1 . ARG A 1 124 ? 13.443  -3.863  3.795   1.00 22.62 ? 126  ARG A NH1 1 
ATOM   993  N NH2 . ARG A 1 124 ? 12.073  -5.654  3.336   1.00 18.81 ? 126  ARG A NH2 1 
ATOM   994  N N   . ALA A 1 125 ? 10.998  2.944   2.043   1.00 11.74 ? 127  ALA A N   1 
ATOM   995  C CA  . ALA A 1 125 ? 11.516  4.325   2.116   1.00 12.26 ? 127  ALA A CA  1 
ATOM   996  C C   . ALA A 1 125 ? 10.837  5.048   3.284   1.00 13.85 ? 127  ALA A C   1 
ATOM   997  O O   . ALA A 1 125 ? 11.496  5.785   4.075   1.00 12.51 ? 127  ALA A O   1 
ATOM   998  C CB  . ALA A 1 125 ? 11.304  5.130   0.824   1.00 14.06 ? 127  ALA A CB  1 
ATOM   999  N N   . ALA A 1 126 ? 9.530   4.858   3.434   1.00 10.42 ? 128  ALA A N   1 
ATOM   1000 C CA  . ALA A 1 126 ? 8.807   5.501   4.534   1.00 10.77 ? 128  ALA A CA  1 
ATOM   1001 C C   . ALA A 1 126 ? 9.278   4.948   5.890   1.00 10.54 ? 128  ALA A C   1 
ATOM   1002 O O   . ALA A 1 126 ? 9.310   5.732   6.888   1.00 10.46 ? 128  ALA A O   1 
ATOM   1003 C CB  . ALA A 1 126 ? 7.212   5.262   4.367   1.00 8.62  ? 128  ALA A CB  1 
ATOM   1004 N N   . VAL A 1 127 ? 9.593   3.633   6.023   1.00 9.91  ? 129  VAL A N   1 
ATOM   1005 C CA  . VAL A 1 127 ? 10.130  3.070   7.296   1.00 9.78  ? 129  VAL A CA  1 
ATOM   1006 C C   . VAL A 1 127 ? 11.424  3.827   7.670   1.00 12.36 ? 129  VAL A C   1 
ATOM   1007 O O   . VAL A 1 127 ? 11.644  4.210   8.849   1.00 12.27 ? 129  VAL A O   1 
ATOM   1008 C CB  . VAL A 1 127 ? 10.469  1.594   7.118   1.00 9.92  ? 129  VAL A CB  1 
ATOM   1009 C CG1 . VAL A 1 127 ? 11.326  1.065   8.255   1.00 11.60 ? 129  VAL A CG1 1 
ATOM   1010 C CG2 . VAL A 1 127 ? 9.071   0.809   7.048   1.00 9.29  ? 129  VAL A CG2 1 
ATOM   1011 N N   . GLU A 1 128 ? 12.251  4.013   6.642   1.00 12.02 ? 130  GLU A N   1 
ATOM   1012 C CA  . GLU A 1 128 ? 13.570  4.630   6.963   1.00 14.99 ? 130  GLU A CA  1 
ATOM   1013 C C   . GLU A 1 128 ? 13.343  6.095   7.405   1.00 15.72 ? 130  GLU A C   1 
ATOM   1014 O O   . GLU A 1 128 ? 13.918  6.519   8.426   1.00 15.05 ? 130  GLU A O   1 
ATOM   1015 C CB  . GLU A 1 128 ? 14.394  4.571   5.616   1.00 16.97 ? 130  GLU A CB  1 
ATOM   1016 C CG  . GLU A 1 128 ? 15.422  5.711   5.539   1.00 30.22 ? 130  GLU A CG  1 
ATOM   1017 C CD  . GLU A 1 128 ? 16.746  5.228   6.019   1.00 47.37 ? 130  GLU A CD  1 
ATOM   1018 O OE1 . GLU A 1 128 ? 16.739  4.129   6.655   1.00 51.25 ? 130  GLU A OE1 1 
ATOM   1019 O OE2 . GLU A 1 128 ? 17.795  5.924   5.773   1.00 56.36 ? 130  GLU A OE2 1 
ATOM   1020 N N   . GLU A 1 129 ? 12.446  6.842   6.760   1.00 13.44 ? 131  GLU A N   1 
ATOM   1021 C CA  . GLU A 1 129 ? 12.138  8.229   7.240   1.00 14.44 ? 131  GLU A CA  1 
ATOM   1022 C C   . GLU A 1 129 ? 11.478  8.224   8.584   1.00 15.56 ? 131  GLU A C   1 
ATOM   1023 O O   . GLU A 1 129 ? 11.774  9.098   9.453   1.00 14.07 ? 131  GLU A O   1 
ATOM   1024 C CB  . GLU A 1 129 ? 11.201  8.998   6.257   1.00 17.51 ? 131  GLU A CB  1 
ATOM   1025 C CG  . GLU A 1 129 ? 11.817  9.172   4.884   1.00 24.57 ? 131  GLU A CG  1 
ATOM   1026 C CD  . GLU A 1 129 ? 13.242  9.812   4.997   1.00 41.75 ? 131  GLU A CD  1 
ATOM   1027 O OE1 . GLU A 1 129 ? 13.452  10.729  5.888   1.00 33.95 ? 131  GLU A OE1 1 
ATOM   1028 O OE2 . GLU A 1 129 ? 14.182  9.344   4.263   1.00 50.01 ? 131  GLU A OE2 1 
ATOM   1029 N N   . ALA A 1 130 ? 10.478  7.350   8.814   1.00 10.92 ? 132  ALA A N   1 
ATOM   1030 C CA  . ALA A 1 130 ? 9.871   7.330   10.111  1.00 11.47 ? 132  ALA A CA  1 
ATOM   1031 C C   . ALA A 1 130 ? 10.818  6.926   11.238  1.00 11.73 ? 132  ALA A C   1 
ATOM   1032 O O   . ALA A 1 130 ? 10.655  7.391   12.347  1.00 12.68 ? 132  ALA A O   1 
ATOM   1033 C CB  . ALA A 1 130 ? 8.678   6.257   10.087  1.00 10.56 ? 132  ALA A CB  1 
ATOM   1034 N N   . GLY A 1 131 ? 11.794  6.055   10.969  1.00 10.87 ? 133  GLY A N   1 
ATOM   1035 C CA  . GLY A 1 131 ? 12.688  5.604   12.020  1.00 13.36 ? 133  GLY A CA  1 
ATOM   1036 C C   . GLY A 1 131 ? 13.501  6.806   12.533  1.00 15.26 ? 133  GLY A C   1 
ATOM   1037 O O   . GLY A 1 131 ? 13.842  6.787   13.745  1.00 16.58 ? 133  GLY A O   1 
ATOM   1038 N N   . LYS A 1 132 ? 13.685  7.827   11.711  1.00 13.18 ? 134  LYS A N   1 
ATOM   1039 C CA  . LYS A 1 132 ? 14.475  9.040   12.215  1.00 15.74 ? 134  LYS A CA  1 
ATOM   1040 C C   . LYS A 1 132 ? 13.599  9.971   13.047  1.00 18.07 ? 134  LYS A C   1 
ATOM   1041 O O   . LYS A 1 132 ? 14.092  10.871  13.713  1.00 19.73 ? 134  LYS A O   1 
ATOM   1042 C CB  . LYS A 1 132 ? 14.938  9.830   11.008  1.00 16.00 ? 134  LYS A CB  1 
ATOM   1043 C CG  . LYS A 1 132 ? 16.027  8.974   10.342  1.00 18.98 ? 134  LYS A CG  1 
ATOM   1044 C CD  . LYS A 1 132 ? 16.214  9.659   9.034   1.00 21.14 ? 134  LYS A CD  1 
ATOM   1045 C CE  . LYS A 1 132 ? 17.332  8.734   8.514   1.00 31.94 ? 134  LYS A CE  1 
ATOM   1046 N NZ  . LYS A 1 132 ? 17.853  9.494   7.368   1.00 35.04 ? 134  LYS A NZ  1 
ATOM   1047 N N   . ILE A 1 133 ? 12.264  9.832   12.959  1.00 13.35 ? 135  ILE A N   1 
ATOM   1048 C CA  . ILE A 1 133 ? 11.356  10.776  13.615  1.00 13.43 ? 135  ILE A CA  1 
ATOM   1049 C C   . ILE A 1 133 ? 10.636  10.145  14.814  1.00 17.68 ? 135  ILE A C   1 
ATOM   1050 O O   . ILE A 1 133 ? 10.517  10.779  15.899  1.00 15.94 ? 135  ILE A O   1 
ATOM   1051 C CB  . ILE A 1 133 ? 10.289  11.290  12.582  1.00 13.19 ? 135  ILE A CB  1 
ATOM   1052 C CG1 . ILE A 1 133 ? 11.005  12.157  11.479  1.00 14.45 ? 135  ILE A CG1 1 
ATOM   1053 C CG2 . ILE A 1 133 ? 9.210   12.206  13.250  1.00 12.49 ? 135  ILE A CG2 1 
ATOM   1054 C CD1 . ILE A 1 133 ? 10.169  12.467  10.242  1.00 13.51 ? 135  ILE A CD1 1 
ATOM   1055 N N   . ASP A 1 134 ? 10.125  8.921   14.670  1.00 13.28 ? 136  ASP A N   1 
ATOM   1056 C CA  . ASP A 1 134 ? 9.280   8.352   15.737  1.00 13.08 ? 136  ASP A CA  1 
ATOM   1057 C C   . ASP A 1 134 ? 9.271   6.814   15.598  1.00 15.74 ? 136  ASP A C   1 
ATOM   1058 O O   . ASP A 1 134 ? 8.633   6.294   14.646  1.00 13.45 ? 136  ASP A O   1 
ATOM   1059 C CB  . ASP A 1 134 ? 7.852   8.848   15.415  1.00 13.89 ? 136  ASP A CB  1 
ATOM   1060 C CG  . ASP A 1 134 ? 6.835   8.130   16.295  1.00 16.20 ? 136  ASP A CG  1 
ATOM   1061 O OD1 . ASP A 1 134 ? 7.175   7.736   17.423  1.00 17.34 ? 136  ASP A OD1 1 
ATOM   1062 O OD2 . ASP A 1 134 ? 5.696   8.040   15.864  1.00 16.86 ? 136  ASP A OD2 1 
ATOM   1063 N N   . PRO A 1 135 ? 9.809   6.095   16.549  1.00 16.18 ? 137  PRO A N   1 
ATOM   1064 C CA  . PRO A 1 135 ? 9.874   4.631   16.501  1.00 17.24 ? 137  PRO A CA  1 
ATOM   1065 C C   . PRO A 1 135 ? 8.442   4.030   16.536  1.00 16.08 ? 137  PRO A C   1 
ATOM   1066 O O   . PRO A 1 135 ? 8.256   2.910   16.066  1.00 14.51 ? 137  PRO A O   1 
ATOM   1067 C CB  . PRO A 1 135 ? 10.593  4.211   17.810  1.00 20.05 ? 137  PRO A CB  1 
ATOM   1068 C CG  . PRO A 1 135 ? 10.406  5.403   18.731  1.00 28.88 ? 137  PRO A CG  1 
ATOM   1069 C CD  . PRO A 1 135 ? 10.480  6.627   17.782  1.00 23.04 ? 137  PRO A CD  1 
ATOM   1070 N N   . ALA A 1 136 ? 7.435   4.689   17.111  1.00 12.86 ? 138  ALA A N   1 
ATOM   1071 C CA  . ALA A 1 136 ? 6.128   4.044   17.125  1.00 11.86 ? 138  ALA A CA  1 
ATOM   1072 C C   . ALA A 1 136 ? 5.532   3.971   15.728  1.00 11.69 ? 138  ALA A C   1 
ATOM   1073 O O   . ALA A 1 136 ? 4.927   2.963   15.342  1.00 11.63 ? 138  ALA A O   1 
ATOM   1074 C CB  . ALA A 1 136 ? 5.165   4.863   18.057  1.00 13.27 ? 138  ALA A CB  1 
ATOM   1075 N N   . THR A 1 137 ? 5.760   5.047   14.916  1.00 9.59  ? 139  THR A N   1 
ATOM   1076 C CA  . THR A 1 137 ? 5.247   5.019   13.535  1.00 9.73  ? 139  THR A CA  1 
ATOM   1077 C C   . THR A 1 137 ? 6.098   4.071   12.713  1.00 10.16 ? 139  THR A C   1 
ATOM   1078 O O   . THR A 1 137 ? 5.598   3.369   11.841  1.00 9.17  ? 139  THR A O   1 
ATOM   1079 C CB  . THR A 1 137 ? 5.297   6.446   12.919  1.00 9.35  ? 139  THR A CB  1 
ATOM   1080 O OG1 . THR A 1 137 ? 4.465   7.322   13.712  1.00 9.74  ? 139  THR A OG1 1 
ATOM   1081 C CG2 . THR A 1 137 ? 4.760   6.400   11.414  1.00 9.55  ? 139  THR A CG2 1 
ATOM   1082 N N   . GLU A 1 138 ? 7.445   4.106   12.951  1.00 9.10  ? 140  GLU A N   1 
ATOM   1083 C CA  . GLU A 1 138 ? 8.284   3.160   12.222  1.00 10.21 ? 140  GLU A CA  1 
ATOM   1084 C C   . GLU A 1 138 ? 7.833   1.700   12.464  1.00 9.74  ? 140  GLU A C   1 
ATOM   1085 O O   . GLU A 1 138 ? 7.727   0.936   11.517  1.00 10.14 ? 140  GLU A O   1 
ATOM   1086 C CB  . GLU A 1 138 ? 9.723   3.325   12.773  1.00 10.97 ? 140  GLU A CB  1 
ATOM   1087 C CG  . GLU A 1 138 ? 10.715  2.438   11.947  1.00 13.01 ? 140  GLU A CG  1 
ATOM   1088 C CD  . GLU A 1 138 ? 12.090  2.362   12.633  1.00 20.07 ? 140  GLU A CD  1 
ATOM   1089 O OE1 . GLU A 1 138 ? 12.182  2.589   13.838  1.00 19.73 ? 140  GLU A OE1 1 
ATOM   1090 O OE2 . GLU A 1 138 ? 13.077  1.998   11.990  1.00 21.16 ? 140  GLU A OE2 1 
ATOM   1091 N N   . ASP A 1 139 ? 7.503   1.394   13.701  1.00 9.63  ? 141  ASP A N   1 
ATOM   1092 C CA  . ASP A 1 139 ? 7.092   0.011   13.996  1.00 10.64 ? 141  ASP A CA  1 
ATOM   1093 C C   . ASP A 1 139 ? 5.797   -0.308  13.227  1.00 10.47 ? 141  ASP A C   1 
ATOM   1094 O O   . ASP A 1 139 ? 5.631   -1.477  12.773  1.00 9.58  ? 141  ASP A O   1 
ATOM   1095 C CB  . ASP A 1 139 ? 6.905   -0.066  15.521  1.00 12.09 ? 141  ASP A CB  1 
ATOM   1096 C CG  . ASP A 1 139 ? 6.438   -1.393  15.990  1.00 17.38 ? 141  ASP A CG  1 
ATOM   1097 O OD1 . ASP A 1 139 ? 7.113   -2.370  15.871  1.00 16.43 ? 141  ASP A OD1 1 
ATOM   1098 O OD2 . ASP A 1 139 ? 5.313   -1.512  16.469  1.00 17.12 ? 141  ASP A OD2 1 
ATOM   1099 N N   . LEU A 1 140 ? 4.845   0.585   13.200  1.00 9.36  ? 142  LEU A N   1 
ATOM   1100 C CA  . LEU A 1 140 ? 3.569   0.272   12.496  1.00 9.06  ? 142  LEU A CA  1 
ATOM   1101 C C   . LEU A 1 140 ? 3.925   -0.024  11.027  1.00 10.14 ? 142  LEU A C   1 
ATOM   1102 O O   . LEU A 1 140 ? 3.435   -1.062  10.437  1.00 10.02 ? 142  LEU A O   1 
ATOM   1103 C CB  . LEU A 1 140 ? 2.721   1.555   12.524  1.00 9.44  ? 142  LEU A CB  1 
ATOM   1104 C CG  . LEU A 1 140 ? 1.449   1.486   11.615  1.00 11.22 ? 142  LEU A CG  1 
ATOM   1105 C CD1 . LEU A 1 140 ? 0.487   0.380   12.180  1.00 11.45 ? 142  LEU A CD1 1 
ATOM   1106 C CD2 . LEU A 1 140 ? 0.737   2.872   11.645  1.00 12.16 ? 142  LEU A CD2 1 
ATOM   1107 N N   . LEU A 1 141 ? 4.770   0.840   10.412  1.00 9.27  ? 143  LEU A N   1 
ATOM   1108 C CA  . LEU A 1 141 ? 5.023   0.636   8.999   1.00 9.84  ? 143  LEU A CA  1 
ATOM   1109 C C   . LEU A 1 141 ? 5.824   -0.663  8.730   1.00 8.52  ? 143  LEU A C   1 
ATOM   1110 O O   . LEU A 1 141 ? 5.637   -1.301  7.668   1.00 8.88  ? 143  LEU A O   1 
ATOM   1111 C CB  . LEU A 1 141 ? 5.850   1.855   8.417   1.00 8.28  ? 143  LEU A CB  1 
ATOM   1112 C CG  . LEU A 1 141 ? 5.032   3.165   8.420   1.00 9.05  ? 143  LEU A CG  1 
ATOM   1113 C CD1 . LEU A 1 141 ? 6.031   4.297   8.047   1.00 9.64  ? 143  LEU A CD1 1 
ATOM   1114 C CD2 . LEU A 1 141 ? 3.860   3.098   7.417   1.00 10.58 ? 143  LEU A CD2 1 
ATOM   1115 N N   . ILE A 1 142 ? 6.747   -1.017  9.621   1.00 8.70  ? 144  ILE A N   1 
ATOM   1116 C CA  . ILE A 1 142 ? 7.516   -2.283  9.355   1.00 9.61  ? 144  ILE A CA  1 
ATOM   1117 C C   . ILE A 1 142 ? 6.617   -3.545  9.337   1.00 9.20  ? 144  ILE A C   1 
ATOM   1118 O O   . ILE A 1 142 ? 6.838   -4.394  8.470   1.00 9.82  ? 144  ILE A O   1 
ATOM   1119 C CB  . ILE A 1 142 ? 8.620   -2.445  10.443  1.00 11.78 ? 144  ILE A CB  1 
ATOM   1120 C CG1 . ILE A 1 142 ? 9.643   -1.389  10.132  1.00 12.57 ? 144  ILE A CG1 1 
ATOM   1121 C CG2 . ILE A 1 142 ? 9.247   -3.855  10.279  1.00 15.55 ? 144  ILE A CG2 1 
ATOM   1122 C CD1 . ILE A 1 142 ? 10.685  -1.306  11.346  1.00 15.43 ? 144  ILE A CD1 1 
ATOM   1123 N N   . GLY A 1 143 ? 5.681   -3.662  10.275  1.00 9.29  ? 145  GLY A N   1 
ATOM   1124 C CA  . GLY A 1 143 ? 4.754   -4.815  10.237  1.00 10.20 ? 145  GLY A CA  1 
ATOM   1125 C C   . GLY A 1 143 ? 3.894   -4.828  8.930   1.00 9.83  ? 145  GLY A C   1 
ATOM   1126 O O   . GLY A 1 143 ? 3.689   -5.926  8.350   1.00 10.29 ? 145  GLY A O   1 
ATOM   1127 N N   . GLN A 1 144 ? 3.421   -3.664  8.473   1.00 9.93  ? 146  GLN A N   1 
ATOM   1128 C CA  . GLN A 1 144 ? 2.657   -3.562  7.235   1.00 10.02 ? 146  GLN A CA  1 
ATOM   1129 C C   . GLN A 1 144 ? 3.514   -3.971  6.055   1.00 10.34 ? 146  GLN A C   1 
ATOM   1130 O O   . GLN A 1 144 ? 3.077   -4.734  5.170   1.00 9.99  ? 146  GLN A O   1 
ATOM   1131 C CB  . GLN A 1 144 ? 2.177   -2.114  7.013   1.00 8.69  ? 146  GLN A CB  1 
ATOM   1132 C CG  . GLN A 1 144 ? 1.209   -1.751  8.215   1.00 9.76  ? 146  GLN A CG  1 
ATOM   1133 C CD  . GLN A 1 144 ? 0.563   -0.426  7.981   1.00 14.51 ? 146  GLN A CD  1 
ATOM   1134 O OE1 . GLN A 1 144 ? 1.144   0.393   7.260   1.00 16.74 ? 146  GLN A OE1 1 
ATOM   1135 N NE2 . GLN A 1 144 ? -0.597  -0.115  8.635   1.00 10.43 ? 146  GLN A NE2 1 
ATOM   1136 N N   . LEU A 1 145 ? 4.768   -3.443  6.050   1.00 9.67  ? 147  LEU A N   1 
ATOM   1137 C CA  . LEU A 1 145 ? 5.734   -3.764  4.958   1.00 10.00 ? 147  LEU A CA  1 
ATOM   1138 C C   . LEU A 1 145 ? 5.855   -5.284  4.851   1.00 9.58  ? 147  LEU A C   1 
ATOM   1139 O O   . LEU A 1 145 ? 5.807   -5.853  3.742   1.00 9.44  ? 147  LEU A O   1 
ATOM   1140 C CB  . LEU A 1 145 ? 7.114   -3.138  5.348   1.00 9.68  ? 147  LEU A CB  1 
ATOM   1141 C CG  . LEU A 1 145 ? 8.283   -3.695  4.401   1.00 11.01 ? 147  LEU A CG  1 
ATOM   1142 C CD1 . LEU A 1 145 ? 8.090   -3.203  2.953   1.00 12.23 ? 147  LEU A CD1 1 
ATOM   1143 C CD2 . LEU A 1 145 ? 9.537   -2.998  5.011   1.00 13.50 ? 147  LEU A CD2 1 
ATOM   1144 N N   . ARG A 1 146 ? 6.040   -5.978  5.962   1.00 10.35 ? 148  ARG A N   1 
ATOM   1145 C CA  . ARG A 1 146 ? 6.264   -7.466  5.861   1.00 9.67  ? 148  ARG A CA  1 
ATOM   1146 C C   . ARG A 1 146 ? 5.010   -8.155  5.346   1.00 10.00 ? 148  ARG A C   1 
ATOM   1147 O O   . ARG A 1 146 ? 5.086   -9.019  4.457   1.00 9.82  ? 148  ARG A O   1 
ATOM   1148 C CB  . ARG A 1 146 ? 6.622   -8.044  7.246   1.00 10.38 ? 148  ARG A CB  1 
ATOM   1149 C CG  . ARG A 1 146 ? 6.956   -9.585  7.074   1.00 10.83 ? 148  ARG A CG  1 
ATOM   1150 C CD  . ARG A 1 146 ? 7.634   -10.178 8.390   1.00 10.47 ? 148  ARG A CD  1 
ATOM   1151 N NE  . ARG A 1 146 ? 6.622   -10.183 9.487   1.00 11.77 ? 148  ARG A NE  1 
ATOM   1152 C CZ  . ARG A 1 146 ? 6.619   -9.314  10.505  1.00 13.53 ? 148  ARG A CZ  1 
ATOM   1153 N NH1 . ARG A 1 146 ? 7.542   -8.330  10.642  1.00 13.26 ? 148  ARG A NH1 1 
ATOM   1154 N NH2 . ARG A 1 146 ? 5.612   -9.370  11.446  1.00 14.48 ? 148  ARG A NH2 1 
ATOM   1155 N N   . ASP A 1 147 ? 3.846   -7.733  5.839   1.00 9.19  ? 149  ASP A N   1 
ATOM   1156 C CA  . ASP A 1 147 ? 2.604   -8.348  5.329   1.00 10.08 ? 149  ASP A CA  1 
ATOM   1157 C C   . ASP A 1 147 ? 2.433   -8.110  3.813   1.00 9.89  ? 149  ASP A C   1 
ATOM   1158 O O   . ASP A 1 147 ? 2.008   -9.044  3.090   1.00 11.07 ? 149  ASP A O   1 
ATOM   1159 C CB  . ASP A 1 147 ? 1.370   -7.761  6.078   1.00 11.14 ? 149  ASP A CB  1 
ATOM   1160 C CG  . ASP A 1 147 ? 1.228   -8.375  7.515   1.00 18.07 ? 149  ASP A CG  1 
ATOM   1161 O OD1 . ASP A 1 147 ? 1.877   -9.371  7.856   1.00 17.62 ? 149  ASP A OD1 1 
ATOM   1162 O OD2 . ASP A 1 147 ? 0.421   -7.818  8.265   1.00 16.47 ? 149  ASP A OD2 1 
ATOM   1163 N N   . LEU A 1 148 ? 2.765   -6.906  3.347   1.00 8.71  ? 150  LEU A N   1 
ATOM   1164 C CA  . LEU A 1 148 ? 2.624   -6.627  1.897   1.00 9.99  ? 150  LEU A CA  1 
ATOM   1165 C C   . LEU A 1 148 ? 3.626   -7.493  1.141   1.00 10.95 ? 150  LEU A C   1 
ATOM   1166 O O   . LEU A 1 148 ? 3.253   -8.054  0.058   1.00 10.47 ? 150  LEU A O   1 
ATOM   1167 C CB  . LEU A 1 148 ? 2.964   -5.137  1.585   1.00 8.72  ? 150  LEU A CB  1 
ATOM   1168 C CG  . LEU A 1 148 ? 1.841   -4.215  2.218   1.00 8.86  ? 150  LEU A CG  1 
ATOM   1169 C CD1 . LEU A 1 148 ? 2.328   -2.720  2.301   1.00 10.67 ? 150  LEU A CD1 1 
ATOM   1170 C CD2 . LEU A 1 148 ? 0.542   -4.250  1.335   1.00 9.74  ? 150  LEU A CD2 1 
ATOM   1171 N N   . GLU A 1 149 ? 4.879   -7.618  1.639   1.00 10.45 ? 151  GLU A N   1 
ATOM   1172 C CA  . GLU A 1 149 ? 5.841   -8.479  0.927   1.00 9.03  ? 151  GLU A CA  1 
ATOM   1173 C C   . GLU A 1 149 ? 5.380   -9.932  0.926   1.00 10.55 ? 151  GLU A C   1 
ATOM   1174 O O   . GLU A 1 149 ? 5.648   -10.663 -0.057  1.00 11.27 ? 151  GLU A O   1 
ATOM   1175 C CB  . GLU A 1 149 ? 7.196   -8.420  1.659   1.00 9.71  ? 151  GLU A CB  1 
ATOM   1176 C CG  . GLU A 1 149 ? 7.849   -7.075  1.422   1.00 12.45 ? 151  GLU A CG  1 
ATOM   1177 C CD  . GLU A 1 149 ? 9.135   -6.934  2.259   1.00 19.76 ? 151  GLU A CD  1 
ATOM   1178 O OE1 . GLU A 1 149 ? 9.326   -7.648  3.291   1.00 16.39 ? 151  GLU A OE1 1 
ATOM   1179 O OE2 . GLU A 1 149 ? 9.910   -5.952  1.950   1.00 20.29 ? 151  GLU A OE2 1 
ATOM   1180 N N   . GLN A 1 150 ? 4.695   -10.402 1.992   1.00 9.57  ? 152  GLN A N   1 
ATOM   1181 C CA  . GLN A 1 150 ? 4.284   -11.796 1.988   1.00 10.87 ? 152  GLN A CA  1 
ATOM   1182 C C   . GLN A 1 150 ? 3.135   -12.006 0.987   1.00 12.75 ? 152  GLN A C   1 
ATOM   1183 O O   . GLN A 1 150 ? 3.025   -13.069 0.345   1.00 12.42 ? 152  GLN A O   1 
ATOM   1184 C CB  . GLN A 1 150 ? 3.822   -12.308 3.401   1.00 10.38 ? 152  GLN A CB  1 
ATOM   1185 C CG  . GLN A 1 150 ? 5.102   -12.307 4.390   1.00 9.42  ? 152  GLN A CG  1 
ATOM   1186 C CD  . GLN A 1 150 ? 6.199   -13.276 3.902   1.00 11.33 ? 152  GLN A CD  1 
ATOM   1187 O OE1 . GLN A 1 150 ? 5.907   -14.517 3.466   1.00 12.82 ? 152  GLN A OE1 1 
ATOM   1188 N NE2 . GLN A 1 150 ? 7.347   -12.779 3.826   1.00 9.21  ? 152  GLN A NE2 1 
ATOM   1189 N N   . PHE A 1 151 ? 2.283   -10.979 0.866   1.00 10.53 ? 153  PHE A N   1 
ATOM   1190 C CA  . PHE A 1 151 ? 1.210   -11.213 -0.153  1.00 11.58 ? 153  PHE A CA  1 
ATOM   1191 C C   . PHE A 1 151 ? 1.837   -11.095 -1.562  1.00 11.55 ? 153  PHE A C   1 
ATOM   1192 O O   . PHE A 1 151 ? 1.441   -11.880 -2.482  1.00 11.75 ? 153  PHE A O   1 
ATOM   1193 C CB  . PHE A 1 151 ? 0.119   -10.121 -0.112  1.00 13.82 ? 153  PHE A CB  1 
ATOM   1194 C CG  . PHE A 1 151 ? -0.998  -10.476 -1.114  1.00 15.94 ? 153  PHE A CG  1 
ATOM   1195 C CD1 . PHE A 1 151 ? -1.882  -11.533 -0.898  1.00 15.48 ? 153  PHE A CD1 1 
ATOM   1196 C CD2 . PHE A 1 151 ? -1.056  -9.799  -2.305  1.00 18.31 ? 153  PHE A CD2 1 
ATOM   1197 C CE1 . PHE A 1 151 ? -2.785  -11.855 -1.758  1.00 15.29 ? 153  PHE A CE1 1 
ATOM   1198 C CE2 . PHE A 1 151 ? -2.164  -10.036 -3.171  1.00 15.15 ? 153  PHE A CE2 1 
ATOM   1199 C CZ  . PHE A 1 151 ? -3.004  -11.129 -2.880  1.00 17.23 ? 153  PHE A CZ  1 
ATOM   1200 N N   . GLN A 1 152 ? 2.853   -10.284 -1.711  1.00 10.18 ? 154  GLN A N   1 
ATOM   1201 C CA  . GLN A 1 152 ? 3.534   -10.294 -3.067  1.00 10.78 ? 154  GLN A CA  1 
ATOM   1202 C C   . GLN A 1 152 ? 4.176   -11.647 -3.335  1.00 11.15 ? 154  GLN A C   1 
ATOM   1203 O O   . GLN A 1 152 ? 4.234   -12.106 -4.467  1.00 10.25 ? 154  GLN A O   1 
ATOM   1204 C CB  . GLN A 1 152 ? 4.597   -9.182  -3.107  1.00 9.54  ? 154  GLN A CB  1 
ATOM   1205 C CG  . GLN A 1 152 ? 5.382   -9.170  -4.435  1.00 10.98 ? 154  GLN A CG  1 
ATOM   1206 C CD  . GLN A 1 152 ? 6.483   -8.109  -4.491  1.00 11.84 ? 154  GLN A CD  1 
ATOM   1207 O OE1 . GLN A 1 152 ? 7.207   -7.949  -3.472  1.00 14.43 ? 154  GLN A OE1 1 
ATOM   1208 N NE2 . GLN A 1 152 ? 6.652   -7.443  -5.633  1.00 11.31 ? 154  GLN A NE2 1 
ATOM   1209 N N   . TRP A 1 153 ? 4.678   -12.295 -2.304  1.00 10.28 ? 155  TRP A N   1 
ATOM   1210 C CA  . TRP A 1 153 ? 5.180   -13.682 -2.484  1.00 11.90 ? 155  TRP A CA  1 
ATOM   1211 C C   . TRP A 1 153 ? 4.051   -14.590 -2.952  1.00 12.49 ? 155  TRP A C   1 
ATOM   1212 O O   . TRP A 1 153 ? 4.284   -15.415 -3.899  1.00 12.38 ? 155  TRP A O   1 
ATOM   1213 C CB  . TRP A 1 153 ? 5.826   -14.204 -1.159  1.00 11.96 ? 155  TRP A CB  1 
ATOM   1214 C CG  . TRP A 1 153 ? 6.075   -15.684 -1.261  1.00 13.72 ? 155  TRP A CG  1 
ATOM   1215 C CD1 . TRP A 1 153 ? 6.914   -16.334 -2.259  1.00 13.27 ? 155  TRP A CD1 1 
ATOM   1216 C CD2 . TRP A 1 153 ? 5.459   -16.758 -0.519  1.00 14.48 ? 155  TRP A CD2 1 
ATOM   1217 N NE1 . TRP A 1 153 ? 6.820   -17.722 -2.123  1.00 14.95 ? 155  TRP A NE1 1 
ATOM   1218 C CE2 . TRP A 1 153 ? 5.971   -18.022 -1.104  1.00 13.94 ? 155  TRP A CE2 1 
ATOM   1219 C CE3 . TRP A 1 153 ? 4.488   -16.837 0.565   1.00 16.51 ? 155  TRP A CE3 1 
ATOM   1220 C CZ2 . TRP A 1 153 ? 5.578   -19.314 -0.615  1.00 19.36 ? 155  TRP A CZ2 1 
ATOM   1221 C CZ3 . TRP A 1 153 ? 4.144   -18.157 1.096   1.00 19.84 ? 155  TRP A CZ3 1 
ATOM   1222 C CH2 . TRP A 1 153 ? 4.691   -19.404 0.461   1.00 17.13 ? 155  TRP A CH2 1 
ATOM   1223 N N   . PHE A 1 154 ? 2.827   -14.562 -2.344  1.00 10.67 ? 156  PHE A N   1 
ATOM   1224 C CA  . PHE A 1 154 ? 1.769   -15.424 -2.902  1.00 11.01 ? 156  PHE A CA  1 
ATOM   1225 C C   . PHE A 1 154 ? 1.542   -15.096 -4.381  1.00 11.53 ? 156  PHE A C   1 
ATOM   1226 O O   . PHE A 1 154 ? 1.360   -16.091 -5.155  1.00 13.05 ? 156  PHE A O   1 
ATOM   1227 C CB  . PHE A 1 154 ? 0.434   -15.059 -2.228  1.00 11.52 ? 156  PHE A CB  1 
ATOM   1228 C CG  . PHE A 1 154 ? 0.071   -15.927 -1.044  1.00 13.85 ? 156  PHE A CG  1 
ATOM   1229 C CD1 . PHE A 1 154 ? 1.026   -16.711 -0.328  1.00 19.85 ? 156  PHE A CD1 1 
ATOM   1230 C CD2 . PHE A 1 154 ? -1.245  -15.773 -0.509  1.00 16.31 ? 156  PHE A CD2 1 
ATOM   1231 C CE1 . PHE A 1 154 ? 0.566   -17.542 0.815   1.00 17.79 ? 156  PHE A CE1 1 
ATOM   1232 C CE2 . PHE A 1 154 ? -1.644  -16.509 0.623   1.00 18.58 ? 156  PHE A CE2 1 
ATOM   1233 C CZ  . PHE A 1 154 ? -0.713  -17.389 1.267   1.00 19.73 ? 156  PHE A CZ  1 
ATOM   1234 N N   . VAL A 1 155 ? 1.625   -13.839 -4.793  1.00 10.29 ? 157  VAL A N   1 
ATOM   1235 C CA  . VAL A 1 155 ? 1.406   -13.473 -6.238  1.00 10.22 ? 157  VAL A CA  1 
ATOM   1236 C C   . VAL A 1 155 ? 2.571   -14.079 -7.056  1.00 11.73 ? 157  VAL A C   1 
ATOM   1237 O O   . VAL A 1 155 ? 2.383   -14.784 -8.049  1.00 11.44 ? 157  VAL A O   1 
ATOM   1238 C CB  . VAL A 1 155 ? 1.399   -11.938 -6.380  1.00 10.15 ? 157  VAL A CB  1 
ATOM   1239 C CG1 . VAL A 1 155 ? 1.549   -11.496 -7.907  1.00 10.98 ? 157  VAL A CG1 1 
ATOM   1240 C CG2 . VAL A 1 155 ? 0.107   -11.324 -5.691  1.00 10.83 ? 157  VAL A CG2 1 
ATOM   1241 N N   . ARG A 1 156 ? 3.802   -13.815 -6.598  1.00 10.99 ? 158  ARG A N   1 
ATOM   1242 C CA  . ARG A 1 156 ? 4.977   -14.340 -7.312  1.00 10.27 ? 158  ARG A CA  1 
ATOM   1243 C C   . ARG A 1 156 ? 5.089   -15.846 -7.384  1.00 10.73 ? 158  ARG A C   1 
ATOM   1244 O O   . ARG A 1 156 ? 5.654   -16.355 -8.396  1.00 11.40 ? 158  ARG A O   1 
ATOM   1245 C CB  . ARG A 1 156 ? 6.302   -13.834 -6.629  1.00 9.42  ? 158  ARG A CB  1 
ATOM   1246 C CG  . ARG A 1 156 ? 6.458   -12.325 -6.923  1.00 9.57  ? 158  ARG A CG  1 
ATOM   1247 C CD  . ARG A 1 156 ? 7.653   -11.821 -5.954  1.00 9.95  ? 158  ARG A CD  1 
ATOM   1248 N NE  . ARG A 1 156 ? 8.062   -10.530 -6.487  1.00 10.97 ? 158  ARG A NE  1 
ATOM   1249 C CZ  . ARG A 1 156 ? 9.226   -9.964  -6.097  1.00 12.73 ? 158  ARG A CZ  1 
ATOM   1250 N NH1 . ARG A 1 156 ? 9.963   -10.511 -5.102  1.00 10.28 ? 158  ARG A NH1 1 
ATOM   1251 N NH2 . ARG A 1 156 ? 9.667   -8.860  -6.710  1.00 11.79 ? 158  ARG A NH2 1 
ATOM   1252 N N   . ALA A 1 157 ? 4.640   -16.560 -6.357  1.00 10.02 ? 159  ALA A N   1 
ATOM   1253 C CA  . ALA A 1 157 ? 4.736   -18.021 -6.397  1.00 10.52 ? 159  ALA A CA  1 
ATOM   1254 C C   . ALA A 1 157 ? 3.997   -18.630 -7.608  1.00 11.11 ? 159  ALA A C   1 
ATOM   1255 O O   . ALA A 1 157 ? 4.457   -19.651 -8.152  1.00 11.75 ? 159  ALA A O   1 
ATOM   1256 C CB  . ALA A 1 157 ? 4.199   -18.626 -5.062  1.00 12.16 ? 159  ALA A CB  1 
ATOM   1257 N N   . HIS A 1 158 ? 2.934   -17.949 -8.023  1.00 9.85  ? 160  HIS A N   1 
ATOM   1258 C CA  . HIS A 1 158 ? 2.161   -18.415 -9.236  1.00 12.13 ? 160  HIS A CA  1 
ATOM   1259 C C   . HIS A 1 158 ? 2.957   -18.268 -10.485 1.00 14.71 ? 160  HIS A C   1 
ATOM   1260 O O   . HIS A 1 158 ? 2.785   -19.059 -11.437 1.00 13.05 ? 160  HIS A O   1 
ATOM   1261 C CB  . HIS A 1 158 ? 0.962   -17.574 -9.373  1.00 13.12 ? 160  HIS A CB  1 
ATOM   1262 C CG  . HIS A 1 158 ? -0.139  -17.955 -8.425  1.00 16.48 ? 160  HIS A CG  1 
ATOM   1263 N ND1 . HIS A 1 158 ? -0.262  -17.383 -7.152  1.00 15.72 ? 160  HIS A ND1 1 
ATOM   1264 C CD2 . HIS A 1 158 ? -1.227  -18.852 -8.581  1.00 17.42 ? 160  HIS A CD2 1 
ATOM   1265 C CE1 . HIS A 1 158 ? -1.384  -17.953 -6.554  1.00 15.76 ? 160  HIS A CE1 1 
ATOM   1266 N NE2 . HIS A 1 158 ? -1.963  -18.800 -7.439  1.00 16.86 ? 160  HIS A NE2 1 
ATOM   1267 N N   . LEU A 1 159 ? 3.953   -17.360 -10.461 1.00 14.28 ? 161  LEU A N   1 
ATOM   1268 C CA  . LEU A 1 159 ? 4.779   -17.009 -11.693 1.00 16.36 ? 161  LEU A CA  1 
ATOM   1269 C C   . LEU A 1 159 ? 6.134   -17.673 -11.644 1.00 17.92 ? 161  LEU A C   1 
ATOM   1270 O O   . LEU A 1 159 ? 7.067   -17.384 -12.491 1.00 19.91 ? 161  LEU A O   1 
ATOM   1271 C CB  . LEU A 1 159 ? 5.012   -15.420 -11.602 1.00 16.07 ? 161  LEU A CB  1 
ATOM   1272 C CG  . LEU A 1 159 ? 3.691   -14.623 -11.483 1.00 17.20 ? 161  LEU A CG  1 
ATOM   1273 C CD1 . LEU A 1 159 ? 3.896   -13.072 -11.243 1.00 18.18 ? 161  LEU A CD1 1 
ATOM   1274 C CD2 . LEU A 1 159 ? 2.806   -14.879 -12.727 1.00 19.60 ? 161  LEU A CD2 1 
ATOM   1275 N N   . GLU A 1 160 ? 6.419   -18.441 -10.609 1.00 14.79 ? 162  GLU A N   1 
ATOM   1276 C CA  . GLU A 1 160 ? 7.804   -18.919 -10.326 1.00 15.96 ? 162  GLU A CA  1 
ATOM   1277 C C   . GLU A 1 160 ? 8.026   -20.323 -10.873 1.00 20.70 ? 162  GLU A C   1 
ATOM   1278 O O   . GLU A 1 160 ? 7.109   -21.235 -10.785 1.00 18.37 ? 162  GLU A O   1 
ATOM   1279 C CB  . GLU A 1 160 ? 7.965   -19.018 -8.783  1.00 15.17 ? 162  GLU A CB  1 
ATOM   1280 C CG  . GLU A 1 160 ? 9.392   -19.302 -8.264  1.00 19.74 ? 162  GLU A CG  1 
ATOM   1281 C CD  . GLU A 1 160 ? 9.397   -19.294 -6.722  1.00 20.85 ? 162  GLU A CD  1 
ATOM   1282 O OE1 . GLU A 1 160 ? 8.314   -18.974 -6.001  1.00 18.37 ? 162  GLU A OE1 1 
ATOM   1283 O OE2 . GLU A 1 160 ? 10.473  -19.651 -6.171  1.00 21.68 ? 162  GLU A OE2 1 
ATOM   1284 N N   . SER A 1 161 ? 9.291   -20.555 -11.354 1.00 18.90 ? 163  SER A N   1 
ATOM   1285 C CA  . SER A 1 161 ? 9.650   -21.884 -11.898 1.00 21.28 ? 163  SER A CA  1 
ATOM   1286 C C   . SER A 1 161 ? 10.143  -22.789 -10.745 1.00 20.72 ? 163  SER A C   1 
ATOM   1287 O O   . SER A 1 161 ? 10.511  -22.320 -9.644  1.00 18.76 ? 163  SER A O   1 
ATOM   1288 C CB  . SER A 1 161 ? 10.769  -21.642 -12.956 1.00 22.09 ? 163  SER A CB  1 
ATOM   1289 O OG  . SER A 1 161 ? 11.990  -21.283 -12.199 1.00 22.54 ? 163  SER A OG  1 
ATOM   1290 N N   . ALA A 1 162 ? 10.188  -24.125 -10.974 1.00 22.23 ? 164  ALA A N   1 
ATOM   1291 C CA  . ALA A 1 162 ? 10.855  -25.048 -10.015 1.00 24.54 ? 164  ALA A CA  1 
ATOM   1292 C C   . ALA A 1 162 ? 12.272  -24.620 -9.664  1.00 26.67 ? 164  ALA A C   1 
ATOM   1293 O O   . ALA A 1 162 ? 12.686  -24.764 -8.513  1.00 27.57 ? 164  ALA A O   1 
ATOM   1294 C CB  . ALA A 1 162 ? 10.884  -26.502 -10.599 1.00 27.78 ? 164  ALA A CB  1 
ATOM   1295 N N   . GLY A 1 163 ? 13.011  -23.962 -10.598 1.00 25.21 ? 165  GLY A N   1 
ATOM   1296 C CA  . GLY A 1 163 ? 14.370  -23.489 -10.256 1.00 22.54 ? 165  GLY A CA  1 
ATOM   1297 C C   . GLY A 1 163 ? 14.438  -22.154 -9.511  1.00 23.13 ? 165  GLY A C   1 
ATOM   1298 O O   . GLY A 1 163 ? 15.545  -21.609 -9.197  1.00 23.86 ? 165  GLY A O   1 
ATOM   1299 N N   . GLY A 1 164 ? 13.254  -21.570 -9.217  1.00 19.15 ? 166  GLY A N   1 
ATOM   1300 C CA  . GLY A 1 164 ? 13.214  -20.385 -8.350  1.00 19.64 ? 166  GLY A CA  1 
ATOM   1301 C C   . GLY A 1 164 ? 13.341  -19.110 -9.112  1.00 17.67 ? 166  GLY A C   1 
ATOM   1302 O O   . GLY A 1 164 ? 13.635  -18.103 -8.482  1.00 18.00 ? 166  GLY A O   1 
ATOM   1303 N N   . ALA A 1 165 ? 13.042  -19.092 -10.414 1.00 15.87 ? 167  ALA A N   1 
ATOM   1304 C CA  . ALA A 1 165 ? 13.096  -17.832 -11.211 1.00 18.93 ? 167  ALA A CA  1 
ATOM   1305 C C   . ALA A 1 165 ? 11.688  -17.298 -11.428 1.00 19.36 ? 167  ALA A C   1 
ATOM   1306 O O   . ALA A 1 165 ? 10.709  -18.087 -11.581 1.00 20.37 ? 167  ALA A O   1 
ATOM   1307 C CB  . ALA A 1 165 ? 13.727  -18.093 -12.619 1.00 23.48 ? 167  ALA A CB  1 
ATOM   1308 N N   . LEU A 1 166 ? 11.557  -15.978 -11.510 1.00 19.87 ? 168  LEU A N   1 
ATOM   1309 C CA  . LEU A 1 166 ? 10.184  -15.409 -11.806 1.00 19.60 ? 168  LEU A CA  1 
ATOM   1310 C C   . LEU A 1 166 ? 9.914   -15.178 -13.289 1.00 27.82 ? 168  LEU A C   1 
ATOM   1311 O O   . LEU A 1 166 ? 10.798  -14.630 -13.942 1.00 27.59 ? 168  LEU A O   1 
ATOM   1312 C CB  . LEU A 1 166 ? 10.084  -14.073 -11.037 1.00 23.92 ? 168  LEU A CB  1 
ATOM   1313 C CG  . LEU A 1 166 ? 9.588   -14.028 -9.595  1.00 32.56 ? 168  LEU A CG  1 
ATOM   1314 C CD1 . LEU A 1 166 ? 9.294   -15.369 -8.859  1.00 28.36 ? 168  LEU A CD1 1 
ATOM   1315 C CD2 . LEU A 1 166 ? 9.894   -12.722 -8.830  1.00 26.93 ? 168  LEU A CD2 1 
ATOM   1316 N N   . ALA A 1 167 ? 8.725   -15.565 -13.832 1.00 27.78 ? 169  ALA A N   1 
ATOM   1317 C CA  . ALA A 1 167 ? 8.307   -15.108 -15.187 1.00 38.50 ? 169  ALA A CA  1 
ATOM   1318 C C   . ALA A 1 167 ? 8.044   -13.562 -15.080 1.00 54.51 ? 169  ALA A C   1 
ATOM   1319 O O   . ALA A 1 167 ? 8.890   -12.760 -15.504 1.00 63.11 ? 169  ALA A O   1 
ATOM   1320 C CB  . ALA A 1 167 ? 7.082   -15.873 -15.709 1.00 35.24 ? 169  ALA A CB  1 
ATOM   1321 N N   . THR A 1 168 ? 6.914   -13.161 -14.469 1.00 62.48 ? 170  THR A N   1 
ATOM   1322 C CA  . THR A 1 168 ? 6.382   -11.761 -14.572 1.00 60.86 ? 170  THR A CA  1 
ATOM   1323 C C   . THR A 1 168 ? 6.198   -11.036 -13.212 1.00 60.87 ? 170  THR A C   1 
ATOM   1324 O O   . THR A 1 168 ? 7.037   -11.183 -12.309 1.00 43.74 ? 170  THR A O   1 
ATOM   1325 C CB  . THR A 1 168 ? 5.099   -11.703 -15.451 1.00 58.20 ? 170  THR A CB  1 
HETATM 1326 C C1  . GOL B 2 .   ? 9.451   -5.789  -11.169 1.00 37.04 ? 1171 GOL A C1  1 
HETATM 1327 O O1  . GOL B 2 .   ? 8.608   -4.730  -10.746 1.00 41.10 ? 1171 GOL A O1  1 
HETATM 1328 C C2  . GOL B 2 .   ? 9.085   -6.632  -9.973  1.00 33.93 ? 1171 GOL A C2  1 
HETATM 1329 O O2  . GOL B 2 .   ? 10.051  -6.558  -8.928  1.00 26.58 ? 1171 GOL A O2  1 
HETATM 1330 C C3  . GOL B 2 .   ? 8.574   -7.959  -10.335 1.00 30.67 ? 1171 GOL A C3  1 
HETATM 1331 O O3  . GOL B 2 .   ? 9.058   -9.080  -9.643  1.00 23.05 ? 1171 GOL A O3  1 
HETATM 1332 C C1  . GOL C 2 .   ? 15.736  -23.340 -14.609 1.00 63.72 ? 1172 GOL A C1  1 
HETATM 1333 O O1  . GOL C 2 .   ? 16.586  -23.415 -13.445 1.00 69.62 ? 1172 GOL A O1  1 
HETATM 1334 C C2  . GOL C 2 .   ? 14.401  -22.979 -14.001 1.00 51.34 ? 1172 GOL A C2  1 
HETATM 1335 O O2  . GOL C 2 .   ? 14.220  -21.563 -13.973 1.00 39.60 ? 1172 GOL A O2  1 
HETATM 1336 C C3  . GOL C 2 .   ? 13.265  -23.732 -14.673 1.00 52.56 ? 1172 GOL A C3  1 
HETATM 1337 O O3  . GOL C 2 .   ? 12.753  -24.573 -13.609 1.00 43.23 ? 1172 GOL A O3  1 
HETATM 1338 C C1  . GOL D 2 .   ? -2.762  21.851  10.419  1.00 48.16 ? 1173 GOL A C1  1 
HETATM 1339 O O1  . GOL D 2 .   ? -3.410  22.026  11.740  1.00 40.87 ? 1173 GOL A O1  1 
HETATM 1340 C C2  . GOL D 2 .   ? -2.332  20.370  10.223  1.00 37.83 ? 1173 GOL A C2  1 
HETATM 1341 O O2  . GOL D 2 .   ? -3.462  19.666  9.790   1.00 39.60 ? 1173 GOL A O2  1 
HETATM 1342 C C3  . GOL D 2 .   ? -1.324  20.165  9.039   1.00 29.86 ? 1173 GOL A C3  1 
HETATM 1343 O O3  . GOL D 2 .   ? -0.812  18.777  9.072   1.00 18.17 ? 1173 GOL A O3  1 
HETATM 1344 O O   . HOH E 3 .   ? 0.717   23.749  8.567   1.00 32.83 ? 2001 HOH A O   1 
HETATM 1345 O O   . HOH E 3 .   ? 3.266   26.204  10.887  1.00 49.06 ? 2002 HOH A O   1 
HETATM 1346 O O   . HOH E 3 .   ? 5.803   19.537  6.429   1.00 28.16 ? 2003 HOH A O   1 
HETATM 1347 O O   . HOH E 3 .   ? 1.446   25.082  12.907  1.00 49.35 ? 2004 HOH A O   1 
HETATM 1348 O O   . HOH E 3 .   ? 6.776   20.222  8.928   1.00 18.25 ? 2005 HOH A O   1 
HETATM 1349 O O   . HOH E 3 .   ? 8.978   12.211  25.325  1.00 27.54 ? 2006 HOH A O   1 
HETATM 1350 O O   . HOH E 3 .   ? -3.053  20.272  13.789  1.00 18.21 ? 2007 HOH A O   1 
HETATM 1351 O O   . HOH E 3 .   ? 0.067   25.357  18.289  1.00 45.53 ? 2008 HOH A O   1 
HETATM 1352 O O   . HOH E 3 .   ? 12.700  17.222  15.975  1.00 28.45 ? 2009 HOH A O   1 
HETATM 1353 O O   . HOH E 3 .   ? 11.207  21.737  15.660  1.00 47.15 ? 2010 HOH A O   1 
HETATM 1354 O O   . HOH E 3 .   ? -5.646  15.737  13.316  1.00 20.13 ? 2011 HOH A O   1 
HETATM 1355 O O   . HOH E 3 .   ? 0.961   18.722  21.218  1.00 35.19 ? 2012 HOH A O   1 
HETATM 1356 O O   . HOH E 3 .   ? 2.707   19.403  20.309  1.00 29.83 ? 2013 HOH A O   1 
HETATM 1357 O O   . HOH E 3 .   ? 1.694   16.748  22.951  1.00 19.10 ? 2014 HOH A O   1 
HETATM 1358 O O   . HOH E 3 .   ? 4.269   16.954  21.284  1.00 25.72 ? 2015 HOH A O   1 
HETATM 1359 O O   . HOH E 3 .   ? 10.314  14.504  4.288   1.00 38.14 ? 2016 HOH A O   1 
HETATM 1360 O O   . HOH E 3 .   ? 10.176  12.336  1.988   1.00 54.02 ? 2017 HOH A O   1 
HETATM 1361 O O   . HOH E 3 .   ? 6.100   17.230  23.306  1.00 35.30 ? 2018 HOH A O   1 
HETATM 1362 O O   . HOH E 3 .   ? 10.753  12.390  23.216  1.00 38.09 ? 2019 HOH A O   1 
HETATM 1363 O O   . HOH E 3 .   ? 11.418  15.326  19.844  1.00 40.26 ? 2020 HOH A O   1 
HETATM 1364 O O   . HOH E 3 .   ? -7.277  19.289  4.045   1.00 41.34 ? 2021 HOH A O   1 
HETATM 1365 O O   . HOH E 3 .   ? 5.369   18.999  20.238  1.00 36.24 ? 2022 HOH A O   1 
HETATM 1366 O O   . HOH E 3 .   ? 9.418   6.515   -2.249  1.00 29.97 ? 2023 HOH A O   1 
HETATM 1367 O O   . HOH E 3 .   ? 1.793   2.550   -5.362  1.00 18.88 ? 2024 HOH A O   1 
HETATM 1368 O O   . HOH E 3 .   ? 7.716   8.627   -3.801  1.00 39.51 ? 2025 HOH A O   1 
HETATM 1369 O O   . HOH E 3 .   ? 11.071  15.438  17.339  1.00 17.77 ? 2026 HOH A O   1 
HETATM 1370 O O   . HOH E 3 .   ? 7.240   21.523  18.651  1.00 24.08 ? 2027 HOH A O   1 
HETATM 1371 O O   . HOH E 3 .   ? 8.572   22.251  15.711  1.00 24.21 ? 2028 HOH A O   1 
HETATM 1372 O O   . HOH E 3 .   ? 5.889   24.059  20.116  1.00 49.89 ? 2029 HOH A O   1 
HETATM 1373 O O   . HOH E 3 .   ? 11.140  19.417  14.492  1.00 26.24 ? 2030 HOH A O   1 
HETATM 1374 O O   . HOH E 3 .   ? 5.584   17.369  4.702   1.00 42.86 ? 2031 HOH A O   1 
HETATM 1375 O O   . HOH E 3 .   ? 7.371   14.753  4.132   1.00 18.32 ? 2032 HOH A O   1 
HETATM 1376 O O   . HOH E 3 .   ? 11.879  14.029  6.695   1.00 39.71 ? 2033 HOH A O   1 
HETATM 1377 O O   . HOH E 3 .   ? 13.924  13.445  9.942   1.00 34.44 ? 2034 HOH A O   1 
HETATM 1378 O O   . HOH E 3 .   ? 14.123  13.919  12.109  1.00 33.31 ? 2035 HOH A O   1 
HETATM 1379 O O   . HOH E 3 .   ? -10.309 -21.269 -4.425  1.00 53.89 ? 2036 HOH A O   1 
HETATM 1380 O O   . HOH E 3 .   ? -12.087 -14.076 2.391   1.00 52.10 ? 2037 HOH A O   1 
HETATM 1381 O O   . HOH E 3 .   ? -3.470  -13.437 2.360   1.00 28.02 ? 2038 HOH A O   1 
HETATM 1382 O O   . HOH E 3 .   ? 2.529   13.844  0.934   1.00 15.68 ? 2039 HOH A O   1 
HETATM 1383 O O   . HOH E 3 .   ? 6.948   13.232  1.882   1.00 33.68 ? 2040 HOH A O   1 
HETATM 1384 O O   . HOH E 3 .   ? 5.632   8.111   1.484   1.00 13.37 ? 2041 HOH A O   1 
HETATM 1385 O O   . HOH E 3 .   ? 1.731   -13.983 6.780   1.00 27.33 ? 2042 HOH A O   1 
HETATM 1386 O O   . HOH E 3 .   ? -0.015  -3.978  10.828  1.00 37.50 ? 2043 HOH A O   1 
HETATM 1387 O O   . HOH E 3 .   ? -3.644  10.892  2.351   1.00 15.07 ? 2044 HOH A O   1 
HETATM 1388 O O   . HOH E 3 .   ? -5.883  17.134  3.121   1.00 24.71 ? 2045 HOH A O   1 
HETATM 1389 O O   . HOH E 3 .   ? -1.946  15.225  5.402   1.00 16.89 ? 2046 HOH A O   1 
HETATM 1390 O O   . HOH E 3 .   ? -6.476  17.564  -0.521  1.00 40.85 ? 2047 HOH A O   1 
HETATM 1391 O O   . HOH E 3 .   ? -0.485  -2.742  12.813  1.00 33.15 ? 2048 HOH A O   1 
HETATM 1392 O O   . HOH E 3 .   ? 0.449   18.438  0.557   1.00 50.28 ? 2049 HOH A O   1 
HETATM 1393 O O   . HOH E 3 .   ? 1.910   2.565   1.078   1.00 11.24 ? 2050 HOH A O   1 
HETATM 1394 O O   . HOH E 3 .   ? 8.095   6.467   0.357   1.00 27.91 ? 2051 HOH A O   1 
HETATM 1395 O O   . HOH E 3 .   ? 4.005   3.332   -3.498  1.00 15.86 ? 2052 HOH A O   1 
HETATM 1396 O O   . HOH E 3 .   ? 5.568   6.157   -4.191  1.00 33.53 ? 2053 HOH A O   1 
HETATM 1397 O O   . HOH E 3 .   ? -7.723  3.075   18.172  1.00 36.83 ? 2054 HOH A O   1 
HETATM 1398 O O   . HOH E 3 .   ? -6.121  8.554   -0.346  1.00 17.23 ? 2055 HOH A O   1 
HETATM 1399 O O   . HOH E 3 .   ? -3.513  19.229  5.376   1.00 25.77 ? 2056 HOH A O   1 
HETATM 1400 O O   . HOH E 3 .   ? -0.803  1.538   -4.935  1.00 14.06 ? 2057 HOH A O   1 
HETATM 1401 O O   . HOH E 3 .   ? -10.650 3.978   2.109   1.00 18.94 ? 2058 HOH A O   1 
HETATM 1402 O O   . HOH E 3 .   ? -9.060  2.964   3.182   1.00 25.79 ? 2059 HOH A O   1 
HETATM 1403 O O   . HOH E 3 .   ? -2.366  0.545   -6.956  1.00 20.41 ? 2060 HOH A O   1 
HETATM 1404 O O   . HOH E 3 .   ? -4.829  1.751   -9.892  1.00 17.28 ? 2061 HOH A O   1 
HETATM 1405 O O   . HOH E 3 .   ? 4.870   13.402  -2.806  1.00 31.75 ? 2062 HOH A O   1 
HETATM 1406 O O   . HOH E 3 .   ? 1.637   16.503  -3.329  1.00 44.94 ? 2063 HOH A O   1 
HETATM 1407 O O   . HOH E 3 .   ? -7.047  17.465  -4.997  1.00 45.19 ? 2064 HOH A O   1 
HETATM 1408 O O   . HOH E 3 .   ? -5.729  10.618  -14.331 1.00 35.44 ? 2065 HOH A O   1 
HETATM 1409 O O   . HOH E 3 .   ? 0.531   -0.790  -12.739 1.00 50.15 ? 2066 HOH A O   1 
HETATM 1410 O O   . HOH E 3 .   ? 1.682   0.891   -9.544  1.00 36.60 ? 2067 HOH A O   1 
HETATM 1411 O O   . HOH E 3 .   ? -11.607 -1.171  -2.164  1.00 17.32 ? 2068 HOH A O   1 
HETATM 1412 O O   . HOH E 3 .   ? 1.960   -6.155  -16.822 1.00 42.61 ? 2069 HOH A O   1 
HETATM 1413 O O   . HOH E 3 .   ? 2.632   -3.988  -15.420 1.00 28.87 ? 2070 HOH A O   1 
HETATM 1414 O O   . HOH E 3 .   ? 5.031   -3.159  -16.190 1.00 37.37 ? 2071 HOH A O   1 
HETATM 1415 O O   . HOH E 3 .   ? 4.852   2.789   -7.669  1.00 39.38 ? 2072 HOH A O   1 
HETATM 1416 O O   . HOH E 3 .   ? 14.537  3.017   1.087   1.00 30.42 ? 2073 HOH A O   1 
HETATM 1417 O O   . HOH E 3 .   ? 12.554  3.844   -3.121  1.00 39.40 ? 2074 HOH A O   1 
HETATM 1418 O O   . HOH E 3 .   ? -14.020 -11.414 -14.553 1.00 20.54 ? 2075 HOH A O   1 
HETATM 1419 O O   . HOH E 3 .   ? 15.617  2.168   2.971   1.00 50.17 ? 2076 HOH A O   1 
HETATM 1420 O O   . HOH E 3 .   ? 14.954  5.569   1.351   1.00 35.32 ? 2077 HOH A O   1 
HETATM 1421 O O   . HOH E 3 .   ? -7.016  -17.964 -15.272 1.00 15.54 ? 2078 HOH A O   1 
HETATM 1422 O O   . HOH E 3 .   ? 20.862  9.175   4.698   1.00 57.93 ? 2079 HOH A O   1 
HETATM 1423 O O   . HOH E 3 .   ? -10.204 -22.360 -11.079 1.00 32.48 ? 2080 HOH A O   1 
HETATM 1424 O O   . HOH E 3 .   ? -8.775  -21.569 -9.601  1.00 25.52 ? 2081 HOH A O   1 
HETATM 1425 O O   . HOH E 3 .   ? -5.693  -22.332 -9.838  1.00 30.30 ? 2082 HOH A O   1 
HETATM 1426 O O   . HOH E 3 .   ? -2.112  -23.749 -15.812 1.00 32.63 ? 2083 HOH A O   1 
HETATM 1427 O O   . HOH E 3 .   ? 3.965   -6.160  17.048  0.33 14.13 ? 2084 HOH A O   1 
HETATM 1428 O O   . HOH E 3 .   ? -4.869  -21.368 -18.026 1.00 46.62 ? 2085 HOH A O   1 
HETATM 1429 O O   . HOH E 3 .   ? -7.885  -19.159 -3.238  1.00 24.77 ? 2086 HOH A O   1 
HETATM 1430 O O   . HOH E 3 .   ? -0.939  -12.943 2.534   1.00 25.21 ? 2087 HOH A O   1 
HETATM 1431 O O   . HOH E 3 .   ? -17.412 -13.112 -5.079  1.00 23.84 ? 2088 HOH A O   1 
HETATM 1432 O O   . HOH E 3 .   ? -11.372 -16.189 0.380   1.00 42.47 ? 2089 HOH A O   1 
HETATM 1433 O O   . HOH E 3 .   ? -16.683 -19.843 -3.457  1.00 31.61 ? 2090 HOH A O   1 
HETATM 1434 O O   . HOH E 3 .   ? -14.468 -21.664 -3.326  1.00 37.26 ? 2091 HOH A O   1 
HETATM 1435 O O   . HOH E 3 .   ? -4.720  -14.631 0.274   1.00 27.32 ? 2092 HOH A O   1 
HETATM 1436 O O   . HOH E 3 .   ? 7.379   -21.030 -14.675 1.00 45.39 ? 2093 HOH A O   1 
HETATM 1437 O O   . HOH E 3 .   ? -12.660 -8.391  0.709   1.00 38.81 ? 2094 HOH A O   1 
HETATM 1438 O O   . HOH E 3 .   ? -12.155 -11.574 2.546   1.00 50.02 ? 2095 HOH A O   1 
HETATM 1439 O O   . HOH E 3 .   ? -7.364  -10.851 6.046   1.00 37.90 ? 2096 HOH A O   1 
HETATM 1440 O O   . HOH E 3 .   ? -10.977 -4.313  6.428   1.00 33.25 ? 2097 HOH A O   1 
HETATM 1441 O O   . HOH E 3 .   ? -12.866 -5.248  3.746   1.00 23.45 ? 2098 HOH A O   1 
HETATM 1442 O O   . HOH E 3 .   ? -10.137 -11.396 5.728   1.00 33.59 ? 2099 HOH A O   1 
HETATM 1443 O O   . HOH E 3 .   ? -3.636  -5.185  8.100   1.00 30.44 ? 2100 HOH A O   1 
HETATM 1444 O O   . HOH E 3 .   ? -0.712  -11.461 7.256   1.00 46.60 ? 2101 HOH A O   1 
HETATM 1445 O O   . HOH E 3 .   ? -0.147  -5.276  8.614   1.00 23.64 ? 2102 HOH A O   1 
HETATM 1446 O O   . HOH E 3 .   ? -9.811  1.587   4.997   1.00 15.65 ? 2103 HOH A O   1 
HETATM 1447 O O   . HOH E 3 .   ? -15.926 -5.667  0.173   1.00 22.69 ? 2104 HOH A O   1 
HETATM 1448 O O   . HOH E 3 .   ? -7.314  -1.001  11.394  1.00 44.25 ? 2105 HOH A O   1 
HETATM 1449 O O   . HOH E 3 .   ? -9.596  -1.251  10.321  1.00 28.30 ? 2106 HOH A O   1 
HETATM 1450 O O   . HOH E 3 .   ? -9.001  -7.601  8.175   1.00 41.19 ? 2107 HOH A O   1 
HETATM 1451 O O   . HOH E 3 .   ? -5.914  -6.785  9.287   1.00 36.69 ? 2108 HOH A O   1 
HETATM 1452 O O   . HOH E 3 .   ? -11.152 2.910   12.335  1.00 28.47 ? 2109 HOH A O   1 
HETATM 1453 O O   . HOH E 3 .   ? -7.300  2.222   13.034  1.00 30.75 ? 2110 HOH A O   1 
HETATM 1454 O O   . HOH E 3 .   ? -5.298  3.105   14.695  1.00 23.71 ? 2111 HOH A O   1 
HETATM 1455 O O   . HOH E 3 .   ? -5.426  -3.217  12.198  1.00 35.83 ? 2112 HOH A O   1 
HETATM 1456 O O   . HOH E 3 .   ? -1.958  -2.127  10.156  1.00 18.31 ? 2113 HOH A O   1 
HETATM 1457 O O   . HOH E 3 .   ? -2.726  3.703   13.959  1.00 11.92 ? 2114 HOH A O   1 
HETATM 1458 O O   . HOH E 3 .   ? -6.640  5.029   16.248  1.00 22.35 ? 2115 HOH A O   1 
HETATM 1459 O O   . HOH E 3 .   ? -2.399  13.055  19.500  1.00 12.19 ? 2116 HOH A O   1 
HETATM 1460 O O   . HOH E 3 .   ? -7.891  15.187  10.838  1.00 31.07 ? 2117 HOH A O   1 
HETATM 1461 O O   . HOH E 3 .   ? -2.221  17.448  7.137   1.00 14.77 ? 2118 HOH A O   1 
HETATM 1462 O O   . HOH E 3 .   ? -10.580 6.859   1.788   1.00 12.55 ? 2119 HOH A O   1 
HETATM 1463 O O   . HOH E 3 .   ? -7.582  14.366  -9.525  1.00 24.81 ? 2120 HOH A O   1 
HETATM 1464 O O   . HOH E 3 .   ? -2.494  10.204  -11.365 1.00 26.11 ? 2121 HOH A O   1 
HETATM 1465 O O   . HOH E 3 .   ? -0.554  12.340  -9.925  1.00 33.24 ? 2122 HOH A O   1 
HETATM 1466 O O   . HOH E 3 .   ? -5.505  14.795  -11.173 1.00 33.25 ? 2123 HOH A O   1 
HETATM 1467 O O   . HOH E 3 .   ? -1.430  16.643  -10.065 1.00 38.88 ? 2124 HOH A O   1 
HETATM 1468 O O   . HOH E 3 .   ? -1.982  18.303  -5.906  1.00 44.36 ? 2125 HOH A O   1 
HETATM 1469 O O   . HOH E 3 .   ? 2.357   13.591  -3.344  1.00 18.17 ? 2126 HOH A O   1 
HETATM 1470 O O   . HOH E 3 .   ? 0.803   13.117  -0.975  1.00 16.61 ? 2127 HOH A O   1 
HETATM 1471 O O   . HOH E 3 .   ? -4.784  17.204  -3.610  1.00 39.94 ? 2128 HOH A O   1 
HETATM 1472 O O   . HOH E 3 .   ? 0.520   9.989   -11.587 1.00 42.32 ? 2129 HOH A O   1 
HETATM 1473 O O   . HOH E 3 .   ? -5.424  7.453   -14.505 1.00 38.27 ? 2130 HOH A O   1 
HETATM 1474 O O   . HOH E 3 .   ? -3.895  9.412   -13.435 1.00 42.28 ? 2131 HOH A O   1 
HETATM 1475 O O   . HOH E 3 .   ? 7.204   11.891  -3.469  1.00 46.85 ? 2132 HOH A O   1 
HETATM 1476 O O   . HOH E 3 .   ? 3.259   3.743   -12.411 1.00 39.14 ? 2133 HOH A O   1 
HETATM 1477 O O   . HOH E 3 .   ? -0.278  1.227   -10.590 1.00 44.68 ? 2134 HOH A O   1 
HETATM 1478 O O   . HOH E 3 .   ? -2.779  6.853   -14.783 1.00 31.76 ? 2135 HOH A O   1 
HETATM 1479 O O   . HOH E 3 .   ? -2.409  3.297   -16.600 1.00 29.43 ? 2136 HOH A O   1 
HETATM 1480 O O   . HOH E 3 .   ? 0.064   0.964   -14.547 1.00 32.58 ? 2137 HOH A O   1 
HETATM 1481 O O   . HOH E 3 .   ? -7.037  6.669   -16.133 1.00 43.06 ? 2138 HOH A O   1 
HETATM 1482 O O   . HOH E 3 .   ? -7.417  4.303   -15.988 1.00 32.27 ? 2139 HOH A O   1 
HETATM 1483 O O   . HOH E 3 .   ? -1.774  0.460   -9.321  1.00 27.01 ? 2140 HOH A O   1 
HETATM 1484 O O   . HOH E 3 .   ? -7.474  -0.338  -15.854 1.00 27.62 ? 2141 HOH A O   1 
HETATM 1485 O O   . HOH E 3 .   ? -0.520  -1.748  -14.488 1.00 24.37 ? 2142 HOH A O   1 
HETATM 1486 O O   . HOH E 3 .   ? -3.898  -4.349  -20.950 1.00 49.18 ? 2143 HOH A O   1 
HETATM 1487 O O   . HOH E 3 .   ? -6.551  -5.088  -20.342 1.00 30.68 ? 2144 HOH A O   1 
HETATM 1488 O O   . HOH E 3 .   ? -9.424  -1.575  -17.140 1.00 27.44 ? 2145 HOH A O   1 
HETATM 1489 O O   . HOH E 3 .   ? -8.618  -1.664  -19.515 1.00 47.80 ? 2146 HOH A O   1 
HETATM 1490 O O   . HOH E 3 .   ? -10.795 -5.116  -20.637 1.00 18.53 ? 2147 HOH A O   1 
HETATM 1491 O O   . HOH E 3 .   ? -5.050  -12.370 -20.517 1.00 21.66 ? 2148 HOH A O   1 
HETATM 1492 O O   . HOH E 3 .   ? -6.779  -17.943 -19.940 1.00 31.94 ? 2149 HOH A O   1 
HETATM 1493 O O   . HOH E 3 .   ? -2.241  -18.022 -12.532 1.00 43.65 ? 2150 HOH A O   1 
HETATM 1494 O O   . HOH E 3 .   ? 0.479   -15.460 -16.848 1.00 45.21 ? 2151 HOH A O   1 
HETATM 1495 O O   . HOH E 3 .   ? 0.653   -8.825  -17.168 1.00 26.48 ? 2152 HOH A O   1 
HETATM 1496 O O   . HOH E 3 .   ? 1.352   -3.137  -13.146 1.00 24.34 ? 2153 HOH A O   1 
HETATM 1497 O O   . HOH E 3 .   ? 6.977   -1.223  -9.780  1.00 27.17 ? 2154 HOH A O   1 
HETATM 1498 O O   . HOH E 3 .   ? 2.894   0.637   -7.179  1.00 17.37 ? 2155 HOH A O   1 
HETATM 1499 O O   . HOH E 3 .   ? 7.966   3.197   -4.834  1.00 26.97 ? 2156 HOH A O   1 
HETATM 1500 O O   . HOH E 3 .   ? 5.740   4.351   -5.169  1.00 38.30 ? 2157 HOH A O   1 
HETATM 1501 O O   . HOH E 3 .   ? 12.767  2.134   -1.065  1.00 17.73 ? 2158 HOH A O   1 
HETATM 1502 O O   . HOH E 3 .   ? 8.850   0.261   -8.692  1.00 36.15 ? 2159 HOH A O   1 
HETATM 1503 O O   . HOH E 3 .   ? 9.482   2.013   -6.542  1.00 49.31 ? 2160 HOH A O   1 
HETATM 1504 O O   . HOH E 3 .   ? 14.673  -0.594  -4.155  1.00 39.56 ? 2161 HOH A O   1 
HETATM 1505 O O   . HOH E 3 .   ? 9.898   4.254   -3.590  1.00 31.90 ? 2162 HOH A O   1 
HETATM 1506 O O   . HOH E 3 .   ? 13.712  0.576   5.406   1.00 22.67 ? 2163 HOH A O   1 
HETATM 1507 O O   . HOH E 3 .   ? 14.815  -1.601  4.179   1.00 31.40 ? 2164 HOH A O   1 
HETATM 1508 O O   . HOH E 3 .   ? 13.699  7.077   2.817   1.00 27.76 ? 2165 HOH A O   1 
HETATM 1509 O O   . HOH E 3 .   ? 9.036   8.182   2.149   1.00 28.81 ? 2166 HOH A O   1 
HETATM 1510 O O   . HOH E 3 .   ? 14.512  2.487   9.846   1.00 27.40 ? 2167 HOH A O   1 
HETATM 1511 O O   . HOH E 3 .   ? 15.604  5.116   10.003  1.00 20.50 ? 2168 HOH A O   1 
HETATM 1512 O O   . HOH E 3 .   ? 15.026  1.414   7.513   1.00 29.01 ? 2169 HOH A O   1 
HETATM 1513 O O   . HOH E 3 .   ? 12.910  11.427  8.474   1.00 32.88 ? 2170 HOH A O   1 
HETATM 1514 O O   . HOH E 3 .   ? 15.000  13.400  5.693   1.00 45.19 ? 2171 HOH A O   1 
HETATM 1515 O O   . HOH E 3 .   ? 17.429  7.731   13.817  1.00 47.68 ? 2172 HOH A O   1 
HETATM 1516 O O   . HOH E 3 .   ? 17.514  12.641  6.714   1.00 32.52 ? 2173 HOH A O   1 
HETATM 1517 O O   . HOH E 3 .   ? 21.431  8.981   7.156   1.00 57.73 ? 2174 HOH A O   1 
HETATM 1518 O O   . HOH E 3 .   ? 11.705  13.140  16.362  1.00 24.41 ? 2175 HOH A O   1 
HETATM 1519 O O   . HOH E 3 .   ? 10.510  1.188   15.841  1.00 17.48 ? 2176 HOH A O   1 
HETATM 1520 O O   . HOH E 3 .   ? 6.670   -5.116  16.273  0.33 18.41 ? 2177 HOH A O   1 
HETATM 1521 O O   . HOH E 3 .   ? 5.721   -3.472  18.716  1.00 25.17 ? 2178 HOH A O   1 
HETATM 1522 O O   . HOH E 3 .   ? 10.148  -1.398  14.859  1.00 31.96 ? 2179 HOH A O   1 
HETATM 1523 O O   . HOH E 3 .   ? 2.253   -3.023  11.969  1.00 13.53 ? 2180 HOH A O   1 
HETATM 1524 O O   . HOH E 3 .   ? 3.547   -8.239  9.704   1.00 33.50 ? 2181 HOH A O   1 
HETATM 1525 O O   . HOH E 3 .   ? 5.125   -12.553 8.775   1.00 14.77 ? 2182 HOH A O   1 
HETATM 1526 O O   . HOH E 3 .   ? 2.772   -7.370  11.712  1.00 37.32 ? 2183 HOH A O   1 
HETATM 1527 O O   . HOH E 3 .   ? 6.132   -8.863  14.959  1.00 42.76 ? 2184 HOH A O   1 
HETATM 1528 O O   . HOH E 3 .   ? 3.703   -12.469 11.126  1.00 37.59 ? 2185 HOH A O   1 
HETATM 1529 O O   . HOH E 3 .   ? -0.092  -10.696 4.061   1.00 21.24 ? 2186 HOH A O   1 
HETATM 1530 O O   . HOH E 3 .   ? 3.330   -11.457 7.003   1.00 23.61 ? 2187 HOH A O   1 
HETATM 1531 O O   . HOH E 3 .   ? 0.120   -8.708  10.752  1.00 37.67 ? 2188 HOH A O   1 
HETATM 1532 O O   . HOH E 3 .   ? 7.915   -9.909  -1.648  1.00 12.31 ? 2189 HOH A O   1 
HETATM 1533 O O   . HOH E 3 .   ? 8.511   -19.773 -3.515  1.00 16.61 ? 2190 HOH A O   1 
HETATM 1534 O O   . HOH E 3 .   ? 3.191   -19.170 -14.214 1.00 30.21 ? 2191 HOH A O   1 
HETATM 1535 O O   . HOH E 3 .   ? 9.078   -18.792 -14.231 1.00 41.77 ? 2192 HOH A O   1 
HETATM 1536 O O   . HOH E 3 .   ? 6.436   -23.869 -11.812 1.00 33.98 ? 2193 HOH A O   1 
HETATM 1537 O O   . HOH E 3 .   ? 8.911   -25.035 -13.271 1.00 40.24 ? 2194 HOH A O   1 
HETATM 1538 O O   . HOH E 3 .   ? 14.870  -24.740 -7.009  1.00 39.61 ? 2195 HOH A O   1 
HETATM 1539 O O   . HOH E 3 .   ? 13.813  -14.344 -11.319 1.00 27.78 ? 2196 HOH A O   1 
HETATM 1540 O O   . HOH E 3 .   ? 12.321  -5.675  -8.411  1.00 33.45 ? 2197 HOH A O   1 
# 
